data_4HJ7
# 
_entry.id   4HJ7 
# 
_audit_conform.dict_name       mmcif_pdbx.dic 
_audit_conform.dict_version    5.379 
_audit_conform.dict_location   http://mmcif.pdb.org/dictionaries/ascii/mmcif_pdbx.dic 
# 
loop_
_database_2.database_id 
_database_2.database_code 
_database_2.pdbx_database_accession 
_database_2.pdbx_DOI 
PDB   4HJ7         pdb_00004hj7 10.2210/pdb4hj7/pdb 
NDB   NA2078       ?            ?                   
RCSB  RCSB075532   ?            ?                   
WWPDB D_1000075532 ?            ?                   
# 
loop_
_pdbx_database_related.db_name 
_pdbx_database_related.db_id 
_pdbx_database_related.details 
_pdbx_database_related.content_type 
PDB 4HIO 'The same protein bound to a different ssDNA sequence' unspecified 
PDB 4HIM 'The same protein bound to a different ssDNA sequence' unspecified 
PDB 4HIK 'The same protein bound to a different ssDNA sequence' unspecified 
PDB 4HID 'The same protein bound to a different ssDNA sequence' unspecified 
PDB 4HJ5 'The same protein bound to a different ssDNA sequence' unspecified 
PDB 4HJ8 'The same protein bound to a different ssDNA sequence' unspecified 
PDB 4HJ9 'The same protein bound to a different ssDNA sequence' unspecified 
PDB 4HJA 'The same protein bound to a different ssDNA sequence' unspecified 
# 
_pdbx_database_status.entry_id                        4HJ7 
_pdbx_database_status.status_code                     REL 
_pdbx_database_status.deposit_site                    RCSB 
_pdbx_database_status.process_site                    RCSB 
_pdbx_database_status.recvd_initial_deposition_date   2012-10-12 
_pdbx_database_status.status_code_sf                  REL 
_pdbx_database_status.status_code_mr                  ? 
_pdbx_database_status.SG_entry                        ? 
_pdbx_database_status.status_code_cs                  ? 
_pdbx_database_status.methods_development_category    ? 
_pdbx_database_status.pdb_format_compatible           Y 
_pdbx_database_status.status_code_nmr_data            ? 
# 
loop_
_audit_author.name 
_audit_author.pdbx_ordinal 
'Dickey, T.H.' 1 
'Wuttke, D.S.' 2 
# 
_citation.id                        primary 
_citation.title                     'Nonspecific Recognition Is Achieved in Pot1pC through the Use of Multiple Binding Modes.' 
_citation.journal_abbrev            Structure 
_citation.journal_volume            21 
_citation.page_first                121 
_citation.page_last                 132 
_citation.year                      2013 
_citation.journal_id_ASTM           STRUE6 
_citation.country                   UK 
_citation.journal_id_ISSN           0969-2126 
_citation.journal_id_CSD            2005 
_citation.book_publisher            ? 
_citation.pdbx_database_id_PubMed   23201273 
_citation.pdbx_database_id_DOI      10.1016/j.str.2012.10.015 
# 
loop_
_citation_author.citation_id 
_citation_author.name 
_citation_author.ordinal 
_citation_author.identifier_ORCID 
primary 'Dickey, T.H.'    1 ? 
primary 'McKercher, M.A.' 2 ? 
primary 'Wuttke, D.S.'    3 ? 
# 
_cell.length_a           40.756 
_cell.length_b           58.181 
_cell.length_c           65.626 
_cell.angle_alpha        90.000 
_cell.angle_beta         90.000 
_cell.angle_gamma        90.000 
_cell.entry_id           4HJ7 
_cell.pdbx_unique_axis   ? 
_cell.Z_PDB              4 
_cell.length_a_esd       ? 
_cell.length_b_esd       ? 
_cell.length_c_esd       ? 
_cell.angle_alpha_esd    ? 
_cell.angle_beta_esd     ? 
_cell.angle_gamma_esd    ? 
# 
_symmetry.space_group_name_H-M             'P 21 21 21' 
_symmetry.entry_id                         4HJ7 
_symmetry.Int_Tables_number                19 
_symmetry.pdbx_full_space_group_name_H-M   ? 
_symmetry.cell_setting                     ? 
_symmetry.space_group_name_Hall            ? 
# 
loop_
_entity.id 
_entity.type 
_entity.src_method 
_entity.pdbx_description 
_entity.formula_weight 
_entity.pdbx_number_of_molecules 
_entity.pdbx_ec 
_entity.pdbx_mutation 
_entity.pdbx_fragment 
_entity.details 
1 polymer man 'Protection of telomeres protein 1'         17182.414 1   ? V199D 
'Pot1pC, partial DNA binding domain, residues 198-339' ?                                            
2 polymer syn 
;DNA (5'-D(*GP*GP*TP*TP*AP*GP*GP*GP*T)-3')
;
2826.857  1   ? ?     ?                                                      'telomeric single-stranded DNA, C6G variant' 
3 water   nat water                                       18.015    184 ? ?     ? ?                                            
# 
loop_
_entity_poly.entity_id 
_entity_poly.type 
_entity_poly.nstd_linkage 
_entity_poly.nstd_monomer 
_entity_poly.pdbx_seq_one_letter_code 
_entity_poly.pdbx_seq_one_letter_code_can 
_entity_poly.pdbx_strand_id 
_entity_poly.pdbx_target_identifier 
1 'polypeptide(L)'        no no 
;MSDSFSLLSQITPHQRCSFYAQVIKTWYSDKNFTLYVTDYTENELFFPMSPYTSSSRWRGPFGRFSIRCILWDEHDFYCR
NYIKEGDYVVMKNVRTKIDHLGYLECILHGDSAKRYNMSIEKVDSEEPELNEIKSRKRLYVQN
;
;MSDSFSLLSQITPHQRCSFYAQVIKTWYSDKNFTLYVTDYTENELFFPMSPYTSSSRWRGPFGRFSIRCILWDEHDFYCR
NYIKEGDYVVMKNVRTKIDHLGYLECILHGDSAKRYNMSIEKVDSEEPELNEIKSRKRLYVQN
;
A ? 
2 polydeoxyribonucleotide no no '(DG)(DG)(DT)(DT)(DA)(DG)(DG)(DG)(DT)' GGTTAGGGT B ? 
# 
loop_
_entity_poly_seq.entity_id 
_entity_poly_seq.num 
_entity_poly_seq.mon_id 
_entity_poly_seq.hetero 
1 1   MET n 
1 2   SER n 
1 3   ASP n 
1 4   SER n 
1 5   PHE n 
1 6   SER n 
1 7   LEU n 
1 8   LEU n 
1 9   SER n 
1 10  GLN n 
1 11  ILE n 
1 12  THR n 
1 13  PRO n 
1 14  HIS n 
1 15  GLN n 
1 16  ARG n 
1 17  CYS n 
1 18  SER n 
1 19  PHE n 
1 20  TYR n 
1 21  ALA n 
1 22  GLN n 
1 23  VAL n 
1 24  ILE n 
1 25  LYS n 
1 26  THR n 
1 27  TRP n 
1 28  TYR n 
1 29  SER n 
1 30  ASP n 
1 31  LYS n 
1 32  ASN n 
1 33  PHE n 
1 34  THR n 
1 35  LEU n 
1 36  TYR n 
1 37  VAL n 
1 38  THR n 
1 39  ASP n 
1 40  TYR n 
1 41  THR n 
1 42  GLU n 
1 43  ASN n 
1 44  GLU n 
1 45  LEU n 
1 46  PHE n 
1 47  PHE n 
1 48  PRO n 
1 49  MET n 
1 50  SER n 
1 51  PRO n 
1 52  TYR n 
1 53  THR n 
1 54  SER n 
1 55  SER n 
1 56  SER n 
1 57  ARG n 
1 58  TRP n 
1 59  ARG n 
1 60  GLY n 
1 61  PRO n 
1 62  PHE n 
1 63  GLY n 
1 64  ARG n 
1 65  PHE n 
1 66  SER n 
1 67  ILE n 
1 68  ARG n 
1 69  CYS n 
1 70  ILE n 
1 71  LEU n 
1 72  TRP n 
1 73  ASP n 
1 74  GLU n 
1 75  HIS n 
1 76  ASP n 
1 77  PHE n 
1 78  TYR n 
1 79  CYS n 
1 80  ARG n 
1 81  ASN n 
1 82  TYR n 
1 83  ILE n 
1 84  LYS n 
1 85  GLU n 
1 86  GLY n 
1 87  ASP n 
1 88  TYR n 
1 89  VAL n 
1 90  VAL n 
1 91  MET n 
1 92  LYS n 
1 93  ASN n 
1 94  VAL n 
1 95  ARG n 
1 96  THR n 
1 97  LYS n 
1 98  ILE n 
1 99  ASP n 
1 100 HIS n 
1 101 LEU n 
1 102 GLY n 
1 103 TYR n 
1 104 LEU n 
1 105 GLU n 
1 106 CYS n 
1 107 ILE n 
1 108 LEU n 
1 109 HIS n 
1 110 GLY n 
1 111 ASP n 
1 112 SER n 
1 113 ALA n 
1 114 LYS n 
1 115 ARG n 
1 116 TYR n 
1 117 ASN n 
1 118 MET n 
1 119 SER n 
1 120 ILE n 
1 121 GLU n 
1 122 LYS n 
1 123 VAL n 
1 124 ASP n 
1 125 SER n 
1 126 GLU n 
1 127 GLU n 
1 128 PRO n 
1 129 GLU n 
1 130 LEU n 
1 131 ASN n 
1 132 GLU n 
1 133 ILE n 
1 134 LYS n 
1 135 SER n 
1 136 ARG n 
1 137 LYS n 
1 138 ARG n 
1 139 LEU n 
1 140 TYR n 
1 141 VAL n 
1 142 GLN n 
1 143 ASN n 
2 1   DG  n 
2 2   DG  n 
2 3   DT  n 
2 4   DT  n 
2 5   DA  n 
2 6   DG  n 
2 7   DG  n 
2 8   DG  n 
2 9   DT  n 
# 
_entity_src_gen.entity_id                          1 
_entity_src_gen.pdbx_src_id                        1 
_entity_src_gen.pdbx_alt_source_flag               sample 
_entity_src_gen.pdbx_seq_type                      ? 
_entity_src_gen.pdbx_beg_seq_num                   ? 
_entity_src_gen.pdbx_end_seq_num                   ? 
_entity_src_gen.gene_src_common_name               'Fission yeast' 
_entity_src_gen.gene_src_genus                     ? 
_entity_src_gen.pdbx_gene_src_gene                 'pot1, SPAC26H5.06' 
_entity_src_gen.gene_src_species                   ? 
_entity_src_gen.gene_src_strain                    972h- 
_entity_src_gen.gene_src_tissue                    ? 
_entity_src_gen.gene_src_tissue_fraction           ? 
_entity_src_gen.gene_src_details                   ? 
_entity_src_gen.pdbx_gene_src_fragment             ? 
_entity_src_gen.pdbx_gene_src_scientific_name      'Schizosaccharomyces pombe' 
_entity_src_gen.pdbx_gene_src_ncbi_taxonomy_id     284812 
_entity_src_gen.pdbx_gene_src_variant              ? 
_entity_src_gen.pdbx_gene_src_cell_line            ? 
_entity_src_gen.pdbx_gene_src_atcc                 ? 
_entity_src_gen.pdbx_gene_src_organ                ? 
_entity_src_gen.pdbx_gene_src_organelle            ? 
_entity_src_gen.pdbx_gene_src_cell                 ? 
_entity_src_gen.pdbx_gene_src_cellular_location    ? 
_entity_src_gen.host_org_common_name               ? 
_entity_src_gen.pdbx_host_org_scientific_name      'Escherichia coli' 
_entity_src_gen.pdbx_host_org_ncbi_taxonomy_id     469008 
_entity_src_gen.host_org_genus                     ? 
_entity_src_gen.pdbx_host_org_gene                 ? 
_entity_src_gen.pdbx_host_org_organ                ? 
_entity_src_gen.host_org_species                   ? 
_entity_src_gen.pdbx_host_org_tissue               ? 
_entity_src_gen.pdbx_host_org_tissue_fraction      ? 
_entity_src_gen.pdbx_host_org_strain               'BL21 (DE3)' 
_entity_src_gen.pdbx_host_org_variant              ? 
_entity_src_gen.pdbx_host_org_cell_line            ? 
_entity_src_gen.pdbx_host_org_atcc                 ? 
_entity_src_gen.pdbx_host_org_culture_collection   ? 
_entity_src_gen.pdbx_host_org_cell                 ? 
_entity_src_gen.pdbx_host_org_organelle            ? 
_entity_src_gen.pdbx_host_org_cellular_location    ? 
_entity_src_gen.pdbx_host_org_vector_type          plasmid 
_entity_src_gen.pdbx_host_org_vector               ? 
_entity_src_gen.host_org_details                   ? 
_entity_src_gen.expression_system_id               ? 
_entity_src_gen.plasmid_name                       pTXB1 
_entity_src_gen.plasmid_details                    ? 
_entity_src_gen.pdbx_description                   ? 
# 
_pdbx_entity_src_syn.entity_id              2 
_pdbx_entity_src_syn.pdbx_src_id            1 
_pdbx_entity_src_syn.pdbx_alt_source_flag   sample 
_pdbx_entity_src_syn.pdbx_beg_seq_num       ? 
_pdbx_entity_src_syn.pdbx_end_seq_num       ? 
_pdbx_entity_src_syn.organism_scientific    'Schizosaccharomyces pombe' 
_pdbx_entity_src_syn.organism_common_name   ? 
_pdbx_entity_src_syn.ncbi_taxonomy_id       284812 
_pdbx_entity_src_syn.details                ? 
# 
loop_
_struct_ref.id 
_struct_ref.db_name 
_struct_ref.db_code 
_struct_ref.pdbx_db_accession 
_struct_ref.entity_id 
_struct_ref.pdbx_seq_one_letter_code 
_struct_ref.pdbx_align_begin 
_struct_ref.pdbx_db_isoform 
1 UNP POT1_SCHPO O13988 1 
;SVSFSLLSQITPHQRCSFYAQVIKTWYSDKNFTLYVTDYTENELFFPMSPYTSSSRWRGPFGRFSIRCILWDEHDFYCRN
YIKEGDYVVMKNVRTKIDHLGYLECILHGDSAKRYNMSIEKVDSEEPELNEIKSRKRLYVQN
;
198 ? 
2 PDB 4HJ7       4HJ7   2 ? ?   ? 
# 
loop_
_struct_ref_seq.align_id 
_struct_ref_seq.ref_id 
_struct_ref_seq.pdbx_PDB_id_code 
_struct_ref_seq.pdbx_strand_id 
_struct_ref_seq.seq_align_beg 
_struct_ref_seq.pdbx_seq_align_beg_ins_code 
_struct_ref_seq.seq_align_end 
_struct_ref_seq.pdbx_seq_align_end_ins_code 
_struct_ref_seq.pdbx_db_accession 
_struct_ref_seq.db_align_beg 
_struct_ref_seq.pdbx_db_align_beg_ins_code 
_struct_ref_seq.db_align_end 
_struct_ref_seq.pdbx_db_align_end_ins_code 
_struct_ref_seq.pdbx_auth_seq_align_beg 
_struct_ref_seq.pdbx_auth_seq_align_end 
1 1 4HJ7 A 2 ? 143 ? O13988 198 ? 339 ? 2 143 
2 2 4HJ7 B 1 ? 9   ? 4HJ7   1   ? 9   ? 1 9   
# 
loop_
_struct_ref_seq_dif.align_id 
_struct_ref_seq_dif.pdbx_pdb_id_code 
_struct_ref_seq_dif.mon_id 
_struct_ref_seq_dif.pdbx_pdb_strand_id 
_struct_ref_seq_dif.seq_num 
_struct_ref_seq_dif.pdbx_pdb_ins_code 
_struct_ref_seq_dif.pdbx_seq_db_name 
_struct_ref_seq_dif.pdbx_seq_db_accession_code 
_struct_ref_seq_dif.db_mon_id 
_struct_ref_seq_dif.pdbx_seq_db_seq_num 
_struct_ref_seq_dif.details 
_struct_ref_seq_dif.pdbx_auth_seq_num 
_struct_ref_seq_dif.pdbx_ordinal 
1 4HJ7 MET A 1 ? UNP O13988 ?   ?   'expression tag'      1 1 
1 4HJ7 ASP A 3 ? UNP O13988 VAL 199 'engineered mutation' 3 2 
# 
loop_
_chem_comp.id 
_chem_comp.type 
_chem_comp.mon_nstd_flag 
_chem_comp.name 
_chem_comp.pdbx_synonyms 
_chem_comp.formula 
_chem_comp.formula_weight 
ALA 'L-peptide linking' y ALANINE                              ? 'C3 H7 N O2'      89.093  
ARG 'L-peptide linking' y ARGININE                             ? 'C6 H15 N4 O2 1'  175.209 
ASN 'L-peptide linking' y ASPARAGINE                           ? 'C4 H8 N2 O3'     132.118 
ASP 'L-peptide linking' y 'ASPARTIC ACID'                      ? 'C4 H7 N O4'      133.103 
CYS 'L-peptide linking' y CYSTEINE                             ? 'C3 H7 N O2 S'    121.158 
DA  'DNA linking'       y "2'-DEOXYADENOSINE-5'-MONOPHOSPHATE" ? 'C10 H14 N5 O6 P' 331.222 
DG  'DNA linking'       y "2'-DEOXYGUANOSINE-5'-MONOPHOSPHATE" ? 'C10 H14 N5 O7 P' 347.221 
DT  'DNA linking'       y "THYMIDINE-5'-MONOPHOSPHATE"         ? 'C10 H15 N2 O8 P' 322.208 
GLN 'L-peptide linking' y GLUTAMINE                            ? 'C5 H10 N2 O3'    146.144 
GLU 'L-peptide linking' y 'GLUTAMIC ACID'                      ? 'C5 H9 N O4'      147.129 
GLY 'peptide linking'   y GLYCINE                              ? 'C2 H5 N O2'      75.067  
HIS 'L-peptide linking' y HISTIDINE                            ? 'C6 H10 N3 O2 1'  156.162 
HOH non-polymer         . WATER                                ? 'H2 O'            18.015  
ILE 'L-peptide linking' y ISOLEUCINE                           ? 'C6 H13 N O2'     131.173 
LEU 'L-peptide linking' y LEUCINE                              ? 'C6 H13 N O2'     131.173 
LYS 'L-peptide linking' y LYSINE                               ? 'C6 H15 N2 O2 1'  147.195 
MET 'L-peptide linking' y METHIONINE                           ? 'C5 H11 N O2 S'   149.211 
PHE 'L-peptide linking' y PHENYLALANINE                        ? 'C9 H11 N O2'     165.189 
PRO 'L-peptide linking' y PROLINE                              ? 'C5 H9 N O2'      115.130 
SER 'L-peptide linking' y SERINE                               ? 'C3 H7 N O3'      105.093 
THR 'L-peptide linking' y THREONINE                            ? 'C4 H9 N O3'      119.119 
TRP 'L-peptide linking' y TRYPTOPHAN                           ? 'C11 H12 N2 O2'   204.225 
TYR 'L-peptide linking' y TYROSINE                             ? 'C9 H11 N O3'     181.189 
VAL 'L-peptide linking' y VALINE                               ? 'C5 H11 N O2'     117.146 
# 
_exptl.crystals_number   1 
_exptl.entry_id          4HJ7 
_exptl.method            'X-RAY DIFFRACTION' 
# 
_exptl_crystal.id                    1 
_exptl_crystal.density_Matthews      1.94 
_exptl_crystal.density_meas          ? 
_exptl_crystal.density_percent_sol   36.74 
_exptl_crystal.description           ? 
_exptl_crystal.F_000                 ? 
_exptl_crystal.preparation           ? 
# 
_exptl_crystal_grow.crystal_id      1 
_exptl_crystal_grow.method          'VAPOR DIFFUSION, HANGING DROP' 
_exptl_crystal_grow.pH              7 
_exptl_crystal_grow.temp            290 
_exptl_crystal_grow.pdbx_details    '30% PEG 6000, 0.2M lithium nitrate, pH 7, VAPOR DIFFUSION, HANGING DROP, temperature 290K' 
_exptl_crystal_grow.temp_details    ? 
_exptl_crystal_grow.pdbx_pH_range   ? 
# 
_diffrn.id                     1 
_diffrn.ambient_temp           100 
_diffrn.ambient_temp_details   ? 
_diffrn.crystal_id             1 
# 
_diffrn_detector.diffrn_id              1 
_diffrn_detector.detector               'IMAGE PLATE' 
_diffrn_detector.type                   'RIGAKU RAXIS IV++' 
_diffrn_detector.pdbx_collection_date   2012-03-08 
_diffrn_detector.details                ? 
# 
_diffrn_radiation.diffrn_id                        1 
_diffrn_radiation.pdbx_diffrn_protocol             'SINGLE WAVELENGTH' 
_diffrn_radiation.monochromator                    'osmic mirrors' 
_diffrn_radiation.wavelength_id                    1 
_diffrn_radiation.pdbx_monochromatic_or_laue_m_l   M 
_diffrn_radiation.pdbx_scattering_type             x-ray 
# 
_diffrn_radiation_wavelength.id           1 
_diffrn_radiation_wavelength.wavelength   1.54 
_diffrn_radiation_wavelength.wt           1.0 
# 
_diffrn_source.diffrn_id                   1 
_diffrn_source.source                      'ROTATING ANODE' 
_diffrn_source.type                        'RIGAKU RUH2R' 
_diffrn_source.pdbx_wavelength_list        1.54 
_diffrn_source.pdbx_wavelength             ? 
_diffrn_source.pdbx_synchrotron_site       ? 
_diffrn_source.pdbx_synchrotron_beamline   ? 
# 
_reflns.entry_id                     4HJ7 
_reflns.d_resolution_high            1.7830 
_reflns.d_resolution_low             50.000 
_reflns.number_obs                   15354 
_reflns.pdbx_Rmerge_I_obs            0.036 
_reflns.pdbx_netI_over_sigmaI        18.000 
_reflns.pdbx_chi_squared             1.031 
_reflns.pdbx_redundancy              3.500 
_reflns.percent_possible_obs         99.500 
_reflns.observed_criterion_sigma_F   -3 
_reflns.observed_criterion_sigma_I   -3 
_reflns.number_all                   15437 
_reflns.pdbx_Rsym_value              ? 
_reflns.B_iso_Wilson_estimate        ? 
_reflns.R_free_details               ? 
_reflns.limit_h_max                  ? 
_reflns.limit_h_min                  ? 
_reflns.limit_k_max                  ? 
_reflns.limit_k_min                  ? 
_reflns.limit_l_max                  ? 
_reflns.limit_l_min                  ? 
_reflns.observed_criterion_F_max     ? 
_reflns.observed_criterion_F_min     ? 
_reflns.pdbx_scaling_rejects         ? 
_reflns.pdbx_ordinal                 1 
_reflns.pdbx_diffrn_id               1 
# 
loop_
_reflns_shell.d_res_high 
_reflns_shell.d_res_low 
_reflns_shell.number_measured_obs 
_reflns_shell.number_measured_all 
_reflns_shell.number_unique_obs 
_reflns_shell.Rmerge_I_obs 
_reflns_shell.meanI_over_sigI_obs 
_reflns_shell.pdbx_Rsym_value 
_reflns_shell.pdbx_chi_squared 
_reflns_shell.pdbx_redundancy 
_reflns_shell.percent_possible_obs 
_reflns_shell.number_unique_all 
_reflns_shell.percent_possible_all 
_reflns_shell.pdbx_ordinal 
_reflns_shell.pdbx_diffrn_id 
1.790 1.850  ? ? ? 0.192 ? ? 0.746 3.400 ? 1492 99.500  1  1 
1.850 1.930  ? ? ? 0.131 ? ? 0.730 3.400 ? 1514 99.700  2  1 
1.930 2.020  ? ? ? 0.097 ? ? 0.907 3.400 ? 1515 99.700  3  1 
2.020 2.120  ? ? ? 0.076 ? ? 0.995 3.500 ? 1503 99.900  4  1 
2.120 2.260  ? ? ? 0.063 ? ? 1.051 3.500 ? 1530 99.900  5  1 
2.260 2.430  ? ? ? 0.054 ? ? 1.104 3.500 ? 1527 100.000 6  1 
2.430 2.670  ? ? ? 0.045 ? ? 1.097 3.500 ? 1527 100.000 7  1 
2.670 3.060  ? ? ? 0.035 ? ? 1.150 3.500 ? 1549 99.800  8  1 
3.060 3.860  ? ? ? 0.028 ? ? 1.237 3.500 ? 1574 99.600  9  1 
3.860 50.000 ? ? ? 0.024 ? ? 1.247 3.400 ? 1623 97.100  10 1 
# 
_refine.entry_id                                 4HJ7 
_refine.ls_d_res_high                            1.7830 
_refine.ls_d_res_low                             17.5120 
_refine.pdbx_ls_sigma_F                          0.000 
_refine.pdbx_data_cutoff_high_absF               ? 
_refine.pdbx_data_cutoff_low_absF                ? 
_refine.ls_percent_reflns_obs                    98.7500 
_refine.ls_number_reflns_obs                     15243 
_refine.ls_number_reflns_all                     15326 
_refine.pdbx_ls_cross_valid_method               ? 
_refine.pdbx_R_Free_selection_details            random 
_refine.details                                  ? 
_refine.ls_R_factor_all                          0.1769 
_refine.ls_R_factor_obs                          0.1769 
_refine.ls_R_factor_R_work                       0.1737 
_refine.ls_wR_factor_R_work                      ? 
_refine.ls_R_factor_R_free                       0.2069 
_refine.ls_wR_factor_R_free                      ? 
_refine.ls_percent_reflns_R_free                 10.0200 
_refine.ls_number_reflns_R_free                  1527 
_refine.ls_R_factor_R_free_error                 ? 
_refine.B_iso_mean                               23.3169 
_refine.solvent_model_param_bsol                 35.2960 
_refine.solvent_model_param_ksol                 0.3680 
_refine.pdbx_isotropic_thermal_model             ? 
_refine.aniso_B[1][1]                            -0.7795 
_refine.aniso_B[2][2]                            2.0290 
_refine.aniso_B[3][3]                            -1.2495 
_refine.aniso_B[1][2]                            -0.0000 
_refine.aniso_B[1][3]                            -0.0000 
_refine.aniso_B[2][3]                            0.0000 
_refine.correlation_coeff_Fo_to_Fc               ? 
_refine.correlation_coeff_Fo_to_Fc_free          ? 
_refine.overall_SU_R_Cruickshank_DPI             ? 
_refine.overall_SU_R_free                        ? 
_refine.pdbx_overall_ESU_R                       ? 
_refine.pdbx_overall_ESU_R_Free                  ? 
_refine.overall_SU_ML                            0.1900 
_refine.overall_SU_B                             ? 
_refine.solvent_model_details                    'FLAT BULK SOLVENT MODEL' 
_refine.pdbx_solvent_vdw_probe_radii             1.1100 
_refine.pdbx_solvent_ion_probe_radii             ? 
_refine.pdbx_solvent_shrinkage_radii             0.9000 
_refine.ls_number_parameters                     ? 
_refine.ls_number_restraints                     ? 
_refine.pdbx_starting_model                      'PDB entry 4HIK' 
_refine.pdbx_method_to_determine_struct          'MOLECULAR REPLACEMENT' 
_refine.pdbx_stereochemistry_target_values       'Engh & Huber' 
_refine.pdbx_stereochem_target_val_spec_case     ? 
_refine.overall_FOM_work_R_set                   ? 
_refine.B_iso_max                                59.530 
_refine.B_iso_min                                9.800 
_refine.pdbx_overall_phase_error                 17.6300 
_refine.occupancy_max                            1.000 
_refine.occupancy_min                            0.400 
_refine.pdbx_ls_sigma_I                          ? 
_refine.ls_redundancy_reflns_obs                 ? 
_refine.ls_R_factor_R_free_error_details         ? 
_refine.pdbx_data_cutoff_high_rms_absF           ? 
_refine.overall_FOM_free_R_set                   ? 
_refine.pdbx_diffrn_id                           1 
_refine.pdbx_refine_id                           'X-RAY DIFFRACTION' 
_refine.pdbx_TLS_residual_ADP_flag               ? 
_refine.pdbx_overall_SU_R_free_Cruickshank_DPI   ? 
_refine.pdbx_overall_SU_R_Blow_DPI               ? 
_refine.pdbx_overall_SU_R_free_Blow_DPI          ? 
# 
_refine_hist.pdbx_refine_id                   'X-RAY DIFFRACTION' 
_refine_hist.cycle_id                         LAST 
_refine_hist.pdbx_number_atoms_protein        1169 
_refine_hist.pdbx_number_atoms_nucleic_acid   188 
_refine_hist.pdbx_number_atoms_ligand         0 
_refine_hist.number_atoms_solvent             184 
_refine_hist.number_atoms_total               1541 
_refine_hist.d_res_high                       1.7830 
_refine_hist.d_res_low                        17.5120 
# 
loop_
_refine_ls_restr.type 
_refine_ls_restr.number 
_refine_ls_restr.dev_ideal 
_refine_ls_restr.dev_ideal_target 
_refine_ls_restr.weight 
_refine_ls_restr.pdbx_restraint_function 
_refine_ls_restr.pdbx_refine_id 
f_bond_d           1417 0.007  ? ? ? 'X-RAY DIFFRACTION' 
f_angle_d          1956 1.144  ? ? ? 'X-RAY DIFFRACTION' 
f_chiral_restr     202  0.077  ? ? ? 'X-RAY DIFFRACTION' 
f_plane_restr      215  0.005  ? ? ? 'X-RAY DIFFRACTION' 
f_dihedral_angle_d 536  16.980 ? ? ? 'X-RAY DIFFRACTION' 
# 
loop_
_refine_ls_shell.d_res_high 
_refine_ls_shell.d_res_low 
_refine_ls_shell.pdbx_total_number_of_bins_used 
_refine_ls_shell.percent_reflns_obs 
_refine_ls_shell.number_reflns_R_work 
_refine_ls_shell.R_factor_all 
_refine_ls_shell.R_factor_R_work 
_refine_ls_shell.R_factor_R_free 
_refine_ls_shell.percent_reflns_R_free 
_refine_ls_shell.number_reflns_R_free 
_refine_ls_shell.R_factor_R_free_error 
_refine_ls_shell.number_reflns_all 
_refine_ls_shell.number_reflns_obs 
_refine_ls_shell.redundancy_reflns_obs 
_refine_ls_shell.pdbx_refine_id 
1.7828 1.8402  11 92.0000  1130 . 0.2314 0.2705 . 129 . 1259 . . 'X-RAY DIFFRACTION' 
1.8402 1.9059  11 98.0000  1218 . 0.1934 0.2346 . 135 . 1353 . . 'X-RAY DIFFRACTION' 
1.9059 1.9821  11 99.0000  1224 . 0.1758 0.2662 . 135 . 1359 . . 'X-RAY DIFFRACTION' 
1.9821 2.0722  11 100.0000 1237 . 0.1698 0.2406 . 137 . 1374 . . 'X-RAY DIFFRACTION' 
2.0722 2.1813  11 100.0000 1249 . 0.1669 0.1938 . 138 . 1387 . . 'X-RAY DIFFRACTION' 
2.1813 2.3177  11 100.0000 1242 . 0.1716 0.2011 . 139 . 1381 . . 'X-RAY DIFFRACTION' 
2.3177 2.4961  11 100.0000 1251 . 0.1768 0.2239 . 139 . 1390 . . 'X-RAY DIFFRACTION' 
2.4961 2.7465  11 100.0000 1274 . 0.1824 0.2106 . 142 . 1416 . . 'X-RAY DIFFRACTION' 
2.7465 3.1419  11 100.0000 1263 . 0.1704 0.1964 . 141 . 1404 . . 'X-RAY DIFFRACTION' 
3.1419 3.9510  11 100.0000 1281 . 0.1564 0.2035 . 141 . 1422 . . 'X-RAY DIFFRACTION' 
3.9510 17.5129 11 99.0000  1347 . 0.1788 0.1820 . 151 . 1498 . . 'X-RAY DIFFRACTION' 
# 
_struct.entry_id                  4HJ7 
_struct.title                     'Crystal Structure of Schizosaccharomyces pombe Pot1pC bound to ssDNA (GGTTAGGGT)' 
_struct.pdbx_model_details        ? 
_struct.pdbx_CASP_flag            ? 
_struct.pdbx_model_type_details   ? 
# 
_struct_keywords.entry_id        4HJ7 
_struct_keywords.text            
'specificity, plasticity, promiscuity, OB-fold, ssDNA-binding, single-stranded telomeric DNA, DNA BINDING PROTEIN' 
_struct_keywords.pdbx_keywords   'DNA BINDING PROTEIN' 
# 
loop_
_struct_asym.id 
_struct_asym.pdbx_blank_PDB_chainid_flag 
_struct_asym.pdbx_modified 
_struct_asym.entity_id 
_struct_asym.details 
A N N 1 ? 
B N N 2 ? 
C N N 3 ? 
D N N 3 ? 
# 
_struct_biol.id        1 
_struct_biol.details   ? 
# 
loop_
_struct_conf.conf_type_id 
_struct_conf.id 
_struct_conf.pdbx_PDB_helix_id 
_struct_conf.beg_label_comp_id 
_struct_conf.beg_label_asym_id 
_struct_conf.beg_label_seq_id 
_struct_conf.pdbx_beg_PDB_ins_code 
_struct_conf.end_label_comp_id 
_struct_conf.end_label_asym_id 
_struct_conf.end_label_seq_id 
_struct_conf.pdbx_end_PDB_ins_code 
_struct_conf.beg_auth_comp_id 
_struct_conf.beg_auth_asym_id 
_struct_conf.beg_auth_seq_id 
_struct_conf.end_auth_comp_id 
_struct_conf.end_auth_asym_id 
_struct_conf.end_auth_seq_id 
_struct_conf.pdbx_PDB_helix_class 
_struct_conf.details 
_struct_conf.pdbx_PDB_helix_length 
HELX_P HELX_P1 1 LEU A 7   ? ILE A 11  ? LEU A 7   ILE A 11  5 ? 5 
HELX_P HELX_P2 2 ASP A 73  ? ARG A 80  ? ASP A 73  ARG A 80  1 ? 8 
HELX_P HELX_P3 3 ALA A 113 ? ASN A 117 ? ALA A 113 ASN A 117 5 ? 5 
HELX_P HELX_P4 4 GLU A 127 ? GLU A 129 ? GLU A 127 GLU A 129 5 ? 3 
HELX_P HELX_P5 5 LEU A 130 ? ARG A 138 ? LEU A 130 ARG A 138 1 ? 9 
HELX_P HELX_P6 6 LEU A 139 ? VAL A 141 ? LEU A 139 VAL A 141 5 ? 3 
# 
_struct_conf_type.id          HELX_P 
_struct_conf_type.criteria    ? 
_struct_conf_type.reference   ? 
# 
_struct_conn.id                            hydrog1 
_struct_conn.conn_type_id                  hydrog 
_struct_conn.pdbx_leaving_atom_flag        ? 
_struct_conn.pdbx_PDB_id                   ? 
_struct_conn.ptnr1_label_asym_id           B 
_struct_conn.ptnr1_label_comp_id           DT 
_struct_conn.ptnr1_label_seq_id            4 
_struct_conn.ptnr1_label_atom_id           O2 
_struct_conn.pdbx_ptnr1_label_alt_id       ? 
_struct_conn.pdbx_ptnr1_PDB_ins_code       ? 
_struct_conn.pdbx_ptnr1_standard_comp_id   ? 
_struct_conn.ptnr1_symmetry                1_555 
_struct_conn.ptnr2_label_asym_id           B 
_struct_conn.ptnr2_label_comp_id           DA 
_struct_conn.ptnr2_label_seq_id            5 
_struct_conn.ptnr2_label_atom_id           N6 
_struct_conn.pdbx_ptnr2_label_alt_id       ? 
_struct_conn.pdbx_ptnr2_PDB_ins_code       ? 
_struct_conn.ptnr1_auth_asym_id            B 
_struct_conn.ptnr1_auth_comp_id            DT 
_struct_conn.ptnr1_auth_seq_id             4 
_struct_conn.ptnr2_auth_asym_id            B 
_struct_conn.ptnr2_auth_comp_id            DA 
_struct_conn.ptnr2_auth_seq_id             5 
_struct_conn.ptnr2_symmetry                1_555 
_struct_conn.pdbx_ptnr3_label_atom_id      ? 
_struct_conn.pdbx_ptnr3_label_seq_id       ? 
_struct_conn.pdbx_ptnr3_label_comp_id      ? 
_struct_conn.pdbx_ptnr3_label_asym_id      ? 
_struct_conn.pdbx_ptnr3_label_alt_id       ? 
_struct_conn.pdbx_ptnr3_PDB_ins_code       ? 
_struct_conn.details                       'DT-DA PAIR' 
_struct_conn.pdbx_dist_value               ? 
_struct_conn.pdbx_value_order              ? 
_struct_conn.pdbx_role                     ? 
# 
_struct_conn_type.id          hydrog 
_struct_conn_type.criteria    ? 
_struct_conn_type.reference   ? 
# 
_struct_mon_prot_cis.pdbx_id                1 
_struct_mon_prot_cis.label_comp_id          GLY 
_struct_mon_prot_cis.label_seq_id           60 
_struct_mon_prot_cis.label_asym_id          A 
_struct_mon_prot_cis.label_alt_id           . 
_struct_mon_prot_cis.pdbx_PDB_ins_code      ? 
_struct_mon_prot_cis.auth_comp_id           GLY 
_struct_mon_prot_cis.auth_seq_id            60 
_struct_mon_prot_cis.auth_asym_id           A 
_struct_mon_prot_cis.pdbx_label_comp_id_2   PRO 
_struct_mon_prot_cis.pdbx_label_seq_id_2    61 
_struct_mon_prot_cis.pdbx_label_asym_id_2   A 
_struct_mon_prot_cis.pdbx_PDB_ins_code_2    ? 
_struct_mon_prot_cis.pdbx_auth_comp_id_2    PRO 
_struct_mon_prot_cis.pdbx_auth_seq_id_2     61 
_struct_mon_prot_cis.pdbx_auth_asym_id_2    A 
_struct_mon_prot_cis.pdbx_PDB_model_num     1 
_struct_mon_prot_cis.pdbx_omega_angle       1.58 
# 
_struct_sheet.id               A 
_struct_sheet.type             ? 
_struct_sheet.number_strands   7 
_struct_sheet.details          ? 
# 
loop_
_struct_sheet_order.sheet_id 
_struct_sheet_order.range_id_1 
_struct_sheet_order.range_id_2 
_struct_sheet_order.offset 
_struct_sheet_order.sense 
A 1 2 ? anti-parallel 
A 2 3 ? anti-parallel 
A 3 4 ? parallel      
A 4 5 ? anti-parallel 
A 5 6 ? anti-parallel 
A 6 7 ? anti-parallel 
# 
loop_
_struct_sheet_range.sheet_id 
_struct_sheet_range.id 
_struct_sheet_range.beg_label_comp_id 
_struct_sheet_range.beg_label_asym_id 
_struct_sheet_range.beg_label_seq_id 
_struct_sheet_range.pdbx_beg_PDB_ins_code 
_struct_sheet_range.end_label_comp_id 
_struct_sheet_range.end_label_asym_id 
_struct_sheet_range.end_label_seq_id 
_struct_sheet_range.pdbx_end_PDB_ins_code 
_struct_sheet_range.beg_auth_comp_id 
_struct_sheet_range.beg_auth_asym_id 
_struct_sheet_range.beg_auth_seq_id 
_struct_sheet_range.end_auth_comp_id 
_struct_sheet_range.end_auth_asym_id 
_struct_sheet_range.end_auth_seq_id 
A 1 SER A 119 ? VAL A 123 ? SER A 119 VAL A 123 
A 2 TYR A 88  ? ILE A 98  ? TYR A 88  ILE A 98  
A 3 LEU A 104 ? LEU A 108 ? LEU A 104 LEU A 108 
A 4 ILE A 67  ? LEU A 71  ? ILE A 67  LEU A 71  
A 5 PHE A 33  ? THR A 38  ? PHE A 33  THR A 38  
A 6 CYS A 17  ? TYR A 28  ? CYS A 17  TYR A 28  
A 7 TYR A 88  ? ILE A 98  ? TYR A 88  ILE A 98  
# 
loop_
_pdbx_struct_sheet_hbond.sheet_id 
_pdbx_struct_sheet_hbond.range_id_1 
_pdbx_struct_sheet_hbond.range_id_2 
_pdbx_struct_sheet_hbond.range_1_label_atom_id 
_pdbx_struct_sheet_hbond.range_1_label_comp_id 
_pdbx_struct_sheet_hbond.range_1_label_asym_id 
_pdbx_struct_sheet_hbond.range_1_label_seq_id 
_pdbx_struct_sheet_hbond.range_1_PDB_ins_code 
_pdbx_struct_sheet_hbond.range_1_auth_atom_id 
_pdbx_struct_sheet_hbond.range_1_auth_comp_id 
_pdbx_struct_sheet_hbond.range_1_auth_asym_id 
_pdbx_struct_sheet_hbond.range_1_auth_seq_id 
_pdbx_struct_sheet_hbond.range_2_label_atom_id 
_pdbx_struct_sheet_hbond.range_2_label_comp_id 
_pdbx_struct_sheet_hbond.range_2_label_asym_id 
_pdbx_struct_sheet_hbond.range_2_label_seq_id 
_pdbx_struct_sheet_hbond.range_2_PDB_ins_code 
_pdbx_struct_sheet_hbond.range_2_auth_atom_id 
_pdbx_struct_sheet_hbond.range_2_auth_comp_id 
_pdbx_struct_sheet_hbond.range_2_auth_asym_id 
_pdbx_struct_sheet_hbond.range_2_auth_seq_id 
A 1 2 O VAL A 123 ? O VAL A 123 N TYR A 88  ? N TYR A 88  
A 2 3 N LYS A 97  ? N LYS A 97  O GLU A 105 ? O GLU A 105 
A 3 4 O LEU A 108 ? O LEU A 108 N ILE A 70  ? N ILE A 70  
A 4 5 O CYS A 69  ? O CYS A 69  N LEU A 35  ? N LEU A 35  
A 5 6 O THR A 34  ? O THR A 34  N TRP A 27  ? N TRP A 27  
A 6 7 N ALA A 21  ? N ALA A 21  O VAL A 89  ? O VAL A 89  
# 
_atom_sites.entry_id                    4HJ7 
_atom_sites.fract_transf_matrix[1][1]   0.01803657 
_atom_sites.fract_transf_matrix[1][2]   0.00605587 
_atom_sites.fract_transf_matrix[1][3]   -0.01549270 
_atom_sites.fract_transf_matrix[2][1]   0.00452808 
_atom_sites.fract_transf_matrix[2][2]   -0.01653786 
_atom_sites.fract_transf_matrix[2][3]   -0.00119282 
_atom_sites.fract_transf_matrix[3][1]   -0.00951875 
_atom_sites.fract_transf_matrix[3][2]   -0.00175741 
_atom_sites.fract_transf_matrix[3][3]   -0.01176866 
_atom_sites.fract_transf_vector[1]      0.230751 
_atom_sites.fract_transf_vector[2]      0.424268 
_atom_sites.fract_transf_vector[3]      0.226587 
# 
loop_
_atom_type.symbol 
C 
N 
O 
P 
S 
# 
loop_
_atom_site.group_PDB 
_atom_site.id 
_atom_site.type_symbol 
_atom_site.label_atom_id 
_atom_site.label_alt_id 
_atom_site.label_comp_id 
_atom_site.label_asym_id 
_atom_site.label_entity_id 
_atom_site.label_seq_id 
_atom_site.pdbx_PDB_ins_code 
_atom_site.Cartn_x 
_atom_site.Cartn_y 
_atom_site.Cartn_z 
_atom_site.occupancy 
_atom_site.B_iso_or_equiv 
_atom_site.pdbx_formal_charge 
_atom_site.auth_seq_id 
_atom_site.auth_comp_id 
_atom_site.auth_asym_id 
_atom_site.auth_atom_id 
_atom_site.pdbx_PDB_model_num 
ATOM   1    N N     . SER A 1 4   ? -4.733  15.084  6.130   1.00 43.27 ? 4   SER A N     1 
ATOM   2    C CA    . SER A 1 4   ? -6.015  14.388  6.137   1.00 36.48 ? 4   SER A CA    1 
ATOM   3    C C     . SER A 1 4   ? -5.944  13.091  5.332   1.00 32.70 ? 4   SER A C     1 
ATOM   4    O O     . SER A 1 4   ? -5.135  12.965  4.399   1.00 28.75 ? 4   SER A O     1 
ATOM   5    C CB    . SER A 1 4   ? -7.118  15.288  5.579   1.00 44.42 ? 4   SER A CB    1 
ATOM   6    O OG    . SER A 1 4   ? -6.751  15.827  4.318   1.00 51.00 ? 4   SER A OG    1 
ATOM   7    N N     . PHE A 1 5   ? -6.789  12.133  5.696   1.00 26.63 ? 5   PHE A N     1 
ATOM   8    C CA    . PHE A 1 5   ? -6.764  10.823  5.055   1.00 27.06 ? 5   PHE A CA    1 
ATOM   9    C C     . PHE A 1 5   ? -7.636  10.755  3.799   1.00 25.05 ? 5   PHE A C     1 
ATOM   10   O O     . PHE A 1 5   ? -8.591  11.523  3.637   1.00 26.94 ? 5   PHE A O     1 
ATOM   11   C CB    . PHE A 1 5   ? -7.148  9.732   6.056   1.00 28.28 ? 5   PHE A CB    1 
ATOM   12   C CG    . PHE A 1 5   ? -6.159  9.568   7.175   1.00 29.36 ? 5   PHE A CG    1 
ATOM   13   C CD1   . PHE A 1 5   ? -6.236  10.362  8.305   1.00 39.43 ? 5   PHE A CD1   1 
ATOM   14   C CD2   . PHE A 1 5   ? -5.157  8.619   7.103   1.00 27.86 ? 5   PHE A CD2   1 
ATOM   15   C CE1   . PHE A 1 5   ? -5.327  10.212  9.338   1.00 40.82 ? 5   PHE A CE1   1 
ATOM   16   C CE2   . PHE A 1 5   ? -4.239  8.471   8.131   1.00 31.74 ? 5   PHE A CE2   1 
ATOM   17   C CZ    . PHE A 1 5   ? -4.328  9.265   9.251   1.00 30.92 ? 5   PHE A CZ    1 
ATOM   18   N N     . SER A 1 6   ? -7.278  9.846   2.900   1.00 20.68 ? 6   SER A N     1 
ATOM   19   C CA    . SER A 1 6   ? -8.030  9.617   1.674   1.00 19.58 ? 6   SER A CA    1 
ATOM   20   C C     . SER A 1 6   ? -8.260  8.128   1.528   1.00 19.14 ? 6   SER A C     1 
ATOM   21   O O     . SER A 1 6   ? -7.430  7.332   1.961   1.00 20.26 ? 6   SER A O     1 
ATOM   22   C CB    . SER A 1 6   ? -7.225  10.090  0.463   1.00 21.96 ? 6   SER A CB    1 
ATOM   23   O OG    . SER A 1 6   ? -6.900  11.456  0.573   1.00 30.16 ? 6   SER A OG    1 
ATOM   24   N N     . LEU A 1 7   ? -9.379  7.740   0.923   1.00 19.00 ? 7   LEU A N     1 
ATOM   25   C CA    . LEU A 1 7   ? -9.518  6.350   0.499   1.00 18.10 ? 7   LEU A CA    1 
ATOM   26   C C     . LEU A 1 7   ? -8.563  6.160   -0.675  1.00 16.25 ? 7   LEU A C     1 
ATOM   27   O O     . LEU A 1 7   ? -8.217  7.128   -1.358  1.00 16.87 ? 7   LEU A O     1 
ATOM   28   C CB    . LEU A 1 7   ? -10.955 6.050   0.064   1.00 17.49 ? 7   LEU A CB    1 
ATOM   29   C CG    . LEU A 1 7   ? -11.980 6.110   1.204   1.00 15.05 ? 7   LEU A CG    1 
ATOM   30   C CD1   . LEU A 1 7   ? -13.368 5.737   0.712   1.00 23.38 ? 7   LEU A CD1   1 
ATOM   31   C CD2   . LEU A 1 7   ? -11.567 5.196   2.340   1.00 22.00 ? 7   LEU A CD2   1 
ATOM   32   N N     . LEU A 1 8   ? -8.137  4.926   -0.930  1.00 16.82 ? 8   LEU A N     1 
ATOM   33   C CA    . LEU A 1 8   ? -7.194  4.709   -2.031  1.00 16.56 ? 8   LEU A CA    1 
ATOM   34   C C     . LEU A 1 8   ? -7.801  5.070   -3.393  1.00 16.81 ? 8   LEU A C     1 
ATOM   35   O O     . LEU A 1 8   ? -7.101  5.483   -4.305  1.00 13.80 ? 8   LEU A O     1 
ATOM   36   C CB    . LEU A 1 8   ? -6.626  3.286   -2.011  1.00 15.43 ? 8   LEU A CB    1 
ATOM   37   C CG    . LEU A 1 8   ? -5.564  3.052   -0.929  1.00 16.99 ? 8   LEU A CG    1 
ATOM   38   C CD1   . LEU A 1 8   ? -5.050  1.639   -1.007  1.00 13.88 ? 8   LEU A CD1   1 
ATOM   39   C CD2   . LEU A 1 8   ? -4.410  4.036   -1.091  1.00 18.75 ? 8   LEU A CD2   1 
ATOM   40   N N     . SER A 1 9   ? -9.113  4.939   -3.525  1.00 14.09 ? 9   SER A N     1 
ATOM   41   C CA    . SER A 1 9   ? -9.783  5.324   -4.766  1.00 15.59 ? 9   SER A CA    1 
ATOM   42   C C     . SER A 1 9   ? -9.681  6.833   -4.998  1.00 17.72 ? 9   SER A C     1 
ATOM   43   O O     . SER A 1 9   ? -9.872  7.308   -6.118  1.00 17.47 ? 9   SER A O     1 
ATOM   44   C CB    . SER A 1 9   ? -11.265 4.943   -4.699  1.00 18.02 ? 9   SER A CB    1 
ATOM   45   O OG    . SER A 1 9   ? -11.857 5.614   -3.603  1.00 19.21 ? 9   SER A OG    1 
ATOM   46   N N     . GLN A 1 10  ? -9.358  7.568   -3.931  1.00 18.03 ? 10  GLN A N     1 
ATOM   47   C CA    . GLN A 1 10  ? -9.362  9.030   -3.948  1.00 21.64 ? 10  GLN A CA    1 
ATOM   48   C C     . GLN A 1 10  ? -7.971  9.626   -4.156  1.00 23.83 ? 10  GLN A C     1 
ATOM   49   O O     . GLN A 1 10  ? -7.846  10.821  -4.401  1.00 24.67 ? 10  GLN A O     1 
ATOM   50   C CB    . GLN A 1 10  ? -9.986  9.580   -2.662  1.00 22.28 ? 10  GLN A CB    1 
ATOM   51   C CG    . GLN A 1 10  ? -11.427 9.126   -2.459  1.00 24.48 ? 10  GLN A CG    1 
ATOM   52   C CD    . GLN A 1 10  ? -11.988 9.427   -1.068  1.00 28.70 ? 10  GLN A CD    1 
ATOM   53   O OE1   . GLN A 1 10  ? -11.251 9.604   -0.087  1.00 27.10 ? 10  GLN A OE1   1 
ATOM   54   N NE2   . GLN A 1 10  ? -13.314 9.465   -0.978  1.00 37.58 ? 10  GLN A NE2   1 
ATOM   55   N N     . ILE A 1 11  ? -6.928  8.805   -4.080  1.00 19.14 ? 11  ILE A N     1 
ATOM   56   C CA    . ILE A 1 11  ? -5.587  9.335   -4.294  1.00 25.81 ? 11  ILE A CA    1 
ATOM   57   C C     . ILE A 1 11  ? -5.292  9.522   -5.774  1.00 26.65 ? 11  ILE A C     1 
ATOM   58   O O     . ILE A 1 11  ? -5.806  8.802   -6.633  1.00 26.61 ? 11  ILE A O     1 
ATOM   59   C CB    . ILE A 1 11  ? -4.481  8.471   -3.660  1.00 23.24 ? 11  ILE A CB    1 
ATOM   60   C CG1   . ILE A 1 11  ? -4.228  7.218   -4.492  1.00 26.64 ? 11  ILE A CG1   1 
ATOM   61   C CG2   . ILE A 1 11  ? -4.831  8.112   -2.235  1.00 19.16 ? 11  ILE A CG2   1 
ATOM   62   C CD1   . ILE A 1 11  ? -3.152  6.307   -3.891  1.00 24.14 ? 11  ILE A CD1   1 
ATOM   63   N N     . THR A 1 12  ? -4.457  10.506  -6.062  1.00 28.09 ? 12  THR A N     1 
ATOM   64   C CA    . THR A 1 12  ? -4.111  10.841  -7.430  1.00 30.77 ? 12  THR A CA    1 
ATOM   65   C C     . THR A 1 12  ? -2.608  10.934  -7.516  1.00 27.88 ? 12  THR A C     1 
ATOM   66   O O     . THR A 1 12  ? -1.939  11.171  -6.508  1.00 33.47 ? 12  THR A O     1 
ATOM   67   C CB    . THR A 1 12  ? -4.705  12.187  -7.822  1.00 34.10 ? 12  THR A CB    1 
ATOM   68   O OG1   . THR A 1 12  ? -4.324  13.167  -6.847  1.00 35.05 ? 12  THR A OG1   1 
ATOM   69   C CG2   . THR A 1 12  ? -6.221  12.085  -7.872  1.00 40.24 ? 12  THR A CG2   1 
ATOM   70   N N     . PRO A 1 13  ? -2.063  10.746  -8.718  1.00 27.99 ? 13  PRO A N     1 
ATOM   71   C CA    . PRO A 1 13  ? -0.607  10.761  -8.847  1.00 27.25 ? 13  PRO A CA    1 
ATOM   72   C C     . PRO A 1 13  ? 0.001   12.091  -8.392  1.00 25.72 ? 13  PRO A C     1 
ATOM   73   O O     . PRO A 1 13  ? -0.596  13.158  -8.559  1.00 23.47 ? 13  PRO A O     1 
ATOM   74   C CB    . PRO A 1 13  ? -0.387  10.559  -10.355 1.00 27.59 ? 13  PRO A CB    1 
ATOM   75   C CG    . PRO A 1 13  ? -1.647  9.926   -10.843 1.00 31.05 ? 13  PRO A CG    1 
ATOM   76   C CD    . PRO A 1 13  ? -2.740  10.478  -9.997  1.00 28.94 ? 13  PRO A CD    1 
ATOM   77   N N     . HIS A 1 14  ? 1.187   12.015  -7.796  1.00 23.04 ? 14  HIS A N     1 
ATOM   78   C CA    . HIS A 1 14  ? 2.013   13.200  -7.599  1.00 18.50 ? 14  HIS A CA    1 
ATOM   79   C C     . HIS A 1 14  ? 1.425   14.151  -6.564  1.00 24.25 ? 14  HIS A C     1 
ATOM   80   O O     . HIS A 1 14  ? 1.541   15.369  -6.687  1.00 25.54 ? 14  HIS A O     1 
ATOM   81   C CB    . HIS A 1 14  ? 2.210   13.914  -8.945  1.00 17.42 ? 14  HIS A CB    1 
ATOM   82   C CG    . HIS A 1 14  ? 2.673   13.006  -10.038 1.00 20.13 ? 14  HIS A CG    1 
ATOM   83   N ND1   . HIS A 1 14  ? 1.980   12.844  -11.221 1.00 18.57 ? 14  HIS A ND1   1 
ATOM   84   C CD2   . HIS A 1 14  ? 3.765   12.211  -10.131 1.00 17.81 ? 14  HIS A CD2   1 
ATOM   85   C CE1   . HIS A 1 14  ? 2.628   11.991  -11.993 1.00 21.52 ? 14  HIS A CE1   1 
ATOM   86   N NE2   . HIS A 1 14  ? 3.712   11.587  -11.355 1.00 19.98 ? 14  HIS A NE2   1 
ATOM   87   N N     . GLN A 1 15  ? 0.768   13.595  -5.553  1.00 19.29 ? 15  GLN A N     1 
ATOM   88   C CA    . GLN A 1 15  ? 0.292   14.395  -4.438  1.00 24.36 ? 15  GLN A CA    1 
ATOM   89   C C     . GLN A 1 15  ? 0.607   13.619  -3.179  1.00 26.88 ? 15  GLN A C     1 
ATOM   90   O O     . GLN A 1 15  ? 0.496   12.397  -3.166  1.00 27.43 ? 15  GLN A O     1 
ATOM   91   C CB    . GLN A 1 15  ? -1.216  14.651  -4.538  1.00 26.25 ? 15  GLN A CB    1 
ATOM   92   C CG    . GLN A 1 15  ? -1.656  15.514  -5.728  1.00 41.39 ? 15  GLN A CG    1 
ATOM   93   C CD    . GLN A 1 15  ? -1.260  16.992  -5.600  1.00 46.78 ? 15  GLN A CD    1 
ATOM   94   O OE1   . GLN A 1 15  ? -0.082  17.331  -5.416  1.00 45.09 ? 15  GLN A OE1   1 
ATOM   95   N NE2   . GLN A 1 15  ? -2.252  17.878  -5.713  1.00 47.05 ? 15  GLN A NE2   1 
ATOM   96   N N     . ARG A 1 16  ? 1.017   14.320  -2.132  1.00 19.06 ? 16  ARG A N     1 
ATOM   97   C CA    . ARG A 1 16  ? 1.240   13.693  -0.844  1.00 21.42 ? 16  ARG A CA    1 
ATOM   98   C C     . ARG A 1 16  ? -0.116  13.232  -0.323  1.00 21.70 ? 16  ARG A C     1 
ATOM   99   O O     . ARG A 1 16  ? -1.110  13.956  -0.452  1.00 24.03 ? 16  ARG A O     1 
ATOM   100  C CB    . ARG A 1 16  ? 1.886   14.708  0.104   1.00 27.69 ? 16  ARG A CB    1 
ATOM   101  C CG    . ARG A 1 16  ? 1.835   14.360  1.572   1.00 29.13 ? 16  ARG A CG    1 
ATOM   102  C CD    . ARG A 1 16  ? 2.493   15.444  2.446   1.00 37.28 ? 16  ARG A CD    1 
ATOM   103  N NE    . ARG A 1 16  ? 1.777   16.718  2.391   1.00 35.62 ? 16  ARG A NE    1 
ATOM   104  C CZ    . ARG A 1 16  ? 0.671   16.988  3.083   1.00 45.48 ? 16  ARG A CZ    1 
ATOM   105  N NH1   . ARG A 1 16  ? 0.146   16.073  3.892   1.00 43.53 ? 16  ARG A NH1   1 
ATOM   106  N NH2   . ARG A 1 16  ? 0.084   18.173  2.969   1.00 42.87 ? 16  ARG A NH2   1 
ATOM   107  N N     . CYS A 1 17  ? -0.171  12.024  0.240   1.00 20.52 ? 17  CYS A N     1 
ATOM   108  C CA    . CYS A 1 17  ? -1.432  11.503  0.774   1.00 18.71 ? 17  CYS A CA    1 
ATOM   109  C C     . CYS A 1 17  ? -1.231  10.622  1.995   1.00 15.28 ? 17  CYS A C     1 
ATOM   110  O O     . CYS A 1 17  ? -0.114  10.200  2.289   1.00 15.99 ? 17  CYS A O     1 
ATOM   111  C CB    . CYS A 1 17  ? -2.198  10.715  -0.296  1.00 21.26 ? 17  CYS A CB    1 
ATOM   112  S SG    . CYS A 1 17  ? -1.348  9.238   -0.915  1.00 23.95 ? 17  CYS A SG    1 
ATOM   113  N N     . SER A 1 18  ? -2.334  10.351  2.687   1.00 16.08 ? 18  SER A N     1 
ATOM   114  C CA    . SER A 1 18  ? -2.339  9.545   3.903   1.00 19.08 ? 18  SER A CA    1 
ATOM   115  C C     . SER A 1 18  ? -3.523  8.599   3.825   1.00 14.80 ? 18  SER A C     1 
ATOM   116  O O     . SER A 1 18  ? -4.590  8.996   3.390   1.00 17.58 ? 18  SER A O     1 
ATOM   117  C CB    . SER A 1 18  ? -2.462  10.432  5.149   1.00 20.14 ? 18  SER A CB    1 
ATOM   118  O OG    . SER A 1 18  ? -1.324  11.277  5.299   1.00 16.44 ? 18  SER A OG    1 
ATOM   119  N N     . PHE A 1 19  ? -3.333  7.350   4.243   1.00 18.05 ? 19  PHE A N     1 
ATOM   120  C CA    . PHE A 1 19  ? -4.412  6.363   4.167   1.00 14.96 ? 19  PHE A CA    1 
ATOM   121  C C     . PHE A 1 19  ? -4.183  5.192   5.114   1.00 15.40 ? 19  PHE A C     1 
ATOM   122  O O     . PHE A 1 19  ? -3.059  4.930   5.522   1.00 16.28 ? 19  PHE A O     1 
ATOM   123  C CB    . PHE A 1 19  ? -4.560  5.843   2.729   1.00 15.05 ? 19  PHE A CB    1 
ATOM   124  C CG    . PHE A 1 19  ? -3.279  5.285   2.139   1.00 13.83 ? 19  PHE A CG    1 
ATOM   125  C CD1   . PHE A 1 19  ? -2.880  3.984   2.413   1.00 16.19 ? 19  PHE A CD1   1 
ATOM   126  C CD2   . PHE A 1 19  ? -2.508  6.047   1.288   1.00 14.04 ? 19  PHE A CD2   1 
ATOM   127  C CE1   . PHE A 1 19  ? -1.701  3.468   1.868   1.00 15.39 ? 19  PHE A CE1   1 
ATOM   128  C CE2   . PHE A 1 19  ? -1.329  5.542   0.729   1.00 15.63 ? 19  PHE A CE2   1 
ATOM   129  C CZ    . PHE A 1 19  ? -0.936  4.244   1.015   1.00 16.25 ? 19  PHE A CZ    1 
ATOM   130  N N     . TYR A 1 20  ? -5.270  4.512   5.462   1.00 13.69 ? 20  TYR A N     1 
ATOM   131  C CA    . TYR A 1 20  ? -5.218  3.227   6.140   1.00 12.97 ? 20  TYR A CA    1 
ATOM   132  C C     . TYR A 1 20  ? -5.326  2.134   5.083   1.00 12.44 ? 20  TYR A C     1 
ATOM   133  O O     . TYR A 1 20  ? -6.028  2.295   4.091   1.00 14.87 ? 20  TYR A O     1 
ATOM   134  C CB    . TYR A 1 20  ? -6.390  3.092   7.123   1.00 14.89 ? 20  TYR A CB    1 
ATOM   135  C CG    . TYR A 1 20  ? -6.274  4.012   8.311   1.00 17.34 ? 20  TYR A CG    1 
ATOM   136  C CD1   . TYR A 1 20  ? -5.562  3.627   9.436   1.00 19.12 ? 20  TYR A CD1   1 
ATOM   137  C CD2   . TYR A 1 20  ? -6.858  5.267   8.297   1.00 23.91 ? 20  TYR A CD2   1 
ATOM   138  C CE1   . TYR A 1 20  ? -5.433  4.469   10.514  1.00 23.87 ? 20  TYR A CE1   1 
ATOM   139  C CE2   . TYR A 1 20  ? -6.743  6.116   9.378   1.00 24.43 ? 20  TYR A CE2   1 
ATOM   140  C CZ    . TYR A 1 20  ? -6.031  5.713   10.480  1.00 28.34 ? 20  TYR A CZ    1 
ATOM   141  O OH    . TYR A 1 20  ? -5.911  6.565   11.558  1.00 31.57 ? 20  TYR A OH    1 
ATOM   142  N N     . ALA A 1 21  ? -4.652  1.014   5.310   1.00 15.43 ? 21  ALA A N     1 
ATOM   143  C CA    . ALA A 1 21  ? -4.721  -0.092  4.364   1.00 13.85 ? 21  ALA A CA    1 
ATOM   144  C C     . ALA A 1 21  ? -4.361  -1.411  5.021   1.00 13.94 ? 21  ALA A C     1 
ATOM   145  O O     . ALA A 1 21  ? -3.762  -1.446  6.102   1.00 13.25 ? 21  ALA A O     1 
ATOM   146  C CB    . ALA A 1 21  ? -3.786  0.173   3.167   1.00 12.34 ? 21  ALA A CB    1 
ATOM   147  N N     . GLN A 1 22  ? -4.732  -2.495  4.350   1.00 10.43 ? 22  GLN A N     1 
ATOM   148  C CA    . GLN A 1 22  ? -4.285  -3.818  4.731   1.00 12.23 ? 22  GLN A CA    1 
ATOM   149  C C     . GLN A 1 22  ? -3.195  -4.304  3.784   1.00 15.25 ? 22  GLN A C     1 
ATOM   150  O O     . GLN A 1 22  ? -3.299  -4.160  2.554   1.00 12.81 ? 22  GLN A O     1 
ATOM   151  C CB    . GLN A 1 22  ? -5.442  -4.824  4.732   1.00 12.47 ? 22  GLN A CB    1 
ATOM   152  C CG    . GLN A 1 22  ? -5.038  -6.160  5.379   1.00 16.70 ? 22  GLN A CG    1 
ATOM   153  C CD    . GLN A 1 22  ? -6.226  -7.091  5.569   1.00 19.66 ? 22  GLN A CD    1 
ATOM   154  O OE1   . GLN A 1 22  ? -7.162  -7.072  4.781   1.00 20.73 ? 22  GLN A OE1   1 
ATOM   155  N NE2   . GLN A 1 22  ? -6.190  -7.898  6.621   1.00 19.28 ? 22  GLN A NE2   1 
ATOM   156  N N     . VAL A 1 23  ? -2.157  -4.884  4.365   1.00 11.72 ? 23  VAL A N     1 
ATOM   157  C CA    . VAL A 1 23  ? -1.053  -5.447  3.597   1.00 11.96 ? 23  VAL A CA    1 
ATOM   158  C C     . VAL A 1 23  ? -1.452  -6.801  3.019   1.00 14.43 ? 23  VAL A C     1 
ATOM   159  O O     . VAL A 1 23  ? -1.750  -7.735  3.763   1.00 16.69 ? 23  VAL A O     1 
ATOM   160  C CB    . VAL A 1 23  ? 0.193   -5.613  4.477   1.00 12.67 ? 23  VAL A CB    1 
ATOM   161  C CG1   . VAL A 1 23  ? 1.348   -6.186  3.662   1.00 11.67 ? 23  VAL A CG1   1 
ATOM   162  C CG2   . VAL A 1 23  ? 0.563   -4.280  5.104   1.00 13.89 ? 23  VAL A CG2   1 
ATOM   163  N N     . ILE A 1 24  ? -1.465  -6.904  1.690   1.00 11.09 ? 24  ILE A N     1 
ATOM   164  C CA    . ILE A 1 24  ? -1.819  -8.152  1.024   1.00 11.35 ? 24  ILE A CA    1 
ATOM   165  C C     . ILE A 1 24  ? -0.581  -9.004  0.763   1.00 14.25 ? 24  ILE A C     1 
ATOM   166  O O     . ILE A 1 24  ? -0.610  -10.224 0.927   1.00 14.95 ? 24  ILE A O     1 
ATOM   167  C CB    . ILE A 1 24  ? -2.560  -7.882  -0.299  1.00 15.70 ? 24  ILE A CB    1 
ATOM   168  C CG1   . ILE A 1 24  ? -3.853  -7.110  -0.031  1.00 14.04 ? 24  ILE A CG1   1 
ATOM   169  C CG2   . ILE A 1 24  ? -2.805  -9.192  -1.069  1.00 14.28 ? 24  ILE A CG2   1 
ATOM   170  C CD1   . ILE A 1 24  ? -4.780  -7.805  0.966   1.00 19.26 ? 24  ILE A CD1   1 
ATOM   171  N N     . LYS A 1 25  ? 0.513   -8.354  0.372   1.00 13.88 ? 25  LYS A N     1 
ATOM   172  C CA    . LYS A 1 25  ? 1.727   -9.068  0.005   1.00 12.80 ? 25  LYS A CA    1 
ATOM   173  C C     . LYS A 1 25  ? 2.967   -8.248  0.369   1.00 12.30 ? 25  LYS A C     1 
ATOM   174  O O     . LYS A 1 25  ? 2.943   -7.009  0.296   1.00 11.86 ? 25  LYS A O     1 
ATOM   175  C CB    . LYS A 1 25  ? 1.706   -9.355  -1.497  1.00 13.34 ? 25  LYS A CB    1 
ATOM   176  C CG    . LYS A 1 25  ? 2.989   -9.963  -2.076  1.00 15.73 ? 25  LYS A CG    1 
ATOM   177  C CD    . LYS A 1 25  ? 2.888   -10.052 -3.606  1.00 14.75 ? 25  LYS A CD    1 
ATOM   178  C CE    . LYS A 1 25  ? 4.146   -10.645 -4.244  1.00 15.53 ? 25  LYS A CE    1 
ATOM   179  N NZ    . LYS A 1 25  ? 4.460   -12.006 -3.736  1.00 17.76 ? 25  LYS A NZ    1 
ATOM   180  N N     . THR A 1 26  ? 4.032   -8.939  0.773   1.00 15.34 ? 26  THR A N     1 
ATOM   181  C CA    . THR A 1 26  ? 5.332   -8.303  0.980   1.00 12.29 ? 26  THR A CA    1 
ATOM   182  C C     . THR A 1 26  ? 6.380   -9.023  0.153   1.00 13.96 ? 26  THR A C     1 
ATOM   183  O O     . THR A 1 26  ? 6.249   -10.215 -0.138  1.00 15.21 ? 26  THR A O     1 
ATOM   184  C CB    . THR A 1 26  ? 5.797   -8.321  2.461   1.00 15.92 ? 26  THR A CB    1 
ATOM   185  O OG1   . THR A 1 26  ? 6.008   -9.677  2.895   1.00 16.95 ? 26  THR A OG1   1 
ATOM   186  C CG2   . THR A 1 26  ? 4.764   -7.663  3.337   1.00 13.35 ? 26  THR A CG2   1 
ATOM   187  N N     . TRP A 1 27  ? 7.414   -8.283  -0.227  1.00 12.18 ? 27  TRP A N     1 
ATOM   188  C CA    . TRP A 1 27  ? 8.563   -8.869  -0.901  1.00 11.61 ? 27  TRP A CA    1 
ATOM   189  C C     . TRP A 1 27  ? 9.814   -8.089  -0.512  1.00 15.09 ? 27  TRP A C     1 
ATOM   190  O O     . TRP A 1 27  ? 9.881   -6.882  -0.730  1.00 14.66 ? 27  TRP A O     1 
ATOM   191  C CB    . TRP A 1 27  ? 8.371   -8.847  -2.432  1.00 14.69 ? 27  TRP A CB    1 
ATOM   192  C CG    . TRP A 1 27  ? 9.500   -9.507  -3.133  1.00 14.33 ? 27  TRP A CG    1 
ATOM   193  C CD1   . TRP A 1 27  ? 10.521  -8.899  -3.798  1.00 17.61 ? 27  TRP A CD1   1 
ATOM   194  C CD2   . TRP A 1 27  ? 9.755   -10.916 -3.195  1.00 17.58 ? 27  TRP A CD2   1 
ATOM   195  N NE1   . TRP A 1 27  ? 11.396  -9.850  -4.292  1.00 18.42 ? 27  TRP A NE1   1 
ATOM   196  C CE2   . TRP A 1 27  ? 10.944  -11.094 -3.933  1.00 17.62 ? 27  TRP A CE2   1 
ATOM   197  C CE3   . TRP A 1 27  ? 9.083   -12.047 -2.707  1.00 14.33 ? 27  TRP A CE3   1 
ATOM   198  C CZ2   . TRP A 1 27  ? 11.478  -12.357 -4.195  1.00 18.25 ? 27  TRP A CZ2   1 
ATOM   199  C CZ3   . TRP A 1 27  ? 9.611   -13.302 -2.976  1.00 19.98 ? 27  TRP A CZ3   1 
ATOM   200  C CH2   . TRP A 1 27  ? 10.795  -13.444 -3.713  1.00 20.69 ? 27  TRP A CH2   1 
ATOM   201  N N     . TYR A 1 28  ? 10.800  -8.767  0.069   1.00 13.55 ? 28  TYR A N     1 
ATOM   202  C CA    . TYR A 1 28  ? 12.062  -8.106  0.367   1.00 19.49 ? 28  TYR A CA    1 
ATOM   203  C C     . TYR A 1 28  ? 13.111  -8.450  -0.679  1.00 18.63 ? 28  TYR A C     1 
ATOM   204  O O     . TYR A 1 28  ? 13.067  -9.520  -1.290  1.00 20.37 ? 28  TYR A O     1 
ATOM   205  C CB    . TYR A 1 28  ? 12.570  -8.442  1.776   1.00 17.30 ? 28  TYR A CB    1 
ATOM   206  C CG    . TYR A 1 28  ? 12.899  -9.904  2.018   1.00 17.22 ? 28  TYR A CG    1 
ATOM   207  C CD1   . TYR A 1 28  ? 14.122  -10.445 1.630   1.00 23.83 ? 28  TYR A CD1   1 
ATOM   208  C CD2   . TYR A 1 28  ? 11.992  -10.732 2.659   1.00 22.09 ? 28  TYR A CD2   1 
ATOM   209  C CE1   . TYR A 1 28  ? 14.416  -11.785 1.858   1.00 20.84 ? 28  TYR A CE1   1 
ATOM   210  C CE2   . TYR A 1 28  ? 12.277  -12.073 2.895   1.00 20.90 ? 28  TYR A CE2   1 
ATOM   211  C CZ    . TYR A 1 28  ? 13.486  -12.588 2.494   1.00 20.16 ? 28  TYR A CZ    1 
ATOM   212  O OH    . TYR A 1 28  ? 13.757  -13.921 2.744   1.00 29.07 ? 28  TYR A OH    1 
ATOM   213  N N     . SER A 1 29  ? 14.038  -7.526  -0.894  1.00 19.35 ? 29  SER A N     1 
ATOM   214  C CA    . SER A 1 29  ? 15.178  -7.760  -1.779  1.00 22.56 ? 29  SER A CA    1 
ATOM   215  C C     . SER A 1 29  ? 16.387  -7.031  -1.218  1.00 21.23 ? 29  SER A C     1 
ATOM   216  O O     . SER A 1 29  ? 16.285  -6.326  -0.223  1.00 19.66 ? 29  SER A O     1 
ATOM   217  C CB    . SER A 1 29  ? 14.902  -7.261  -3.196  1.00 21.67 ? 29  SER A CB    1 
ATOM   218  O OG    . SER A 1 29  ? 15.089  -5.857  -3.291  1.00 23.21 ? 29  SER A OG    1 
ATOM   219  N N     . ASP A 1 30  ? 17.531  -7.200  -1.874  1.00 27.59 ? 30  ASP A N     1 
ATOM   220  C CA    . ASP A 1 30  ? 18.768  -6.542  -1.472  1.00 29.95 ? 30  ASP A CA    1 
ATOM   221  C C     . ASP A 1 30  ? 18.705  -5.042  -1.698  1.00 26.70 ? 30  ASP A C     1 
ATOM   222  O O     . ASP A 1 30  ? 19.539  -4.302  -1.178  1.00 33.86 ? 30  ASP A O     1 
ATOM   223  C CB    . ASP A 1 30  ? 19.943  -7.106  -2.277  1.00 33.59 ? 30  ASP A CB    1 
ATOM   224  C CG    . ASP A 1 30  ? 20.415  -8.449  -1.765  1.00 39.48 ? 30  ASP A CG    1 
ATOM   225  O OD1   . ASP A 1 30  ? 19.747  -9.022  -0.879  1.00 40.35 ? 30  ASP A OD1   1 
ATOM   226  O OD2   . ASP A 1 30  ? 21.460  -8.934  -2.254  1.00 49.23 ? 30  ASP A OD2   1 
ATOM   227  N N     . LYS A 1 31  ? 17.727  -4.598  -2.483  1.00 22.22 ? 31  LYS A N     1 
ATOM   228  C CA    . LYS A 1 31  ? 17.637  -3.195  -2.887  1.00 26.23 ? 31  LYS A CA    1 
ATOM   229  C C     . LYS A 1 31  ? 16.614  -2.390  -2.093  1.00 18.65 ? 31  LYS A C     1 
ATOM   230  O O     . LYS A 1 31  ? 16.810  -1.209  -1.817  1.00 17.55 ? 31  LYS A O     1 
ATOM   231  C CB    . LYS A 1 31  ? 17.290  -3.095  -4.378  1.00 27.58 ? 31  LYS A CB    1 
ATOM   232  C CG    . LYS A 1 31  ? 18.366  -3.641  -5.311  1.00 38.82 ? 31  LYS A CG    1 
ATOM   233  C CD    . LYS A 1 31  ? 19.723  -3.005  -5.008  1.00 39.47 ? 31  LYS A CD    1 
ATOM   234  C CE    . LYS A 1 31  ? 20.782  -3.462  -6.008  1.00 53.14 ? 31  LYS A CE    1 
ATOM   235  N NZ    . LYS A 1 31  ? 22.081  -2.769  -5.782  1.00 55.41 ? 31  LYS A NZ    1 
ATOM   236  N N     . ASN A 1 32  ? 15.511  -3.038  -1.743  1.00 19.99 ? 32  ASN A N     1 
ATOM   237  C CA    . ASN A 1 32  ? 14.389  -2.337  -1.128  1.00 15.88 ? 32  ASN A CA    1 
ATOM   238  C C     . ASN A 1 32  ? 13.390  -3.316  -0.533  1.00 15.50 ? 32  ASN A C     1 
ATOM   239  O O     . ASN A 1 32  ? 13.599  -4.530  -0.591  1.00 15.08 ? 32  ASN A O     1 
ATOM   240  C CB    . ASN A 1 32  ? 13.703  -1.443  -2.166  1.00 16.11 ? 32  ASN A CB    1 
ATOM   241  C CG    . ASN A 1 32  ? 13.231  -2.221  -3.394  1.00 20.89 ? 32  ASN A CG    1 
ATOM   242  O OD1   . ASN A 1 32  ? 12.764  -3.355  -3.288  1.00 21.21 ? 32  ASN A OD1   1 
ATOM   243  N ND2   . ASN A 1 32  ? 13.342  -1.601  -4.565  1.00 19.55 ? 32  ASN A ND2   1 
ATOM   244  N N     . PHE A 1 33  ? 12.315  -2.788  0.048   1.00 12.93 ? 33  PHE A N     1 
ATOM   245  C CA    . PHE A 1 33  ? 11.257  -3.632  0.603   1.00 12.08 ? 33  PHE A CA    1 
ATOM   246  C C     . PHE A 1 33  ? 9.954   -3.224  -0.054  1.00 14.94 ? 33  PHE A C     1 
ATOM   247  O O     . PHE A 1 33  ? 9.663   -2.034  -0.169  1.00 14.59 ? 33  PHE A O     1 
ATOM   248  C CB    . PHE A 1 33  ? 11.159  -3.461  2.123   1.00 11.55 ? 33  PHE A CB    1 
ATOM   249  C CG    . PHE A 1 33  ? 10.144  -4.369  2.775   1.00 13.05 ? 33  PHE A CG    1 
ATOM   250  C CD1   . PHE A 1 33  ? 10.224  -5.748  2.630   1.00 15.57 ? 33  PHE A CD1   1 
ATOM   251  C CD2   . PHE A 1 33  ? 9.117   -3.839  3.543   1.00 14.10 ? 33  PHE A CD2   1 
ATOM   252  C CE1   . PHE A 1 33  ? 9.293   -6.592  3.246   1.00 17.42 ? 33  PHE A CE1   1 
ATOM   253  C CE2   . PHE A 1 33  ? 8.180   -4.664  4.145   1.00 16.25 ? 33  PHE A CE2   1 
ATOM   254  C CZ    . PHE A 1 33  ? 8.265   -6.050  3.994   1.00 17.49 ? 33  PHE A CZ    1 
ATOM   255  N N     . THR A 1 34  ? 9.186   -4.204  -0.516  1.00 12.14 ? 34  THR A N     1 
ATOM   256  C CA    . THR A 1 34  ? 7.957   -3.924  -1.269  1.00 13.83 ? 34  THR A CA    1 
ATOM   257  C C     . THR A 1 34  ? 6.709   -4.395  -0.534  1.00 13.19 ? 34  THR A C     1 
ATOM   258  O O     . THR A 1 34  ? 6.685   -5.503  -0.004  1.00 14.42 ? 34  THR A O     1 
ATOM   259  C CB    . THR A 1 34  ? 7.990   -4.600  -2.654  1.00 16.38 ? 34  THR A CB    1 
ATOM   260  O OG1   . THR A 1 34  ? 9.086   -4.072  -3.411  1.00 17.29 ? 34  THR A OG1   1 
ATOM   261  C CG2   . THR A 1 34  ? 6.682   -4.348  -3.408  1.00 15.88 ? 34  THR A CG2   1 
ATOM   262  N N     . LEU A 1 35  ? 5.679   -3.545  -0.506  1.00 11.97 ? 35  LEU A N     1 
ATOM   263  C CA    . LEU A 1 35  ? 4.371   -3.891  0.045   1.00 13.43 ? 35  LEU A CA    1 
ATOM   264  C C     . LEU A 1 35  ? 3.339   -3.744  -1.054  1.00 13.34 ? 35  LEU A C     1 
ATOM   265  O O     . LEU A 1 35  ? 3.489   -2.894  -1.938  1.00 15.46 ? 35  LEU A O     1 
ATOM   266  C CB    . LEU A 1 35  ? 3.962   -2.903  1.147   1.00 12.98 ? 35  LEU A CB    1 
ATOM   267  C CG    . LEU A 1 35  ? 4.843   -2.683  2.370   1.00 15.74 ? 35  LEU A CG    1 
ATOM   268  C CD1   . LEU A 1 35  ? 4.171   -1.640  3.239   1.00 20.24 ? 35  LEU A CD1   1 
ATOM   269  C CD2   . LEU A 1 35  ? 5.016   -3.976  3.138   1.00 18.14 ? 35  LEU A CD2   1 
ATOM   270  N N     . TYR A 1 36  ? 2.289   -4.556  -1.000  1.00 11.31 ? 36  TYR A N     1 
ATOM   271  C CA    . TYR A 1 36  ? 1.112   -4.370  -1.837  1.00 12.18 ? 36  TYR A CA    1 
ATOM   272  C C     . TYR A 1 36  ? -0.004  -4.191  -0.830  1.00 13.60 ? 36  TYR A C     1 
ATOM   273  O O     . TYR A 1 36  ? -0.192  -5.055  0.027   1.00 13.50 ? 36  TYR A O     1 
ATOM   274  C CB    . TYR A 1 36  ? 0.837   -5.611  -2.708  1.00 10.81 ? 36  TYR A CB    1 
ATOM   275  C CG    . TYR A 1 36  ? 1.927   -5.873  -3.727  1.00 12.55 ? 36  TYR A CG    1 
ATOM   276  C CD1   . TYR A 1 36  ? 3.179   -6.311  -3.326  1.00 14.34 ? 36  TYR A CD1   1 
ATOM   277  C CD2   . TYR A 1 36  ? 1.704   -5.677  -5.087  1.00 20.09 ? 36  TYR A CD2   1 
ATOM   278  C CE1   . TYR A 1 36  ? 4.190   -6.538  -4.245  1.00 15.97 ? 36  TYR A CE1   1 
ATOM   279  C CE2   . TYR A 1 36  ? 2.707   -5.912  -6.012  1.00 17.18 ? 36  TYR A CE2   1 
ATOM   280  C CZ    . TYR A 1 36  ? 3.950   -6.333  -5.584  1.00 17.02 ? 36  TYR A CZ    1 
ATOM   281  O OH    . TYR A 1 36  ? 4.963   -6.567  -6.493  1.00 20.60 ? 36  TYR A OH    1 
ATOM   282  N N     . VAL A 1 37  ? -0.690  -3.051  -0.875  1.00 9.80  ? 37  VAL A N     1 
ATOM   283  C CA    . VAL A 1 37  ? -1.709  -2.738  0.126   1.00 10.30 ? 37  VAL A CA    1 
ATOM   284  C C     . VAL A 1 37  ? -3.050  -2.373  -0.547  1.00 12.38 ? 37  VAL A C     1 
ATOM   285  O O     . VAL A 1 37  ? -3.085  -1.946  -1.705  1.00 12.93 ? 37  VAL A O     1 
ATOM   286  C CB    . VAL A 1 37  ? -1.257  -1.587  1.056   1.00 11.04 ? 37  VAL A CB    1 
ATOM   287  C CG1   . VAL A 1 37  ? 0.133   -1.891  1.667   1.00 12.01 ? 37  VAL A CG1   1 
ATOM   288  C CG2   . VAL A 1 37  ? -1.231  -0.271  0.296   1.00 16.43 ? 37  VAL A CG2   1 
ATOM   289  N N     . THR A 1 38  ? -4.152  -2.549  0.182   1.00 12.20 ? 38  THR A N     1 
ATOM   290  C CA    . THR A 1 38  ? -5.483  -2.286  -0.368  1.00 11.60 ? 38  THR A CA    1 
ATOM   291  C C     . THR A 1 38  ? -6.379  -1.769  0.752   1.00 12.63 ? 38  THR A C     1 
ATOM   292  O O     . THR A 1 38  ? -6.167  -2.109  1.906   1.00 13.50 ? 38  THR A O     1 
ATOM   293  C CB    . THR A 1 38  ? -6.122  -3.594  -0.914  1.00 13.15 ? 38  THR A CB    1 
ATOM   294  O OG1   . THR A 1 38  ? -7.353  -3.305  -1.599  1.00 12.93 ? 38  THR A OG1   1 
ATOM   295  C CG2   . THR A 1 38  ? -6.368  -4.587  0.216   1.00 14.22 ? 38  THR A CG2   1 
ATOM   296  N N     . ASP A 1 39  ? -7.358  -0.935  0.421   1.00 12.48 ? 39  ASP A N     1 
ATOM   297  C CA    . ASP A 1 39  ? -8.437  -0.672  1.369   1.00 15.30 ? 39  ASP A CA    1 
ATOM   298  C C     . ASP A 1 39  ? -9.755  -1.113  0.759   1.00 14.63 ? 39  ASP A C     1 
ATOM   299  O O     . ASP A 1 39  ? -10.821 -0.684  1.186   1.00 17.78 ? 39  ASP A O     1 
ATOM   300  C CB    . ASP A 1 39  ? -8.476  0.801   1.825   1.00 15.94 ? 39  ASP A CB    1 
ATOM   301  C CG    . ASP A 1 39  ? -8.802  1.765   0.699   1.00 15.76 ? 39  ASP A CG    1 
ATOM   302  O OD1   . ASP A 1 39  ? -9.089  1.307   -0.429  1.00 15.16 ? 39  ASP A OD1   1 
ATOM   303  O OD2   . ASP A 1 39  ? -8.798  2.997   0.957   1.00 16.09 ? 39  ASP A OD2   1 
ATOM   304  N N     . TYR A 1 40  ? -9.666  -1.982  -0.244  1.00 15.22 ? 40  TYR A N     1 
ATOM   305  C CA    . TYR A 1 40  ? -10.844 -2.463  -0.985  1.00 14.59 ? 40  TYR A CA    1 
ATOM   306  C C     . TYR A 1 40  ? -11.658 -1.368  -1.675  1.00 19.33 ? 40  TYR A C     1 
ATOM   307  O O     . TYR A 1 40  ? -12.888 -1.453  -1.769  1.00 20.05 ? 40  TYR A O     1 
ATOM   308  C CB    . TYR A 1 40  ? -11.706 -3.371  -0.098  1.00 19.57 ? 40  TYR A CB    1 
ATOM   309  C CG    . TYR A 1 40  ? -10.944 -4.624  0.241   1.00 17.42 ? 40  TYR A CG    1 
ATOM   310  C CD1   . TYR A 1 40  ? -10.866 -5.678  -0.670  1.00 17.28 ? 40  TYR A CD1   1 
ATOM   311  C CD2   . TYR A 1 40  ? -10.244 -4.730  1.428   1.00 17.44 ? 40  TYR A CD2   1 
ATOM   312  C CE1   . TYR A 1 40  ? -10.132 -6.820  -0.378  1.00 19.42 ? 40  TYR A CE1   1 
ATOM   313  C CE2   . TYR A 1 40  ? -9.505  -5.866  1.724   1.00 19.73 ? 40  TYR A CE2   1 
ATOM   314  C CZ    . TYR A 1 40  ? -9.448  -6.899  0.819   1.00 17.68 ? 40  TYR A CZ    1 
ATOM   315  O OH    . TYR A 1 40  ? -8.718  -8.029  1.130   1.00 23.17 ? 40  TYR A OH    1 
ATOM   316  N N     . THR A 1 41  ? -10.962 -0.335  -2.153  1.00 18.38 ? 41  THR A N     1 
ATOM   317  C CA    . THR A 1 41  ? -11.562 0.624   -3.068  1.00 19.19 ? 41  THR A CA    1 
ATOM   318  C C     . THR A 1 41  ? -10.753 0.632   -4.349  1.00 18.80 ? 41  THR A C     1 
ATOM   319  O O     . THR A 1 41  ? -9.557  0.324   -4.346  1.00 18.54 ? 41  THR A O     1 
ATOM   320  C CB    . THR A 1 41  ? -11.648 2.064   -2.499  1.00 17.96 ? 41  THR A CB    1 
ATOM   321  O OG1   . THR A 1 41  ? -10.326 2.588   -2.282  1.00 17.71 ? 41  THR A OG1   1 
ATOM   322  C CG2   . THR A 1 41  ? -12.438 2.073   -1.200  1.00 18.67 ? 41  THR A CG2   1 
ATOM   323  N N     . GLU A 1 42  ? -11.416 0.970   -5.444  1.00 15.03 ? 42  GLU A N     1 
ATOM   324  C CA    . GLU A 1 42  ? -10.837 0.824   -6.778  1.00 22.57 ? 42  GLU A CA    1 
ATOM   325  C C     . GLU A 1 42  ? -10.196 2.119   -7.264  1.00 18.57 ? 42  GLU A C     1 
ATOM   326  O O     . GLU A 1 42  ? -10.741 3.202   -7.062  1.00 17.23 ? 42  GLU A O     1 
ATOM   327  C CB    . GLU A 1 42  ? -11.933 0.372   -7.755  1.00 19.33 ? 42  GLU A CB    1 
ATOM   328  C CG    . GLU A 1 42  ? -11.468 -0.004  -9.152  1.00 23.88 ? 42  GLU A CG    1 
ATOM   329  C CD    . GLU A 1 42  ? -12.602 -0.624  -9.959  1.00 23.88 ? 42  GLU A CD    1 
ATOM   330  O OE1   . GLU A 1 42  ? -13.757 -0.544  -9.481  1.00 29.69 ? 42  GLU A OE1   1 
ATOM   331  O OE2   . GLU A 1 42  ? -12.353 -1.183  -11.049 1.00 27.43 ? 42  GLU A OE2   1 
ATOM   332  N N     . ASN A 1 43  ? -9.034  2.010   -7.897  1.00 13.86 ? 43  ASN A N     1 
ATOM   333  C CA    . ASN A 1 43  ? -8.394  3.179   -8.489  1.00 16.95 ? 43  ASN A CA    1 
ATOM   334  C C     . ASN A 1 43  ? -7.992  2.883   -9.935  1.00 19.62 ? 43  ASN A C     1 
ATOM   335  O O     . ASN A 1 43  ? -7.316  1.890   -10.216 1.00 13.75 ? 43  ASN A O     1 
ATOM   336  C CB    . ASN A 1 43  ? -7.186  3.625   -7.648  1.00 14.83 ? 43  ASN A CB    1 
ATOM   337  C CG    . ASN A 1 43  ? -6.609  4.952   -8.104  1.00 19.20 ? 43  ASN A CG    1 
ATOM   338  O OD1   . ASN A 1 43  ? -6.244  5.120   -9.266  1.00 17.35 ? 43  ASN A OD1   1 
ATOM   339  N ND2   . ASN A 1 43  ? -6.526  5.908   -7.181  1.00 18.45 ? 43  ASN A ND2   1 
ATOM   340  N N     . GLU A 1 44  ? -8.403  3.759   -10.846 1.00 19.74 ? 44  GLU A N     1 
ATOM   341  C CA    . GLU A 1 44  ? -8.211  3.530   -12.279 1.00 22.37 ? 44  GLU A CA    1 
ATOM   342  C C     . GLU A 1 44  ? -6.753  3.391   -12.717 1.00 23.16 ? 44  GLU A C     1 
ATOM   343  O O     . GLU A 1 44  ? -6.473  2.883   -13.806 1.00 18.23 ? 44  GLU A O     1 
ATOM   344  C CB    . GLU A 1 44  ? -8.873  4.647   -13.092 1.00 23.62 ? 44  GLU A CB    1 
ATOM   345  C CG    . GLU A 1 44  ? -10.384 4.726   -12.919 1.00 39.22 ? 44  GLU A CG    1 
ATOM   346  C CD    . GLU A 1 44  ? -11.055 3.371   -12.966 1.00 43.24 ? 44  GLU A CD    1 
ATOM   347  O OE1   . GLU A 1 44  ? -10.564 2.476   -13.697 1.00 46.91 ? 44  GLU A OE1   1 
ATOM   348  O OE2   . GLU A 1 44  ? -12.074 3.200   -12.257 1.00 50.78 ? 44  GLU A OE2   1 
ATOM   349  N N     . LEU A 1 45  ? -5.824  3.852   -11.892 1.00 17.43 ? 45  LEU A N     1 
ATOM   350  C CA    . LEU A 1 45  ? -4.411  3.736   -12.239 1.00 14.61 ? 45  LEU A CA    1 
ATOM   351  C C     . LEU A 1 45  ? -3.678  2.579   -11.556 1.00 14.52 ? 45  LEU A C     1 
ATOM   352  O O     . LEU A 1 45  ? -2.481  2.389   -11.780 1.00 16.62 ? 45  LEU A O     1 
ATOM   353  C CB    . LEU A 1 45  ? -3.681  5.050   -11.967 1.00 20.43 ? 45  LEU A CB    1 
ATOM   354  C CG    . LEU A 1 45  ? -4.201  6.237   -12.771 1.00 22.81 ? 45  LEU A CG    1 
ATOM   355  C CD1   . LEU A 1 45  ? -3.563  7.519   -12.250 1.00 25.80 ? 45  LEU A CD1   1 
ATOM   356  C CD2   . LEU A 1 45  ? -3.917  6.029   -14.254 1.00 21.59 ? 45  LEU A CD2   1 
ATOM   357  N N     . PHE A 1 46  ? -4.369  1.815   -10.712 1.00 11.91 ? 46  PHE A N     1 
ATOM   358  C CA    . PHE A 1 46  ? -3.721  0.668   -10.072 1.00 12.41 ? 46  PHE A CA    1 
ATOM   359  C C     . PHE A 1 46  ? -3.562  -0.439  -11.115 1.00 12.75 ? 46  PHE A C     1 
ATOM   360  O O     . PHE A 1 46  ? -4.278  -0.461  -12.116 1.00 16.78 ? 46  PHE A O     1 
ATOM   361  C CB    . PHE A 1 46  ? -4.547  0.139   -8.889  1.00 13.48 ? 46  PHE A CB    1 
ATOM   362  C CG    . PHE A 1 46  ? -4.583  1.066   -7.671  1.00 13.38 ? 46  PHE A CG    1 
ATOM   363  C CD1   . PHE A 1 46  ? -3.815  2.218   -7.609  1.00 14.56 ? 46  PHE A CD1   1 
ATOM   364  C CD2   . PHE A 1 46  ? -5.377  0.744   -6.582  1.00 12.46 ? 46  PHE A CD2   1 
ATOM   365  C CE1   . PHE A 1 46  ? -3.856  3.048   -6.470  1.00 14.84 ? 46  PHE A CE1   1 
ATOM   366  C CE2   . PHE A 1 46  ? -5.433  1.554   -5.457  1.00 12.70 ? 46  PHE A CE2   1 
ATOM   367  C CZ    . PHE A 1 46  ? -4.672  2.719   -5.398  1.00 11.93 ? 46  PHE A CZ    1 
ATOM   368  N N     . PHE A 1 47  ? -2.642  -1.368  -10.888 1.00 10.82 ? 47  PHE A N     1 
ATOM   369  C CA    . PHE A 1 47  ? -2.471  -2.469  -11.838 1.00 11.06 ? 47  PHE A CA    1 
ATOM   370  C C     . PHE A 1 47  ? -3.622  -3.467  -11.680 1.00 11.25 ? 47  PHE A C     1 
ATOM   371  O O     . PHE A 1 47  ? -4.013  -3.773  -10.555 1.00 13.40 ? 47  PHE A O     1 
ATOM   372  C CB    . PHE A 1 47  ? -1.127  -3.180  -11.608 1.00 13.65 ? 47  PHE A CB    1 
ATOM   373  C CG    . PHE A 1 47  ? -0.856  -4.265  -12.603 1.00 14.59 ? 47  PHE A CG    1 
ATOM   374  C CD1   . PHE A 1 47  ? -1.195  -5.583  -12.330 1.00 15.18 ? 47  PHE A CD1   1 
ATOM   375  C CD2   . PHE A 1 47  ? -0.291  -3.962  -13.832 1.00 17.70 ? 47  PHE A CD2   1 
ATOM   376  C CE1   . PHE A 1 47  ? -0.966  -6.582  -13.268 1.00 15.29 ? 47  PHE A CE1   1 
ATOM   377  C CE2   . PHE A 1 47  ? -0.062  -4.948  -14.773 1.00 17.09 ? 47  PHE A CE2   1 
ATOM   378  C CZ    . PHE A 1 47  ? -0.395  -6.259  -14.491 1.00 18.20 ? 47  PHE A CZ    1 
ATOM   379  N N     . PRO A 1 48  ? -4.184  -3.967  -12.799 1.00 13.74 ? 48  PRO A N     1 
ATOM   380  C CA    . PRO A 1 48  ? -5.281  -4.939  -12.658 1.00 13.29 ? 48  PRO A CA    1 
ATOM   381  C C     . PRO A 1 48  ? -4.739  -6.343  -12.373 1.00 13.96 ? 48  PRO A C     1 
ATOM   382  O O     . PRO A 1 48  ? -4.213  -7.019  -13.259 1.00 12.90 ? 48  PRO A O     1 
ATOM   383  C CB    . PRO A 1 48  ? -6.002  -4.868  -14.008 1.00 11.51 ? 48  PRO A CB    1 
ATOM   384  C CG    . PRO A 1 48  ? -4.930  -4.411  -14.983 1.00 17.27 ? 48  PRO A CG    1 
ATOM   385  C CD    . PRO A 1 48  ? -3.933  -3.587  -14.203 1.00 15.67 ? 48  PRO A CD    1 
ATOM   386  N N     . MET A 1 49  ? -4.837  -6.769  -11.118 1.00 13.19 ? 49  MET A N     1 
ATOM   387  C CA    . MET A 1 49  ? -4.322  -8.082  -10.739 1.00 15.04 ? 49  MET A CA    1 
ATOM   388  C C     . MET A 1 49  ? -5.217  -9.177  -11.323 1.00 13.11 ? 49  MET A C     1 
ATOM   389  O O     . MET A 1 49  ? -6.437  -9.146  -11.149 1.00 14.07 ? 49  MET A O     1 
ATOM   390  C CB    . MET A 1 49  ? -4.247  -8.210  -9.213  1.00 15.29 ? 49  MET A CB    1 
ATOM   391  C CG    . MET A 1 49  ? -3.295  -7.219  -8.568  1.00 16.89 ? 49  MET A CG    1 
ATOM   392  S SD    . MET A 1 49  ? -1.573  -7.490  -9.064  1.00 15.99 ? 49  MET A SD    1 
ATOM   393  C CE    . MET A 1 49  ? -1.157  -8.940  -8.108  1.00 18.73 ? 49  MET A CE    1 
ATOM   394  N N     . SER A 1 50  ? -4.611  -10.140 -12.009 1.00 15.41 ? 50  SER A N     1 
ATOM   395  C CA    . SER A 1 50  ? -5.368  -11.180 -12.708 1.00 14.15 ? 50  SER A CA    1 
ATOM   396  C C     . SER A 1 50  ? -5.644  -12.430 -11.865 1.00 12.48 ? 50  SER A C     1 
ATOM   397  O O     . SER A 1 50  ? -4.740  -12.984 -11.256 1.00 15.16 ? 50  SER A O     1 
ATOM   398  C CB    . SER A 1 50  ? -4.613  -11.618 -13.964 1.00 14.99 ? 50  SER A CB    1 
ATOM   399  O OG    . SER A 1 50  ? -5.277  -12.710 -14.576 1.00 17.03 ? 50  SER A OG    1 
ATOM   400  N N     . PRO A 1 51  ? -6.893  -12.912 -11.883 1.00 13.59 ? 51  PRO A N     1 
ATOM   401  C CA    . PRO A 1 51  ? -7.235  -14.174 -11.214 1.00 15.23 ? 51  PRO A CA    1 
ATOM   402  C C     . PRO A 1 51  ? -6.773  -15.407 -12.016 1.00 19.42 ? 51  PRO A C     1 
ATOM   403  O O     . PRO A 1 51  ? -6.921  -16.528 -11.532 1.00 19.38 ? 51  PRO A O     1 
ATOM   404  C CB    . PRO A 1 51  ? -8.766  -14.137 -11.154 1.00 14.61 ? 51  PRO A CB    1 
ATOM   405  C CG    . PRO A 1 51  ? -9.175  -13.247 -12.281 1.00 16.95 ? 51  PRO A CG    1 
ATOM   406  C CD    . PRO A 1 51  ? -8.043  -12.287 -12.555 1.00 13.65 ? 51  PRO A CD    1 
ATOM   407  N N     . TYR A 1 52  ? -6.205  -15.205 -13.202 1.00 13.46 ? 52  TYR A N     1 
ATOM   408  C CA    . TYR A 1 52  ? -5.900  -16.318 -14.095 1.00 16.47 ? 52  TYR A CA    1 
ATOM   409  C C     . TYR A 1 52  ? -4.442  -16.762 -14.102 1.00 21.59 ? 52  TYR A C     1 
ATOM   410  O O     . TYR A 1 52  ? -4.094  -17.757 -14.732 1.00 19.36 ? 52  TYR A O     1 
ATOM   411  C CB    . TYR A 1 52  ? -6.314  -15.962 -15.524 1.00 16.11 ? 52  TYR A CB    1 
ATOM   412  C CG    . TYR A 1 52  ? -7.680  -15.332 -15.577 1.00 17.52 ? 52  TYR A CG    1 
ATOM   413  C CD1   . TYR A 1 52  ? -8.761  -15.934 -14.956 1.00 15.92 ? 52  TYR A CD1   1 
ATOM   414  C CD2   . TYR A 1 52  ? -7.884  -14.115 -16.224 1.00 16.66 ? 52  TYR A CD2   1 
ATOM   415  C CE1   . TYR A 1 52  ? -10.012 -15.362 -14.995 1.00 16.31 ? 52  TYR A CE1   1 
ATOM   416  C CE2   . TYR A 1 52  ? -9.134  -13.526 -16.258 1.00 14.49 ? 52  TYR A CE2   1 
ATOM   417  C CZ    . TYR A 1 52  ? -10.194 -14.155 -15.642 1.00 16.96 ? 52  TYR A CZ    1 
ATOM   418  O OH    . TYR A 1 52  ? -11.436 -13.573 -15.671 1.00 15.37 ? 52  TYR A OH    1 
ATOM   419  N N     . THR A 1 53  ? -3.593  -16.016 -13.410 1.00 18.89 ? 53  THR A N     1 
ATOM   420  C CA    . THR A 1 53  ? -2.170  -16.320 -13.374 1.00 17.90 ? 53  THR A CA    1 
ATOM   421  C C     . THR A 1 53  ? -1.933  -17.772 -12.974 1.00 19.94 ? 53  THR A C     1 
ATOM   422  O O     . THR A 1 53  ? -2.417  -18.217 -11.939 1.00 23.15 ? 53  THR A O     1 
ATOM   423  C CB    . THR A 1 53  ? -1.466  -15.362 -12.423 1.00 20.54 ? 53  THR A CB    1 
ATOM   424  O OG1   . THR A 1 53  ? -1.697  -14.028 -12.892 1.00 13.90 ? 53  THR A OG1   1 
ATOM   425  C CG2   . THR A 1 53  ? 0.040   -15.647 -12.376 1.00 21.87 ? 53  THR A CG2   1 
ATOM   426  N N     . SER A 1 54  ? -1.213  -18.509 -13.819 1.00 29.21 ? 54  SER A N     1 
ATOM   427  C CA    . SER A 1 54  ? -0.991  -19.940 -13.609 1.00 33.90 ? 54  SER A CA    1 
ATOM   428  C C     . SER A 1 54  ? -0.395  -20.208 -12.229 1.00 34.11 ? 54  SER A C     1 
ATOM   429  O O     . SER A 1 54  ? -0.862  -21.078 -11.496 1.00 33.22 ? 54  SER A O     1 
ATOM   430  C CB    . SER A 1 54  ? -0.114  -20.535 -14.716 1.00 37.11 ? 54  SER A CB    1 
ATOM   431  O OG    . SER A 1 54  ? 0.984   -19.705 -15.027 1.00 43.12 ? 54  SER A OG    1 
ATOM   432  N N     . SER A 1 55  ? 0.625   -19.441 -11.864 1.00 23.88 ? 55  SER A N     1 
ATOM   433  C CA    . SER A 1 55  ? 1.219   -19.604 -10.547 1.00 24.30 ? 55  SER A CA    1 
ATOM   434  C C     . SER A 1 55  ? 1.313   -18.273 -9.832  1.00 22.63 ? 55  SER A C     1 
ATOM   435  O O     . SER A 1 55  ? 2.001   -17.362 -10.296 1.00 21.49 ? 55  SER A O     1 
ATOM   436  C CB    . SER A 1 55  ? 2.604   -20.247 -10.648 1.00 30.50 ? 55  SER A CB    1 
ATOM   437  O OG    . SER A 1 55  ? 3.126   -20.466 -9.352  1.00 31.83 ? 55  SER A OG    1 
ATOM   438  N N     . SER A 1 56  ? 0.612   -18.175 -8.704  1.00 21.22 ? 56  SER A N     1 
ATOM   439  C CA    . SER A 1 56  ? 0.670   -16.991 -7.854  1.00 19.98 ? 56  SER A CA    1 
ATOM   440  C C     . SER A 1 56  ? 0.004   -17.252 -6.514  1.00 23.12 ? 56  SER A C     1 
ATOM   441  O O     . SER A 1 56  ? -1.032  -17.920 -6.441  1.00 24.54 ? 56  SER A O     1 
ATOM   442  C CB    . SER A 1 56  ? -0.011  -15.798 -8.534  1.00 20.23 ? 56  SER A CB    1 
ATOM   443  O OG    . SER A 1 56  ? -0.108  -14.701 -7.641  1.00 20.48 ? 56  SER A OG    1 
ATOM   444  N N     . ARG A 1 57  ? 0.592   -16.707 -5.455  1.00 20.36 ? 57  ARG A N     1 
ATOM   445  C CA    . ARG A 1 57  ? 0.028   -16.855 -4.113  1.00 21.99 ? 57  ARG A CA    1 
ATOM   446  C C     . ARG A 1 57  ? -0.949  -15.725 -3.773  1.00 22.50 ? 57  ARG A C     1 
ATOM   447  O O     . ARG A 1 57  ? -1.482  -15.664 -2.671  1.00 25.87 ? 57  ARG A O     1 
ATOM   448  C CB    . ARG A 1 57  ? 1.143   -16.940 -3.067  1.00 25.96 ? 57  ARG A CB    1 
ATOM   449  C CG    . ARG A 1 57  ? 2.108   -18.087 -3.325  1.00 35.63 ? 57  ARG A CG    1 
ATOM   450  C CD    . ARG A 1 57  ? 2.011   -19.178 -2.272  1.00 40.19 ? 57  ARG A CD    1 
ATOM   451  N NE    . ARG A 1 57  ? 2.914   -18.938 -1.149  1.00 43.33 ? 57  ARG A NE    1 
ATOM   452  C CZ    . ARG A 1 57  ? 4.131   -19.471 -1.032  1.00 42.93 ? 57  ARG A CZ    1 
ATOM   453  N NH1   . ARG A 1 57  ? 4.601   -20.283 -1.971  1.00 43.16 ? 57  ARG A NH1   1 
ATOM   454  N NH2   . ARG A 1 57  ? 4.878   -19.193 0.031   1.00 38.73 ? 57  ARG A NH2   1 
ATOM   455  N N     . TRP A 1 58  ? -1.179  -14.839 -4.730  1.00 20.41 ? 58  TRP A N     1 
ATOM   456  C CA    . TRP A 1 58  ? -2.161  -13.778 -4.578  1.00 18.82 ? 58  TRP A CA    1 
ATOM   457  C C     . TRP A 1 58  ? -3.552  -14.407 -4.604  1.00 22.23 ? 58  TRP A C     1 
ATOM   458  O O     . TRP A 1 58  ? -3.890  -15.151 -5.533  1.00 28.27 ? 58  TRP A O     1 
ATOM   459  C CB    . TRP A 1 58  ? -2.047  -12.802 -5.749  1.00 18.63 ? 58  TRP A CB    1 
ATOM   460  C CG    . TRP A 1 58  ? -2.831  -11.520 -5.601  1.00 18.06 ? 58  TRP A CG    1 
ATOM   461  C CD1   . TRP A 1 58  ? -4.122  -11.290 -5.993  1.00 20.16 ? 58  TRP A CD1   1 
ATOM   462  C CD2   . TRP A 1 58  ? -2.354  -10.283 -5.044  1.00 16.11 ? 58  TRP A CD2   1 
ATOM   463  N NE1   . TRP A 1 58  ? -4.477  -9.990  -5.704  1.00 17.51 ? 58  TRP A NE1   1 
ATOM   464  C CE2   . TRP A 1 58  ? -3.417  -9.358  -5.131  1.00 15.36 ? 58  TRP A CE2   1 
ATOM   465  C CE3   . TRP A 1 58  ? -1.136  -9.878  -4.491  1.00 17.99 ? 58  TRP A CE3   1 
ATOM   466  C CZ2   . TRP A 1 58  ? -3.290  -8.042  -4.670  1.00 15.74 ? 58  TRP A CZ2   1 
ATOM   467  C CZ3   . TRP A 1 58  ? -1.016  -8.565  -4.041  1.00 18.81 ? 58  TRP A CZ3   1 
ATOM   468  C CH2   . TRP A 1 58  ? -2.091  -7.669  -4.127  1.00 18.28 ? 58  TRP A CH2   1 
ATOM   469  N N     . ARG A 1 59  ? -4.351  -14.111 -3.591  1.00 21.77 ? 59  ARG A N     1 
ATOM   470  C CA    . ARG A 1 59  ? -5.724  -14.609 -3.520  1.00 29.40 ? 59  ARG A CA    1 
ATOM   471  C C     . ARG A 1 59  ? -6.747  -13.494 -3.735  1.00 27.35 ? 59  ARG A C     1 
ATOM   472  O O     . ARG A 1 59  ? -7.953  -13.716 -3.618  1.00 26.87 ? 59  ARG A O     1 
ATOM   473  C CB    . ARG A 1 59  ? -5.986  -15.270 -2.162  1.00 27.09 ? 59  ARG A CB    1 
ATOM   474  C CG    . ARG A 1 59  ? -5.067  -16.441 -1.834  1.00 34.77 ? 59  ARG A CG    1 
ATOM   475  C CD    . ARG A 1 59  ? -5.325  -17.633 -2.753  1.00 36.54 ? 59  ARG A CD    1 
ATOM   476  N NE    . ARG A 1 59  ? -4.316  -18.681 -2.586  1.00 46.00 ? 59  ARG A NE    1 
ATOM   477  C CZ    . ARG A 1 59  ? -3.354  -18.939 -3.469  1.00 39.68 ? 59  ARG A CZ    1 
ATOM   478  N NH1   . ARG A 1 59  ? -3.276  -18.234 -4.595  1.00 33.58 ? 59  ARG A NH1   1 
ATOM   479  N NH2   . ARG A 1 59  ? -2.477  -19.911 -3.232  1.00 46.70 ? 59  ARG A NH2   1 
ATOM   480  N N     . GLY A 1 60  ? -6.271  -12.291 -4.038  1.00 27.17 ? 60  GLY A N     1 
ATOM   481  C CA    . GLY A 1 60  ? -7.159  -11.149 -4.208  1.00 15.79 ? 60  GLY A CA    1 
ATOM   482  C C     . GLY A 1 60  ? -6.735  -9.982  -3.359  1.00 16.49 ? 60  GLY A C     1 
ATOM   483  O O     . GLY A 1 60  ? -5.828  -10.114 -2.513  1.00 19.36 ? 60  GLY A O     1 
ATOM   484  N N     . PRO A 1 61  ? -7.380  -8.826  -3.559  1.00 15.23 ? 61  PRO A N     1 
ATOM   485  C CA    . PRO A 1 61  ? -8.481  -8.617  -4.508  1.00 14.85 ? 61  PRO A CA    1 
ATOM   486  C C     . PRO A 1 61  ? -7.963  -8.560  -5.945  1.00 14.24 ? 61  PRO A C     1 
ATOM   487  O O     . PRO A 1 61  ? -6.779  -8.296  -6.161  1.00 13.81 ? 61  PRO A O     1 
ATOM   488  C CB    . PRO A 1 61  ? -9.031  -7.255  -4.098  1.00 14.49 ? 61  PRO A CB    1 
ATOM   489  C CG    . PRO A 1 61  ? -7.820  -6.542  -3.504  1.00 13.89 ? 61  PRO A CG    1 
ATOM   490  C CD    . PRO A 1 61  ? -7.048  -7.602  -2.804  1.00 13.26 ? 61  PRO A CD    1 
ATOM   491  N N     . PHE A 1 62  ? -8.850  -8.809  -6.907  1.00 14.90 ? 62  PHE A N     1 
ATOM   492  C CA    . PHE A 1 62  ? -8.473  -8.808  -8.314  1.00 13.53 ? 62  PHE A CA    1 
ATOM   493  C C     . PHE A 1 62  ? -8.883  -7.511  -8.967  1.00 14.50 ? 62  PHE A C     1 
ATOM   494  O O     . PHE A 1 62  ? -9.691  -6.768  -8.425  1.00 15.28 ? 62  PHE A O     1 
ATOM   495  C CB    . PHE A 1 62  ? -9.058  -10.032 -9.023  1.00 14.04 ? 62  PHE A CB    1 
ATOM   496  C CG    . PHE A 1 62  ? -8.565  -11.326 -8.446  1.00 14.23 ? 62  PHE A CG    1 
ATOM   497  C CD1   . PHE A 1 62  ? -7.257  -11.731 -8.665  1.00 15.53 ? 62  PHE A CD1   1 
ATOM   498  C CD2   . PHE A 1 62  ? -9.388  -12.109 -7.646  1.00 16.99 ? 62  PHE A CD2   1 
ATOM   499  C CE1   . PHE A 1 62  ? -6.780  -12.913 -8.116  1.00 17.44 ? 62  PHE A CE1   1 
ATOM   500  C CE2   . PHE A 1 62  ? -8.915  -13.287 -7.098  1.00 20.19 ? 62  PHE A CE2   1 
ATOM   501  C CZ    . PHE A 1 62  ? -7.615  -13.684 -7.332  1.00 19.52 ? 62  PHE A CZ    1 
ATOM   502  N N     . GLY A 1 63  ? -8.294  -7.213  -10.116 1.00 12.95 ? 63  GLY A N     1 
ATOM   503  C CA    . GLY A 1 63  ? -8.545  -5.926  -10.729 1.00 12.91 ? 63  GLY A CA    1 
ATOM   504  C C     . GLY A 1 63  ? -7.705  -4.830  -10.091 1.00 13.00 ? 63  GLY A C     1 
ATOM   505  O O     . GLY A 1 63  ? -6.667  -5.101  -9.484  1.00 13.77 ? 63  GLY A O     1 
ATOM   506  N N     . ARG A 1 64  ? -8.158  -3.587  -10.242 1.00 13.92 ? 64  ARG A N     1 
ATOM   507  C CA    . ARG A 1 64  ? -7.357  -2.421  -9.865  1.00 13.42 ? 64  ARG A CA    1 
ATOM   508  C C     . ARG A 1 64  ? -7.647  -1.985  -8.439  1.00 13.12 ? 64  ARG A C     1 
ATOM   509  O O     . ARG A 1 64  ? -8.180  -0.898  -8.219  1.00 13.86 ? 64  ARG A O     1 
ATOM   510  C CB    . ARG A 1 64  ? -7.656  -1.261  -10.830 1.00 14.79 ? 64  ARG A CB    1 
ATOM   511  C CG    . ARG A 1 64  ? -7.336  -1.559  -12.293 1.00 14.26 ? 64  ARG A CG    1 
ATOM   512  C CD    . ARG A 1 64  ? -7.306  -0.249  -13.079 1.00 14.65 ? 64  ARG A CD    1 
ATOM   513  N NE    . ARG A 1 64  ? -7.266  -0.389  -14.537 1.00 19.58 ? 64  ARG A NE    1 
ATOM   514  C CZ    . ARG A 1 64  ? -6.188  -0.177  -15.284 1.00 20.61 ? 64  ARG A CZ    1 
ATOM   515  N NH1   . ARG A 1 64  ? -5.027  0.145   -14.722 1.00 19.19 ? 64  ARG A NH1   1 
ATOM   516  N NH2   . ARG A 1 64  ? -6.267  -0.295  -16.604 1.00 25.83 ? 64  ARG A NH2   1 
ATOM   517  N N     . PHE A 1 65  ? -7.288  -2.832  -7.478  1.00 11.99 ? 65  PHE A N     1 
ATOM   518  C CA    . PHE A 1 65  ? -7.725  -2.640  -6.096  1.00 13.20 ? 65  PHE A CA    1 
ATOM   519  C C     . PHE A 1 65  ? -6.581  -2.549  -5.093  1.00 12.24 ? 65  PHE A C     1 
ATOM   520  O O     . PHE A 1 65  ? -6.829  -2.363  -3.901  1.00 14.10 ? 65  PHE A O     1 
ATOM   521  C CB    . PHE A 1 65  ? -8.689  -3.767  -5.674  1.00 12.74 ? 65  PHE A CB    1 
ATOM   522  C CG    . PHE A 1 65  ? -10.113 -3.539  -6.101  1.00 15.71 ? 65  PHE A CG    1 
ATOM   523  C CD1   . PHE A 1 65  ? -10.521 -3.840  -7.395  1.00 14.05 ? 65  PHE A CD1   1 
ATOM   524  C CD2   . PHE A 1 65  ? -11.053 -3.036  -5.199  1.00 19.75 ? 65  PHE A CD2   1 
ATOM   525  C CE1   . PHE A 1 65  ? -11.832 -3.639  -7.791  1.00 17.66 ? 65  PHE A CE1   1 
ATOM   526  C CE2   . PHE A 1 65  ? -12.372 -2.830  -5.590  1.00 20.88 ? 65  PHE A CE2   1 
ATOM   527  C CZ    . PHE A 1 65  ? -12.763 -3.127  -6.886  1.00 17.45 ? 65  PHE A CZ    1 
ATOM   528  N N     . SER A 1 66  ? -5.336  -2.672  -5.553  1.00 10.52 ? 66  SER A N     1 
ATOM   529  C CA    . SER A 1 66  ? -4.189  -2.582  -4.644  1.00 11.48 ? 66  SER A CA    1 
ATOM   530  C C     . SER A 1 66  ? -3.085  -1.702  -5.229  1.00 13.27 ? 66  SER A C     1 
ATOM   531  O O     . SER A 1 66  ? -2.990  -1.549  -6.450  1.00 12.15 ? 66  SER A O     1 
ATOM   532  C CB    . SER A 1 66  ? -3.621  -3.970  -4.354  1.00 11.73 ? 66  SER A CB    1 
ATOM   533  O OG    . SER A 1 66  ? -4.630  -4.856  -3.905  1.00 16.70 ? 66  SER A OG    1 
ATOM   534  N N     . ILE A 1 67  ? -2.239  -1.147  -4.357  1.00 12.35 ? 67  ILE A N     1 
ATOM   535  C CA    . ILE A 1 67  ? -1.152  -0.294  -4.814  1.00 11.41 ? 67  ILE A CA    1 
ATOM   536  C C     . ILE A 1 67  ? 0.161   -0.823  -4.262  1.00 12.29 ? 67  ILE A C     1 
ATOM   537  O O     . ILE A 1 67  ? 0.242   -1.230  -3.086  1.00 13.98 ? 67  ILE A O     1 
ATOM   538  C CB    . ILE A 1 67  ? -1.358  1.191   -4.423  1.00 12.75 ? 67  ILE A CB    1 
ATOM   539  C CG1   . ILE A 1 67  ? -0.374  2.087   -5.191  1.00 15.37 ? 67  ILE A CG1   1 
ATOM   540  C CG2   . ILE A 1 67  ? -1.257  1.367   -2.898  1.00 11.36 ? 67  ILE A CG2   1 
ATOM   541  C CD1   . ILE A 1 67  ? -0.587  3.588   -4.962  1.00 18.11 ? 67  ILE A CD1   1 
ATOM   542  N N     . ARG A 1 68  ? 1.161   -0.890  -5.135  1.00 11.35 ? 68  ARG A N     1 
ATOM   543  C CA    . ARG A 1 68  ? 2.509   -1.272  -4.707  1.00 12.02 ? 68  ARG A CA    1 
ATOM   544  C C     . ARG A 1 68  ? 3.213   -0.087  -4.071  1.00 13.50 ? 68  ARG A C     1 
ATOM   545  O O     . ARG A 1 68  ? 3.131   1.030   -4.577  1.00 14.78 ? 68  ARG A O     1 
ATOM   546  C CB    . ARG A 1 68  ? 3.337   -1.774  -5.877  1.00 12.53 ? 68  ARG A CB    1 
ATOM   547  C CG    . ARG A 1 68  ? 4.730   -2.191  -5.461  1.00 14.05 ? 68  ARG A CG    1 
ATOM   548  C CD    . ARG A 1 68  ? 5.313   -3.150  -6.457  1.00 16.27 ? 68  ARG A CD    1 
ATOM   549  N NE    . ARG A 1 68  ? 5.502   -2.514  -7.748  1.00 15.84 ? 68  ARG A NE    1 
ATOM   550  C CZ    . ARG A 1 68  ? 5.541   -3.178  -8.897  1.00 17.60 ? 68  ARG A CZ    1 
ATOM   551  N NH1   . ARG A 1 68  ? 5.375   -4.494  -8.912  1.00 19.46 ? 68  ARG A NH1   1 
ATOM   552  N NH2   . ARG A 1 68  ? 5.728   -2.522  -10.029 1.00 15.52 ? 68  ARG A NH2   1 
ATOM   553  N N     . CYS A 1 69  ? 3.898   -0.349  -2.961  1.00 11.92 ? 69  CYS A N     1 
ATOM   554  C CA    . CYS A 1 69  ? 4.678   0.664   -2.255  1.00 13.53 ? 69  CYS A CA    1 
ATOM   555  C C     . CYS A 1 69  ? 6.115   0.188   -2.245  1.00 13.61 ? 69  CYS A C     1 
ATOM   556  O O     . CYS A 1 69  ? 6.377   -0.950  -1.859  1.00 13.41 ? 69  CYS A O     1 
ATOM   557  C CB    . CYS A 1 69  ? 4.197   0.802   -0.810  1.00 12.72 ? 69  CYS A CB    1 
ATOM   558  S SG    . CYS A 1 69  ? 2.414   1.105   -0.639  1.00 13.84 ? 69  CYS A SG    1 
ATOM   559  N N     . ILE A 1 70  ? 7.040   1.047   -2.678  1.00 11.89 ? 70  ILE A N     1 
ATOM   560  C CA    . ILE A 1 70  ? 8.450   0.737   -2.621  1.00 13.34 ? 70  ILE A CA    1 
ATOM   561  C C     . ILE A 1 70  ? 9.101   1.522   -1.494  1.00 12.09 ? 70  ILE A C     1 
ATOM   562  O O     . ILE A 1 70  ? 9.031   2.748   -1.460  1.00 13.08 ? 70  ILE A O     1 
ATOM   563  C CB    . ILE A 1 70  ? 9.172   1.090   -3.928  1.00 16.00 ? 70  ILE A CB    1 
ATOM   564  C CG1   . ILE A 1 70  ? 8.461   0.446   -5.116  1.00 16.42 ? 70  ILE A CG1   1 
ATOM   565  C CG2   . ILE A 1 70  ? 10.633  0.652   -3.836  1.00 15.12 ? 70  ILE A CG2   1 
ATOM   566  C CD1   . ILE A 1 70  ? 8.330   -1.058  -5.026  1.00 15.78 ? 70  ILE A CD1   1 
ATOM   567  N N     . LEU A 1 71  ? 9.726   0.794   -0.577  1.00 14.16 ? 71  LEU A N     1 
ATOM   568  C CA    . LEU A 1 71  ? 10.330  1.386   0.613   1.00 12.50 ? 71  LEU A CA    1 
ATOM   569  C C     . LEU A 1 71  ? 11.853  1.300   0.511   1.00 13.71 ? 71  LEU A C     1 
ATOM   570  O O     . LEU A 1 71  ? 12.412  0.222   0.376   1.00 14.97 ? 71  LEU A O     1 
ATOM   571  C CB    . LEU A 1 71  ? 9.816   0.676   1.877   1.00 14.63 ? 71  LEU A CB    1 
ATOM   572  C CG    . LEU A 1 71  ? 8.410   1.071   2.368   1.00 16.63 ? 71  LEU A CG    1 
ATOM   573  C CD1   . LEU A 1 71  ? 7.360   0.818   1.292   1.00 16.36 ? 71  LEU A CD1   1 
ATOM   574  C CD2   . LEU A 1 71  ? 8.024   0.338   3.658   1.00 14.40 ? 71  LEU A CD2   1 
ATOM   575  N N     . TRP A 1 72  ? 12.514  2.450   0.562   1.00 13.40 ? 72  TRP A N     1 
ATOM   576  C CA    . TRP A 1 72  ? 13.956  2.520   0.411   1.00 15.42 ? 72  TRP A CA    1 
ATOM   577  C C     . TRP A 1 72  ? 14.609  2.865   1.739   1.00 17.33 ? 72  TRP A C     1 
ATOM   578  O O     . TRP A 1 72  ? 13.984  3.491   2.586   1.00 14.41 ? 72  TRP A O     1 
ATOM   579  C CB    . TRP A 1 72  ? 14.326  3.631   -0.580  1.00 17.95 ? 72  TRP A CB    1 
ATOM   580  C CG    . TRP A 1 72  ? 13.844  3.438   -1.997  1.00 17.07 ? 72  TRP A CG    1 
ATOM   581  C CD1   . TRP A 1 72  ? 12.776  4.035   -2.581  1.00 18.62 ? 72  TRP A CD1   1 
ATOM   582  C CD2   . TRP A 1 72  ? 14.450  2.626   -3.006  1.00 17.89 ? 72  TRP A CD2   1 
ATOM   583  N NE1   . TRP A 1 72  ? 12.671  3.649   -3.901  1.00 18.91 ? 72  TRP A NE1   1 
ATOM   584  C CE2   . TRP A 1 72  ? 13.692  2.777   -4.184  1.00 19.50 ? 72  TRP A CE2   1 
ATOM   585  C CE3   . TRP A 1 72  ? 15.566  1.782   -3.031  1.00 17.15 ? 72  TRP A CE3   1 
ATOM   586  C CZ2   . TRP A 1 72  ? 14.001  2.119   -5.366  1.00 22.52 ? 72  TRP A CZ2   1 
ATOM   587  C CZ3   . TRP A 1 72  ? 15.881  1.129   -4.213  1.00 20.24 ? 72  TRP A CZ3   1 
ATOM   588  C CH2   . TRP A 1 72  ? 15.098  1.301   -5.364  1.00 19.85 ? 72  TRP A CH2   1 
ATOM   589  N N     . ASP A 1 73  ? 15.869  2.464   1.896   1.00 15.14 ? 73  ASP A N     1 
ATOM   590  C CA    . ASP A 1 73  ? 16.728  2.998   2.956   1.00 17.72 ? 73  ASP A CA    1 
ATOM   591  C C     . ASP A 1 73  ? 16.121  2.754   4.349   1.00 17.45 ? 73  ASP A C     1 
ATOM   592  O O     . ASP A 1 73  ? 15.731  1.634   4.653   1.00 16.73 ? 73  ASP A O     1 
ATOM   593  C CB    . ASP A 1 73  ? 16.989  4.481   2.708   1.00 19.48 ? 73  ASP A CB    1 
ATOM   594  C CG    . ASP A 1 73  ? 17.664  4.727   1.363   1.00 19.21 ? 73  ASP A CG    1 
ATOM   595  O OD1   . ASP A 1 73  ? 18.521  3.904   0.975   1.00 19.25 ? 73  ASP A OD1   1 
ATOM   596  O OD2   . ASP A 1 73  ? 17.322  5.715   0.688   1.00 21.10 ? 73  ASP A OD2   1 
ATOM   597  N N     . GLU A 1 74  ? 16.035  3.782   5.183   1.00 16.83 ? 74  GLU A N     1 
ATOM   598  C CA    . GLU A 1 74  ? 15.540  3.567   6.552   1.00 17.89 ? 74  GLU A CA    1 
ATOM   599  C C     . GLU A 1 74  ? 14.140  2.942   6.586   1.00 17.87 ? 74  GLU A C     1 
ATOM   600  O O     . GLU A 1 74  ? 13.789  2.216   7.529   1.00 15.16 ? 74  GLU A O     1 
ATOM   601  C CB    . GLU A 1 74  ? 15.590  4.846   7.408   1.00 20.03 ? 74  GLU A CB    1 
ATOM   602  C CG    . GLU A 1 74  ? 14.698  5.991   6.965   1.00 21.01 ? 74  GLU A CG    1 
ATOM   603  C CD    . GLU A 1 74  ? 15.355  6.897   5.932   1.00 22.85 ? 74  GLU A CD    1 
ATOM   604  O OE1   . GLU A 1 74  ? 16.375  6.495   5.341   1.00 23.79 ? 74  GLU A OE1   1 
ATOM   605  O OE2   . GLU A 1 74  ? 14.843  8.011   5.716   1.00 27.41 ? 74  GLU A OE2   1 
ATOM   606  N N     . HIS A 1 75  ? 13.343  3.207   5.556   1.00 18.15 ? 75  HIS A N     1 
ATOM   607  C CA    . HIS A 1 75  ? 11.973  2.677   5.525   1.00 15.12 ? 75  HIS A CA    1 
ATOM   608  C C     . HIS A 1 75  ? 11.991  1.169   5.290   1.00 13.92 ? 75  HIS A C     1 
ATOM   609  O O     . HIS A 1 75  ? 11.168  0.425   5.836   1.00 14.71 ? 75  HIS A O     1 
ATOM   610  C CB    . HIS A 1 75  ? 11.154  3.388   4.442   1.00 14.64 ? 75  HIS A CB    1 
ATOM   611  C CG    . HIS A 1 75  ? 11.338  4.872   4.438   1.00 17.27 ? 75  HIS A CG    1 
ATOM   612  N ND1   . HIS A 1 75  ? 10.786  5.694   5.399   1.00 17.06 ? 75  HIS A ND1   1 
ATOM   613  C CD2   . HIS A 1 75  ? 12.027  5.683   3.602   1.00 18.95 ? 75  HIS A CD2   1 
ATOM   614  C CE1   . HIS A 1 75  ? 11.114  6.949   5.145   1.00 19.69 ? 75  HIS A CE1   1 
ATOM   615  N NE2   . HIS A 1 75  ? 11.873  6.971   4.062   1.00 18.46 ? 75  HIS A NE2   1 
ATOM   616  N N     . ASP A 1 76  ? 12.949  0.742   4.477   1.00 14.22 ? 76  ASP A N     1 
ATOM   617  C CA    . ASP A 1 76  ? 13.216  -0.663  4.191   1.00 15.21 ? 76  ASP A CA    1 
ATOM   618  C C     . ASP A 1 76  ? 13.723  -1.329  5.466   1.00 15.78 ? 76  ASP A C     1 
ATOM   619  O O     . ASP A 1 76  ? 13.140  -2.297  5.958   1.00 14.22 ? 76  ASP A O     1 
ATOM   620  C CB    . ASP A 1 76  ? 14.259  -0.726  3.055   1.00 15.44 ? 76  ASP A CB    1 
ATOM   621  C CG    . ASP A 1 76  ? 14.788  -2.127  2.780   1.00 18.22 ? 76  ASP A CG    1 
ATOM   622  O OD1   . ASP A 1 76  ? 14.317  -3.106  3.390   1.00 19.64 ? 76  ASP A OD1   1 
ATOM   623  O OD2   . ASP A 1 76  ? 15.698  -2.242  1.924   1.00 17.54 ? 76  ASP A OD2   1 
ATOM   624  N N     . PHE A 1 77  ? 14.796  -0.795  6.030   1.00 16.05 ? 77  PHE A N     1 
ATOM   625  C CA    . PHE A 1 77  ? 15.372  -1.418  7.220   1.00 14.50 ? 77  PHE A CA    1 
ATOM   626  C C     . PHE A 1 77  ? 14.350  -1.528  8.349   1.00 15.36 ? 77  PHE A C     1 
ATOM   627  O O     . PHE A 1 77  ? 14.347  -2.500  9.111   1.00 16.11 ? 77  PHE A O     1 
ATOM   628  C CB    . PHE A 1 77  ? 16.586  -0.626  7.690   1.00 16.23 ? 77  PHE A CB    1 
ATOM   629  C CG    . PHE A 1 77  ? 17.601  -0.392  6.616   1.00 18.50 ? 77  PHE A CG    1 
ATOM   630  C CD1   . PHE A 1 77  ? 17.892  -1.384  5.693   1.00 25.31 ? 77  PHE A CD1   1 
ATOM   631  C CD2   . PHE A 1 77  ? 18.256  0.821   6.521   1.00 21.73 ? 77  PHE A CD2   1 
ATOM   632  C CE1   . PHE A 1 77  ? 18.823  -1.168  4.696   1.00 25.57 ? 77  PHE A CE1   1 
ATOM   633  C CE2   . PHE A 1 77  ? 19.191  1.038   5.530   1.00 24.91 ? 77  PHE A CE2   1 
ATOM   634  C CZ    . PHE A 1 77  ? 19.472  0.044   4.617   1.00 23.88 ? 77  PHE A CZ    1 
ATOM   635  N N     . TYR A 1 78  ? 13.504  -0.512  8.476   1.00 13.29 ? 78  TYR A N     1 
ATOM   636  C CA    . TYR A 1 78  ? 12.498  -0.510  9.523   1.00 16.34 ? 78  TYR A CA    1 
ATOM   637  C C     . TYR A 1 78  ? 11.414  -1.566  9.293   1.00 15.28 ? 78  TYR A C     1 
ATOM   638  O O     . TYR A 1 78  ? 11.077  -2.313  10.198  1.00 15.89 ? 78  TYR A O     1 
ATOM   639  C CB    . TYR A 1 78  ? 11.858  0.877   9.665   1.00 13.84 ? 78  TYR A CB    1 
ATOM   640  C CG    . TYR A 1 78  ? 10.757  0.927   10.714  1.00 14.00 ? 78  TYR A CG    1 
ATOM   641  C CD1   . TYR A 1 78  ? 10.991  0.492   12.018  1.00 13.88 ? 78  TYR A CD1   1 
ATOM   642  C CD2   . TYR A 1 78  ? 9.507   1.443   10.416  1.00 16.27 ? 78  TYR A CD2   1 
ATOM   643  C CE1   . TYR A 1 78  ? 9.987   0.539   12.983  1.00 12.45 ? 78  TYR A CE1   1 
ATOM   644  C CE2   . TYR A 1 78  ? 8.499   1.496   11.376  1.00 14.18 ? 78  TYR A CE2   1 
ATOM   645  C CZ    . TYR A 1 78  ? 8.750   1.048   12.659  1.00 16.33 ? 78  TYR A CZ    1 
ATOM   646  O OH    . TYR A 1 78  ? 7.764   1.100   13.624  1.00 15.39 ? 78  TYR A OH    1 
ATOM   647  N N     . CYS A 1 79  ? 10.874  -1.631  8.078   1.00 13.21 ? 79  CYS A N     1 
ATOM   648  C CA    . CYS A 1 79  ? 9.687   -2.458  7.830   1.00 14.05 ? 79  CYS A CA    1 
ATOM   649  C C     . CYS A 1 79  ? 9.931   -3.920  7.448   1.00 15.23 ? 79  CYS A C     1 
ATOM   650  O O     . CYS A 1 79  ? 9.049   -4.768  7.637   1.00 15.27 ? 79  CYS A O     1 
ATOM   651  C CB    . CYS A 1 79  ? 8.811   -1.820  6.747   1.00 11.58 ? 79  CYS A CB    1 
ATOM   652  S SG    . CYS A 1 79  ? 8.039   -0.302  7.257   1.00 16.27 ? 79  CYS A SG    1 
ATOM   653  N N     . ARG A 1 80  ? 11.098  -4.208  6.886   1.00 16.14 ? 80  ARG A N     1 
ATOM   654  C CA    . ARG A 1 80  ? 11.274  -5.464  6.163   1.00 16.37 ? 80  ARG A CA    1 
ATOM   655  C C     . ARG A 1 80  ? 11.153  -6.711  7.028   1.00 20.74 ? 80  ARG A C     1 
ATOM   656  O O     . ARG A 1 80  ? 10.749  -7.765  6.549   1.00 21.70 ? 80  ARG A O     1 
ATOM   657  C CB    . ARG A 1 80  ? 12.586  -5.477  5.396   1.00 21.53 ? 80  ARG A CB    1 
ATOM   658  C CG    . ARG A 1 80  ? 13.797  -5.619  6.260   1.00 24.44 ? 80  ARG A CG    1 
ATOM   659  C CD    . ARG A 1 80  ? 14.987  -5.291  5.443   1.00 29.09 ? 80  ARG A CD    1 
ATOM   660  N NE    . ARG A 1 80  ? 16.226  -5.598  6.127   1.00 37.38 ? 80  ARG A NE    1 
ATOM   661  C CZ    . ARG A 1 80  ? 17.414  -5.317  5.615   1.00 34.88 ? 80  ARG A CZ    1 
ATOM   662  N NH1   . ARG A 1 80  ? 17.483  -4.715  4.435   1.00 37.11 ? 80  ARG A NH1   1 
ATOM   663  N NH2   . ARG A 1 80  ? 18.519  -5.633  6.275   1.00 34.68 ? 80  ARG A NH2   1 
ATOM   664  N N     . ASN A 1 81  ? 11.491  -6.602  8.301   1.00 19.70 ? 81  ASN A N     1 
ATOM   665  C CA    . ASN A 1 81  ? 11.300  -7.739  9.185   1.00 26.60 ? 81  ASN A CA    1 
ATOM   666  C C     . ASN A 1 81  ? 10.284  -7.430  10.261  1.00 23.48 ? 81  ASN A C     1 
ATOM   667  O O     . ASN A 1 81  ? 10.341  -7.963  11.373  1.00 26.09 ? 81  ASN A O     1 
ATOM   668  C CB    . ASN A 1 81  ? 12.639  -8.190  9.763   1.00 28.26 ? 81  ASN A CB    1 
ATOM   669  C CG    . ASN A 1 81  ? 13.367  -9.130  8.830   1.00 31.47 ? 81  ASN A CG    1 
ATOM   670  O OD1   . ASN A 1 81  ? 12.808  -10.140 8.404   1.00 42.08 ? 81  ASN A OD1   1 
ATOM   671  N ND2   . ASN A 1 81  ? 14.597  -8.796  8.484   1.00 32.62 ? 81  ASN A ND2   1 
ATOM   672  N N     . TYR A 1 82  ? 9.331   -6.577  9.899   1.00 21.40 ? 82  TYR A N     1 
ATOM   673  C CA    . TYR A 1 82  ? 8.358   -6.051  10.839  1.00 20.54 ? 82  TYR A CA    1 
ATOM   674  C C     . TYR A 1 82  ? 6.940   -6.073  10.274  1.00 24.48 ? 82  TYR A C     1 
ATOM   675  O O     . TYR A 1 82  ? 6.044   -6.658  10.874  1.00 22.87 ? 82  TYR A O     1 
ATOM   676  C CB    . TYR A 1 82  ? 8.742   -4.626  11.235  1.00 19.23 ? 82  TYR A CB    1 
ATOM   677  C CG    . TYR A 1 82  ? 7.765   -3.978  12.160  1.00 21.21 ? 82  TYR A CG    1 
ATOM   678  C CD1   . TYR A 1 82  ? 7.179   -4.701  13.188  1.00 23.79 ? 82  TYR A CD1   1 
ATOM   679  C CD2   . TYR A 1 82  ? 7.420   -2.647  12.012  1.00 17.67 ? 82  TYR A CD2   1 
ATOM   680  C CE1   . TYR A 1 82  ? 6.280   -4.119  14.041  1.00 22.92 ? 82  TYR A CE1   1 
ATOM   681  C CE2   . TYR A 1 82  ? 6.512   -2.056  12.863  1.00 24.33 ? 82  TYR A CE2   1 
ATOM   682  C CZ    . TYR A 1 82  ? 5.952   -2.796  13.875  1.00 22.24 ? 82  TYR A CZ    1 
ATOM   683  O OH    . TYR A 1 82  ? 5.050   -2.212  14.726  1.00 23.76 ? 82  TYR A OH    1 
ATOM   684  N N     . ILE A 1 83  ? 6.729   -5.424  9.130   1.00 18.09 ? 83  ILE A N     1 
ATOM   685  C CA    . ILE A 1 83  ? 5.405   -5.424  8.507   1.00 12.58 ? 83  ILE A CA    1 
ATOM   686  C C     . ILE A 1 83  ? 5.171   -6.748  7.781   1.00 15.73 ? 83  ILE A C     1 
ATOM   687  O O     . ILE A 1 83  ? 5.978   -7.141  6.938   1.00 17.37 ? 83  ILE A O     1 
ATOM   688  C CB    . ILE A 1 83  ? 5.256   -4.293  7.489   1.00 15.85 ? 83  ILE A CB    1 
ATOM   689  C CG1   . ILE A 1 83  ? 5.581   -2.941  8.138   1.00 20.22 ? 83  ILE A CG1   1 
ATOM   690  C CG2   . ILE A 1 83  ? 3.849   -4.315  6.897   1.00 14.63 ? 83  ILE A CG2   1 
ATOM   691  C CD1   . ILE A 1 83  ? 4.595   -2.501  9.207   1.00 17.54 ? 83  ILE A CD1   1 
ATOM   692  N N     . LYS A 1 84  ? 4.060   -7.415  8.096   1.00 17.57 ? 84  LYS A N     1 
ATOM   693  C CA    . LYS A 1 84  ? 3.766   -8.741  7.553   1.00 17.59 ? 84  LYS A CA    1 
ATOM   694  C C     . LYS A 1 84  ? 2.466   -8.751  6.757   1.00 16.44 ? 84  LYS A C     1 
ATOM   695  O O     . LYS A 1 84  ? 1.578   -7.918  6.960   1.00 15.27 ? 84  LYS A O     1 
ATOM   696  C CB    . LYS A 1 84  ? 3.654   -9.791  8.674   1.00 19.86 ? 84  LYS A CB    1 
ATOM   697  C CG    . LYS A 1 84  ? 4.868   -9.900  9.590   1.00 30.11 ? 84  LYS A CG    1 
ATOM   698  C CD    . LYS A 1 84  ? 6.081   -10.511 8.883   1.00 32.10 ? 84  LYS A CD    1 
ATOM   699  C CE    . LYS A 1 84  ? 7.343   -10.375 9.738   1.00 38.31 ? 84  LYS A CE    1 
ATOM   700  N NZ    . LYS A 1 84  ? 8.552   -10.907 9.059   1.00 37.55 ? 84  LYS A NZ    1 
ATOM   701  N N     . GLU A 1 85  ? 2.355   -9.707  5.847   1.00 15.39 ? 85  GLU A N     1 
ATOM   702  C CA    . GLU A 1 85  ? 1.105   -9.895  5.127   1.00 15.08 ? 85  GLU A CA    1 
ATOM   703  C C     . GLU A 1 85  ? -0.045  -10.090 6.118   1.00 15.43 ? 85  GLU A C     1 
ATOM   704  O O     . GLU A 1 85  ? 0.076   -10.835 7.090   1.00 17.16 ? 85  GLU A O     1 
ATOM   705  C CB    . GLU A 1 85  ? 1.229   -11.075 4.155   1.00 16.65 ? 85  GLU A CB    1 
ATOM   706  C CG    . GLU A 1 85  ? 2.281   -10.798 3.084   1.00 18.71 ? 85  GLU A CG    1 
ATOM   707  C CD    . GLU A 1 85  ? 2.479   -11.930 2.085   1.00 19.92 ? 85  GLU A CD    1 
ATOM   708  O OE1   . GLU A 1 85  ? 1.859   -13.010 2.249   1.00 23.47 ? 85  GLU A OE1   1 
ATOM   709  O OE2   . GLU A 1 85  ? 3.272   -11.733 1.134   1.00 16.48 ? 85  GLU A OE2   1 
ATOM   710  N N     . GLY A 1 86  ? -1.146  -9.390  5.887   1.00 14.52 ? 86  GLY A N     1 
ATOM   711  C CA    . GLY A 1 86  ? -2.289  -9.445  6.791   1.00 15.97 ? 86  GLY A CA    1 
ATOM   712  C C     . GLY A 1 86  ? -2.331  -8.321  7.819   1.00 17.06 ? 86  GLY A C     1 
ATOM   713  O O     . GLY A 1 86  ? -3.387  -8.024  8.380   1.00 16.49 ? 86  GLY A O     1 
ATOM   714  N N     . ASP A 1 87  ? -1.192  -7.677  8.061   1.00 13.90 ? 87  ASP A N     1 
ATOM   715  C CA    . ASP A 1 87  ? -1.169  -6.526  8.958   1.00 17.72 ? 87  ASP A CA    1 
ATOM   716  C C     . ASP A 1 87  ? -1.943  -5.358  8.364   1.00 20.45 ? 87  ASP A C     1 
ATOM   717  O O     . ASP A 1 87  ? -2.135  -5.267  7.150   1.00 17.54 ? 87  ASP A O     1 
ATOM   718  C CB    . ASP A 1 87  ? 0.263   -6.057  9.240   1.00 15.99 ? 87  ASP A CB    1 
ATOM   719  C CG    . ASP A 1 87  ? 1.045   -7.030  10.071  1.00 21.21 ? 87  ASP A CG    1 
ATOM   720  O OD1   . ASP A 1 87  ? 0.427   -7.941  10.668  1.00 19.34 ? 87  ASP A OD1   1 
ATOM   721  O OD2   . ASP A 1 87  ? 2.285   -6.863  10.142  1.00 21.76 ? 87  ASP A OD2   1 
ATOM   722  N N     . TYR A 1 88  ? -2.379  -4.454  9.229   1.00 17.20 ? 88  TYR A N     1 
ATOM   723  C CA    . TYR A 1 88  ? -2.924  -3.203  8.762   1.00 16.22 ? 88  TYR A CA    1 
ATOM   724  C C     . TYR A 1 88  ? -1.868  -2.148  8.999   1.00 18.47 ? 88  TYR A C     1 
ATOM   725  O O     . TYR A 1 88  ? -1.077  -2.239  9.953   1.00 16.26 ? 88  TYR A O     1 
ATOM   726  C CB    . TYR A 1 88  ? -4.210  -2.852  9.505   1.00 17.30 ? 88  TYR A CB    1 
ATOM   727  C CG    . TYR A 1 88  ? -5.329  -3.853  9.295   1.00 20.76 ? 88  TYR A CG    1 
ATOM   728  C CD1   . TYR A 1 88  ? -5.429  -4.987  10.091  1.00 22.56 ? 88  TYR A CD1   1 
ATOM   729  C CD2   . TYR A 1 88  ? -6.295  -3.652  8.317   1.00 21.04 ? 88  TYR A CD2   1 
ATOM   730  C CE1   . TYR A 1 88  ? -6.453  -5.898  9.910   1.00 17.72 ? 88  TYR A CE1   1 
ATOM   731  C CE2   . TYR A 1 88  ? -7.327  -4.561  8.124   1.00 16.82 ? 88  TYR A CE2   1 
ATOM   732  C CZ    . TYR A 1 88  ? -7.401  -5.677  8.930   1.00 22.18 ? 88  TYR A CZ    1 
ATOM   733  O OH    . TYR A 1 88  ? -8.429  -6.580  8.752   1.00 22.13 ? 88  TYR A OH    1 
ATOM   734  N N     . VAL A 1 89  ? -1.843  -1.149  8.130   1.00 15.75 ? 89  VAL A N     1 
ATOM   735  C CA    . VAL A 1 89  ? -0.880  -0.070  8.269   1.00 13.96 ? 89  VAL A CA    1 
ATOM   736  C C     . VAL A 1 89  ? -1.559  1.272   8.104   1.00 14.65 ? 89  VAL A C     1 
ATOM   737  O O     . VAL A 1 89  ? -2.638  1.389   7.518   1.00 14.45 ? 89  VAL A O     1 
ATOM   738  C CB    . VAL A 1 89  ? 0.267   -0.175  7.234   1.00 11.53 ? 89  VAL A CB    1 
ATOM   739  C CG1   . VAL A 1 89  ? 1.157   -1.386  7.529   1.00 16.92 ? 89  VAL A CG1   1 
ATOM   740  C CG2   . VAL A 1 89  ? -0.307  -0.229  5.801   1.00 14.75 ? 89  VAL A CG2   1 
ATOM   741  N N     . VAL A 1 90  ? -0.904  2.292   8.629   1.00 16.14 ? 90  VAL A N     1 
ATOM   742  C CA    . VAL A 1 90  ? -1.315  3.653   8.369   1.00 15.66 ? 90  VAL A CA    1 
ATOM   743  C C     . VAL A 1 90  ? -0.106  4.324   7.737   1.00 15.71 ? 90  VAL A C     1 
ATOM   744  O O     . VAL A 1 90  ? 0.997   4.305   8.299   1.00 15.53 ? 90  VAL A O     1 
ATOM   745  C CB    . VAL A 1 90  ? -1.816  4.378   9.645   1.00 17.05 ? 90  VAL A CB    1 
ATOM   746  C CG1   . VAL A 1 90  ? -0.777  4.319   10.761  1.00 15.05 ? 90  VAL A CG1   1 
ATOM   747  C CG2   . VAL A 1 90  ? -2.200  5.822   9.320   1.00 18.58 ? 90  VAL A CG2   1 
ATOM   748  N N     . MET A 1 91  ? -0.301  4.839   6.526   1.00 13.51 ? 91  MET A N     1 
ATOM   749  C CA    . MET A 1 91  ? 0.777   5.498   5.801   1.00 11.42 ? 91  MET A CA    1 
ATOM   750  C C     . MET A 1 91  ? 0.434   6.975   5.711   1.00 13.81 ? 91  MET A C     1 
ATOM   751  O O     . MET A 1 91  ? -0.648  7.338   5.281   1.00 15.41 ? 91  MET A O     1 
ATOM   752  C CB    . MET A 1 91  ? 0.952   4.850   4.419   1.00 15.68 ? 91  MET A CB    1 
ATOM   753  C CG    . MET A 1 91  ? 1.120   3.338   4.569   1.00 14.91 ? 91  MET A CG    1 
ATOM   754  S SD    . MET A 1 91  ? 1.597   2.409   3.122   1.00 20.06 ? 91  MET A SD    1 
ATOM   755  C CE    . MET A 1 91  ? 3.053   3.316   2.635   1.00 17.36 ? 91  MET A CE    1 
ATOM   756  N N     . LYS A 1 92  ? 1.364   7.818   6.141   1.00 13.52 ? 92  LYS A N     1 
ATOM   757  C CA    . LYS A 1 92  ? 1.116   9.246   6.275   1.00 13.41 ? 92  LYS A CA    1 
ATOM   758  C C     . LYS A 1 92  ? 2.083   10.071  5.437   1.00 16.40 ? 92  LYS A C     1 
ATOM   759  O O     . LYS A 1 92  ? 3.287   9.858   5.484   1.00 14.16 ? 92  LYS A O     1 
ATOM   760  C CB    . LYS A 1 92  ? 1.229   9.652   7.754   1.00 18.21 ? 92  LYS A CB    1 
ATOM   761  C CG    . LYS A 1 92  ? 0.080   9.144   8.605   1.00 20.45 ? 92  LYS A CG    1 
ATOM   762  C CD    . LYS A 1 92  ? 0.280   9.457   10.084  1.00 21.86 ? 92  LYS A CD    1 
ATOM   763  C CE    . LYS A 1 92  ? -0.967  9.057   10.879  1.00 29.33 ? 92  LYS A CE    1 
ATOM   764  N NZ    . LYS A 1 92  ? -0.711  8.950   12.342  1.00 40.03 ? 92  LYS A NZ    1 
ATOM   765  N N     . ASN A 1 93  ? 1.534   11.015  4.678   1.00 16.47 ? 93  ASN A N     1 
ATOM   766  C CA    . ASN A 1 93  ? 2.329   11.965  3.903   1.00 18.73 ? 93  ASN A CA    1 
ATOM   767  C C     . ASN A 1 93  ? 3.285   11.282  2.941   1.00 19.83 ? 93  ASN A C     1 
ATOM   768  O O     . ASN A 1 93  ? 4.417   11.728  2.754   1.00 17.46 ? 93  ASN A O     1 
ATOM   769  C CB    . ASN A 1 93  ? 3.090   12.887  4.859   1.00 20.11 ? 93  ASN A CB    1 
ATOM   770  C CG    . ASN A 1 93  ? 2.165   13.555  5.850   1.00 23.22 ? 93  ASN A CG    1 
ATOM   771  O OD1   . ASN A 1 93  ? 1.131   14.096  5.466   1.00 20.46 ? 93  ASN A OD1   1 
ATOM   772  N ND2   . ASN A 1 93  ? 2.508   13.490  7.134   1.00 23.78 ? 93  ASN A ND2   1 
ATOM   773  N N     . VAL A 1 94  ? 2.828   10.188  2.340   1.00 17.08 ? 94  VAL A N     1 
ATOM   774  C CA    . VAL A 1 94  ? 3.639   9.454   1.379   1.00 18.83 ? 94  VAL A CA    1 
ATOM   775  C C     . VAL A 1 94  ? 3.412   9.997   -0.032  1.00 19.46 ? 94  VAL A C     1 
ATOM   776  O O     . VAL A 1 94  ? 2.379   10.584  -0.306  1.00 21.01 ? 94  VAL A O     1 
ATOM   777  C CB    . VAL A 1 94  ? 3.334   7.953   1.444   1.00 17.29 ? 94  VAL A CB    1 
ATOM   778  C CG1   . VAL A 1 94  ? 3.708   7.418   2.826   1.00 17.15 ? 94  VAL A CG1   1 
ATOM   779  C CG2   . VAL A 1 94  ? 1.860   7.689   1.177   1.00 15.08 ? 94  VAL A CG2   1 
ATOM   780  N N     . ARG A 1 95  ? 4.391   9.833   -0.915  1.00 18.06 ? 95  ARG A N     1 
ATOM   781  C CA    . ARG A 1 95  ? 4.246   10.340  -2.282  1.00 19.07 ? 95  ARG A CA    1 
ATOM   782  C C     . ARG A 1 95  ? 3.847   9.228   -3.253  1.00 19.69 ? 95  ARG A C     1 
ATOM   783  O O     . ARG A 1 95  ? 4.092   8.053   -2.994  1.00 17.35 ? 95  ARG A O     1 
ATOM   784  C CB    . ARG A 1 95  ? 5.546   11.016  -2.747  1.00 25.68 ? 95  ARG A CB    1 
ATOM   785  C CG    . ARG A 1 95  ? 5.786   12.421  -2.172  1.00 36.69 ? 95  ARG A CG    1 
ATOM   786  C CD    . ARG A 1 95  ? 4.903   13.499  -2.830  1.00 38.73 ? 95  ARG A CD    1 
ATOM   787  N NE    . ARG A 1 95  ? 5.126   13.624  -4.275  1.00 39.79 ? 95  ARG A NE    1 
ATOM   788  C CZ    . ARG A 1 95  ? 4.580   14.568  -5.044  1.00 38.10 ? 95  ARG A CZ    1 
ATOM   789  N NH1   . ARG A 1 95  ? 3.780   15.478  -4.494  1.00 25.17 ? 95  ARG A NH1   1 
ATOM   790  N NH2   . ARG A 1 95  ? 4.838   14.607  -6.361  1.00 21.45 ? 95  ARG A NH2   1 
ATOM   791  N N     . THR A 1 96  ? 3.215   9.605   -4.360  1.00 15.28 ? 96  THR A N     1 
ATOM   792  C CA    . THR A 1 96  ? 2.881   8.642   -5.403  1.00 16.90 ? 96  THR A CA    1 
ATOM   793  C C     . THR A 1 96  ? 3.506   9.067   -6.717  1.00 18.90 ? 96  THR A C     1 
ATOM   794  O O     . THR A 1 96  ? 3.733   10.253  -6.960  1.00 19.34 ? 96  THR A O     1 
ATOM   795  C CB    . THR A 1 96  ? 1.369   8.530   -5.608  1.00 22.67 ? 96  THR A CB    1 
ATOM   796  O OG1   . THR A 1 96  ? 0.836   9.830   -5.870  1.00 24.85 ? 96  THR A OG1   1 
ATOM   797  C CG2   . THR A 1 96  ? 0.689   7.952   -4.368  1.00 24.61 ? 96  THR A CG2   1 
ATOM   798  N N     . LYS A 1 97  ? 3.800   8.094   -7.567  1.00 16.02 ? 97  LYS A N     1 
ATOM   799  C CA    . LYS A 1 97  ? 4.339   8.401   -8.877  1.00 16.92 ? 97  LYS A CA    1 
ATOM   800  C C     . LYS A 1 97  ? 3.691   7.496   -9.908  1.00 19.42 ? 97  LYS A C     1 
ATOM   801  O O     . LYS A 1 97  ? 2.891   6.615   -9.560  1.00 19.39 ? 97  LYS A O     1 
ATOM   802  C CB    . LYS A 1 97  ? 5.856   8.192   -8.886  1.00 18.39 ? 97  LYS A CB    1 
ATOM   803  C CG    . LYS A 1 97  ? 6.266   6.769   -8.524  1.00 22.30 ? 97  LYS A CG    1 
ATOM   804  C CD    . LYS A 1 97  ? 7.753   6.532   -8.737  1.00 28.07 ? 97  LYS A CD    1 
ATOM   805  C CE    . LYS A 1 97  ? 8.077   6.430   -10.212 1.00 21.22 ? 97  LYS A CE    1 
ATOM   806  N NZ    . LYS A 1 97  ? 9.389   5.797   -10.428 1.00 29.41 ? 97  LYS A NZ    1 
ATOM   807  N N     . ILE A 1 98  ? 4.031   7.719   -11.175 1.00 12.78 ? 98  ILE A N     1 
ATOM   808  C CA    . ILE A 1 98  ? 3.553   6.873   -12.265 1.00 16.86 ? 98  ILE A CA    1 
ATOM   809  C C     . ILE A 1 98  ? 4.726   6.114   -12.852 1.00 18.55 ? 98  ILE A C     1 
ATOM   810  O O     . ILE A 1 98  ? 5.747   6.723   -13.192 1.00 20.28 ? 98  ILE A O     1 
ATOM   811  C CB    . ILE A 1 98  ? 2.894   7.709   -13.374 1.00 20.27 ? 98  ILE A CB    1 
ATOM   812  C CG1   . ILE A 1 98  ? 1.622   8.372   -12.848 1.00 19.11 ? 98  ILE A CG1   1 
ATOM   813  C CG2   . ILE A 1 98  ? 2.578   6.826   -14.589 1.00 18.78 ? 98  ILE A CG2   1 
ATOM   814  C CD1   . ILE A 1 98  ? 0.544   7.399   -12.518 1.00 24.78 ? 98  ILE A CD1   1 
ATOM   815  N N     . ASP A 1 99  ? 4.620   4.791   -12.963 1.00 14.45 ? 99  ASP A N     1 
ATOM   816  C CA    . ASP A 1 99  ? 5.790   4.036   -13.417 1.00 18.30 ? 99  ASP A CA    1 
ATOM   817  C C     . ASP A 1 99  ? 5.909   4.052   -14.944 1.00 17.64 ? 99  ASP A C     1 
ATOM   818  O O     . ASP A 1 99  ? 5.125   4.718   -15.611 1.00 18.12 ? 99  ASP A O     1 
ATOM   819  C CB    . ASP A 1 99  ? 5.848   2.612   -12.823 1.00 17.29 ? 99  ASP A CB    1 
ATOM   820  C CG    . ASP A 1 99  ? 4.759   1.693   -13.350 1.00 15.97 ? 99  ASP A CG    1 
ATOM   821  O OD1   . ASP A 1 99  ? 4.168   1.993   -14.404 1.00 17.11 ? 99  ASP A OD1   1 
ATOM   822  O OD2   . ASP A 1 99  ? 4.513   0.636   -12.719 1.00 17.67 ? 99  ASP A OD2   1 
ATOM   823  N N     . HIS A 1 100 ? 6.890   3.331   -15.483 1.00 21.31 ? 100 HIS A N     1 
ATOM   824  C CA    . HIS A 1 100 ? 7.153   3.351   -16.925 1.00 23.29 ? 100 HIS A CA    1 
ATOM   825  C C     . HIS A 1 100 ? 6.013   2.790   -17.775 1.00 24.37 ? 100 HIS A C     1 
ATOM   826  O O     . HIS A 1 100 ? 5.927   3.060   -18.977 1.00 24.48 ? 100 HIS A O     1 
ATOM   827  C CB    . HIS A 1 100 ? 8.453   2.621   -17.248 1.00 24.87 ? 100 HIS A CB    1 
ATOM   828  C CG    . HIS A 1 100 ? 9.667   3.286   -16.669 1.00 36.21 ? 100 HIS A CG    1 
ATOM   829  N ND1   . HIS A 1 100 ? 10.053  3.111   -15.363 1.00 42.75 ? 100 HIS A ND1   1 
ATOM   830  C CD2   . HIS A 1 100 ? 10.555  4.149   -17.221 1.00 35.20 ? 100 HIS A CD2   1 
ATOM   831  C CE1   . HIS A 1 100 ? 11.150  3.823   -15.132 1.00 48.07 ? 100 HIS A CE1   1 
ATOM   832  N NE2   . HIS A 1 100 ? 11.472  4.455   -16.242 1.00 40.60 ? 100 HIS A NE2   1 
ATOM   833  N N     . LEU A 1 101 ? 5.138   2.018   -17.146 1.00 20.94 ? 101 LEU A N     1 
ATOM   834  C CA    . LEU A 1 101 ? 4.043   1.372   -17.854 1.00 18.85 ? 101 LEU A CA    1 
ATOM   835  C C     . LEU A 1 101 ? 2.717   2.052   -17.560 1.00 22.43 ? 101 LEU A C     1 
ATOM   836  O O     . LEU A 1 101 ? 1.661   1.595   -18.013 1.00 25.82 ? 101 LEU A O     1 
ATOM   837  C CB    . LEU A 1 101 ? 3.979   -0.109  -17.480 1.00 19.03 ? 101 LEU A CB    1 
ATOM   838  C CG    . LEU A 1 101 ? 5.235   -0.891  -17.868 1.00 19.91 ? 101 LEU A CG    1 
ATOM   839  C CD1   . LEU A 1 101 ? 5.104   -2.355  -17.481 1.00 19.48 ? 101 LEU A CD1   1 
ATOM   840  C CD2   . LEU A 1 101 ? 5.495   -0.737  -19.375 1.00 22.12 ? 101 LEU A CD2   1 
ATOM   841  N N     . GLY A 1 102 ? 2.771   3.140   -16.794 1.00 17.42 ? 102 GLY A N     1 
ATOM   842  C CA    . GLY A 1 102 ? 1.592   3.962   -16.565 1.00 17.98 ? 102 GLY A CA    1 
ATOM   843  C C     . GLY A 1 102 ? 0.771   3.640   -15.322 1.00 20.62 ? 102 GLY A C     1 
ATOM   844  O O     . GLY A 1 102 ? -0.358  4.117   -15.188 1.00 19.30 ? 102 GLY A O     1 
ATOM   845  N N     . TYR A 1 103 ? 1.334   2.851   -14.407 1.00 17.65 ? 103 TYR A N     1 
ATOM   846  C CA    . TYR A 1 103 ? 0.621   2.472   -13.181 1.00 16.49 ? 103 TYR A CA    1 
ATOM   847  C C     . TYR A 1 103 ? 1.038   3.304   -11.980 1.00 19.70 ? 103 TYR A C     1 
ATOM   848  O O     . TYR A 1 103 ? 2.208   3.641   -11.828 1.00 16.54 ? 103 TYR A O     1 
ATOM   849  C CB    . TYR A 1 103 ? 0.824   0.979   -12.882 1.00 18.19 ? 103 TYR A CB    1 
ATOM   850  C CG    . TYR A 1 103 ? 0.362   0.126   -14.042 1.00 15.43 ? 103 TYR A CG    1 
ATOM   851  C CD1   . TYR A 1 103 ? -0.988  -0.063  -14.285 1.00 18.09 ? 103 TYR A CD1   1 
ATOM   852  C CD2   . TYR A 1 103 ? 1.271   -0.434  -14.920 1.00 17.29 ? 103 TYR A CD2   1 
ATOM   853  C CE1   . TYR A 1 103 ? -1.419  -0.817  -15.364 1.00 22.03 ? 103 TYR A CE1   1 
ATOM   854  C CE2   . TYR A 1 103 ? 0.850   -1.181  -15.999 1.00 20.38 ? 103 TYR A CE2   1 
ATOM   855  C CZ    . TYR A 1 103 ? -0.492  -1.368  -16.216 1.00 23.13 ? 103 TYR A CZ    1 
ATOM   856  O OH    . TYR A 1 103 ? -0.901  -2.115  -17.298 1.00 23.93 ? 103 TYR A OH    1 
ATOM   857  N N     . LEU A 1 104 ? 0.074   3.603   -11.117 1.00 14.14 ? 104 LEU A N     1 
ATOM   858  C CA    . LEU A 1 104 ? 0.350   4.358   -9.899  1.00 16.55 ? 104 LEU A CA    1 
ATOM   859  C C     . LEU A 1 104 ? 1.211   3.520   -8.962  1.00 18.47 ? 104 LEU A C     1 
ATOM   860  O O     . LEU A 1 104 ? 1.062   2.303   -8.897  1.00 18.28 ? 104 LEU A O     1 
ATOM   861  C CB    . LEU A 1 104 ? -0.965  4.722   -9.199  1.00 19.16 ? 104 LEU A CB    1 
ATOM   862  C CG    . LEU A 1 104 ? -1.328  6.197   -8.995  1.00 26.55 ? 104 LEU A CG    1 
ATOM   863  C CD1   . LEU A 1 104 ? -2.590  6.327   -8.152  1.00 23.40 ? 104 LEU A CD1   1 
ATOM   864  C CD2   . LEU A 1 104 ? -0.205  6.955   -8.358  1.00 23.57 ? 104 LEU A CD2   1 
ATOM   865  N N     . GLU A 1 105 ? 2.117   4.166   -8.238  1.00 13.62 ? 105 GLU A N     1 
ATOM   866  C CA    . GLU A 1 105 ? 2.924   3.471   -7.254  1.00 14.93 ? 105 GLU A CA    1 
ATOM   867  C C     . GLU A 1 105 ? 3.190   4.437   -6.106  1.00 16.98 ? 105 GLU A C     1 
ATOM   868  O O     . GLU A 1 105 ? 3.174   5.661   -6.281  1.00 18.91 ? 105 GLU A O     1 
ATOM   869  C CB    . GLU A 1 105 ? 4.240   3.004   -7.888  1.00 18.26 ? 105 GLU A CB    1 
ATOM   870  C CG    . GLU A 1 105 ? 5.035   1.999   -7.081  1.00 21.31 ? 105 GLU A CG    1 
ATOM   871  C CD    . GLU A 1 105 ? 6.106   1.297   -7.921  1.00 19.90 ? 105 GLU A CD    1 
ATOM   872  O OE1   . GLU A 1 105 ? 6.734   1.965   -8.770  1.00 18.70 ? 105 GLU A OE1   1 
ATOM   873  O OE2   . GLU A 1 105 ? 6.321   0.079   -7.718  1.00 21.89 ? 105 GLU A OE2   1 
ATOM   874  N N     . CYS A 1 106 ? 3.385   3.888   -4.924  1.00 11.99 ? 106 CYS A N     1 
ATOM   875  C CA    A CYS A 1 106 ? 3.706   4.699   -3.765  0.60 14.42 ? 106 CYS A CA    1 
ATOM   876  C CA    B CYS A 1 106 ? 3.708   4.685   -3.745  0.40 14.41 ? 106 CYS A CA    1 
ATOM   877  C C     . CYS A 1 106 ? 5.171   4.470   -3.426  1.00 15.84 ? 106 CYS A C     1 
ATOM   878  O O     . CYS A 1 106 ? 5.637   3.334   -3.416  1.00 14.86 ? 106 CYS A O     1 
ATOM   879  C CB    A CYS A 1 106 ? 2.792   4.318   -2.604  0.60 15.30 ? 106 CYS A CB    1 
ATOM   880  C CB    B CYS A 1 106 ? 2.860   4.245   -2.551  0.40 15.32 ? 106 CYS A CB    1 
ATOM   881  S SG    A CYS A 1 106 ? 3.222   5.079   -1.042  0.60 13.70 ? 106 CYS A SG    1 
ATOM   882  S SG    B CYS A 1 106 ? 1.370   5.211   -2.255  0.40 27.03 ? 106 CYS A SG    1 
ATOM   883  N N     . ILE A 1 107 ? 5.905   5.552   -3.170  1.00 15.85 ? 107 ILE A N     1 
ATOM   884  C CA    . ILE A 1 107 ? 7.334   5.437   -2.886  1.00 15.91 ? 107 ILE A CA    1 
ATOM   885  C C     . ILE A 1 107 ? 7.719   6.126   -1.582  1.00 21.15 ? 107 ILE A C     1 
ATOM   886  O O     . ILE A 1 107 ? 7.339   7.270   -1.344  1.00 22.45 ? 107 ILE A O     1 
ATOM   887  C CB    . ILE A 1 107 ? 8.210   6.091   -3.994  1.00 22.87 ? 107 ILE A CB    1 
ATOM   888  C CG1   . ILE A 1 107 ? 7.821   5.610   -5.403  1.00 18.72 ? 107 ILE A CG1   1 
ATOM   889  C CG2   . ILE A 1 107 ? 9.696   5.857   -3.698  1.00 19.39 ? 107 ILE A CG2   1 
ATOM   890  C CD1   . ILE A 1 107 ? 8.134   4.124   -5.702  1.00 16.10 ? 107 ILE A CD1   1 
ATOM   891  N N     . LEU A 1 108 ? 8.505   5.438   -0.757  1.00 16.33 ? 108 LEU A N     1 
ATOM   892  C CA    . LEU A 1 108 ? 9.098   6.061   0.418   1.00 17.64 ? 108 LEU A CA    1 
ATOM   893  C C     . LEU A 1 108 ? 10.614  6.153   0.233   1.00 17.41 ? 108 LEU A C     1 
ATOM   894  O O     . LEU A 1 108 ? 11.334  5.164   0.368   1.00 16.34 ? 108 LEU A O     1 
ATOM   895  C CB    . LEU A 1 108 ? 8.716   5.330   1.710   1.00 19.18 ? 108 LEU A CB    1 
ATOM   896  C CG    . LEU A 1 108 ? 7.285   5.587   2.214   1.00 17.44 ? 108 LEU A CG    1 
ATOM   897  C CD1   . LEU A 1 108 ? 6.244   4.972   1.278   1.00 20.03 ? 108 LEU A CD1   1 
ATOM   898  C CD2   . LEU A 1 108 ? 7.089   5.065   3.626   1.00 22.34 ? 108 LEU A CD2   1 
ATOM   899  N N     . HIS A 1 109 ? 11.083  7.349   -0.118  1.00 21.12 ? 109 HIS A N     1 
ATOM   900  C CA    . HIS A 1 109 ? 12.501  7.577   -0.383  1.00 21.73 ? 109 HIS A CA    1 
ATOM   901  C C     . HIS A 1 109 ? 13.233  7.815   0.921   1.00 19.75 ? 109 HIS A C     1 
ATOM   902  O O     . HIS A 1 109 ? 12.684  8.407   1.840   1.00 20.69 ? 109 HIS A O     1 
ATOM   903  C CB    . HIS A 1 109 ? 12.712  8.815   -1.266  1.00 25.77 ? 109 HIS A CB    1 
ATOM   904  C CG    . HIS A 1 109 ? 12.196  8.666   -2.665  1.00 21.79 ? 109 HIS A CG    1 
ATOM   905  N ND1   . HIS A 1 109 ? 12.852  7.920   -3.622  1.00 21.87 ? 109 HIS A ND1   1 
ATOM   906  C CD2   . HIS A 1 109 ? 11.107  9.189   -3.273  1.00 23.86 ? 109 HIS A CD2   1 
ATOM   907  C CE1   . HIS A 1 109 ? 12.178  7.981   -4.758  1.00 22.44 ? 109 HIS A CE1   1 
ATOM   908  N NE2   . HIS A 1 109 ? 11.114  8.742   -4.573  1.00 24.37 ? 109 HIS A NE2   1 
ATOM   909  N N     . GLY A 1 110 ? 14.486  7.380   0.975   1.00 20.90 ? 110 GLY A N     1 
ATOM   910  C CA    . GLY A 1 110 ? 15.319  7.582   2.146   1.00 23.41 ? 110 GLY A CA    1 
ATOM   911  C C     . GLY A 1 110 ? 15.548  9.048   2.478   1.00 33.42 ? 110 GLY A C     1 
ATOM   912  O O     . GLY A 1 110 ? 15.488  9.911   1.603   1.00 26.96 ? 110 GLY A O     1 
ATOM   913  N N     . ASP A 1 111 ? 15.815  9.305   3.758   1.00 31.19 ? 111 ASP A N     1 
ATOM   914  C CA    . ASP A 1 111 ? 16.019  10.646  4.324   1.00 38.15 ? 111 ASP A CA    1 
ATOM   915  C C     . ASP A 1 111 ? 15.108  11.744  3.784   1.00 36.57 ? 111 ASP A C     1 
ATOM   916  O O     . ASP A 1 111 ? 15.569  12.765  3.274   1.00 40.32 ? 111 ASP A O     1 
ATOM   917  C CB    . ASP A 1 111 ? 17.494  11.067  4.300   1.00 43.73 ? 111 ASP A CB    1 
ATOM   918  C CG    . ASP A 1 111 ? 18.156  10.830  2.963   1.00 51.00 ? 111 ASP A CG    1 
ATOM   919  O OD1   . ASP A 1 111 ? 17.668  11.366  1.946   1.00 52.56 ? 111 ASP A OD1   1 
ATOM   920  O OD2   . ASP A 1 111 ? 19.173  10.105  2.932   1.00 58.43 ? 111 ASP A OD2   1 
ATOM   921  N N     . SER A 1 112 ? 13.810  11.538  3.938   1.00 32.56 ? 112 SER A N     1 
ATOM   922  C CA    . SER A 1 112 ? 12.837  12.566  3.637   1.00 33.72 ? 112 SER A CA    1 
ATOM   923  C C     . SER A 1 112 ? 12.865  13.590  4.762   1.00 34.14 ? 112 SER A C     1 
ATOM   924  O O     . SER A 1 112 ? 12.975  13.228  5.927   1.00 43.75 ? 112 SER A O     1 
ATOM   925  C CB    . SER A 1 112 ? 11.448  11.946  3.509   1.00 40.57 ? 112 SER A CB    1 
ATOM   926  O OG    . SER A 1 112 ? 10.500  12.655  4.274   1.00 43.51 ? 112 SER A OG    1 
ATOM   927  N N     . ALA A 1 113 ? 12.783  14.866  4.410   1.00 40.67 ? 113 ALA A N     1 
ATOM   928  C CA    . ALA A 1 113 ? 12.846  15.944  5.395   1.00 40.83 ? 113 ALA A CA    1 
ATOM   929  C C     . ALA A 1 113 ? 11.911  15.706  6.580   1.00 41.38 ? 113 ALA A C     1 
ATOM   930  O O     . ALA A 1 113 ? 10.748  15.363  6.399   1.00 33.59 ? 113 ALA A O     1 
ATOM   931  C CB    . ALA A 1 113 ? 12.525  17.266  4.734   1.00 37.50 ? 113 ALA A CB    1 
ATOM   932  N N     . LYS A 1 114 ? 12.425  15.902  7.791   1.00 37.82 ? 114 LYS A N     1 
ATOM   933  C CA    . LYS A 1 114 ? 11.621  15.726  8.997   1.00 42.55 ? 114 LYS A CA    1 
ATOM   934  C C     . LYS A 1 114 ? 10.290  16.461  8.879   1.00 40.71 ? 114 LYS A C     1 
ATOM   935  O O     . LYS A 1 114 ? 9.268   16.010  9.390   1.00 35.79 ? 114 LYS A O     1 
ATOM   936  C CB    . LYS A 1 114 ? 12.373  16.227  10.236  1.00 44.58 ? 114 LYS A CB    1 
ATOM   937  C CG    . LYS A 1 114 ? 11.451  16.674  11.361  1.00 56.20 ? 114 LYS A CG    1 
ATOM   938  C CD    . LYS A 1 114 ? 12.206  17.373  12.489  1.00 59.53 ? 114 LYS A CD    1 
ATOM   939  C CE    . LYS A 1 114 ? 12.018  18.883  12.446  1.00 52.78 ? 114 LYS A CE    1 
ATOM   940  N NZ    . LYS A 1 114 ? 11.012  19.356  13.429  1.00 48.05 ? 114 LYS A NZ    1 
ATOM   941  N N     . ARG A 1 115 ? 10.315  17.597  8.195   1.00 36.85 ? 115 ARG A N     1 
ATOM   942  C CA    . ARG A 1 115 ? 9.139   18.444  8.070   1.00 37.31 ? 115 ARG A CA    1 
ATOM   943  C C     . ARG A 1 115 ? 7.969   17.776  7.347   1.00 35.44 ? 115 ARG A C     1 
ATOM   944  O O     . ARG A 1 115 ? 6.819   18.138  7.569   1.00 37.57 ? 115 ARG A O     1 
ATOM   945  C CB    . ARG A 1 115 ? 9.500   19.765  7.393   1.00 38.29 ? 115 ARG A CB    1 
ATOM   946  C CG    . ARG A 1 115 ? 9.557   19.702  5.885   1.00 40.67 ? 115 ARG A CG    1 
ATOM   947  C CD    . ARG A 1 115 ? 9.457   21.089  5.278   1.00 42.91 ? 115 ARG A CD    1 
ATOM   948  N NE    . ARG A 1 115 ? 10.175  21.168  4.016   1.00 43.98 ? 115 ARG A NE    1 
ATOM   949  C CZ    . ARG A 1 115 ? 11.385  20.663  3.827   1.00 45.10 ? 115 ARG A CZ    1 
ATOM   950  N NH1   . ARG A 1 115 ? 11.996  20.049  4.824   1.00 50.74 ? 115 ARG A NH1   1 
ATOM   951  N NH2   . ARG A 1 115 ? 11.980  20.768  2.648   1.00 36.71 ? 115 ARG A NH2   1 
ATOM   952  N N     . TYR A 1 116 ? 8.263   16.805  6.489   1.00 29.90 ? 116 TYR A N     1 
ATOM   953  C CA    . TYR A 1 116 ? 7.212   16.109  5.752   1.00 33.27 ? 116 TYR A CA    1 
ATOM   954  C C     . TYR A 1 116 ? 6.395   15.182  6.642   1.00 29.58 ? 116 TYR A C     1 
ATOM   955  O O     . TYR A 1 116 ? 5.266   14.839  6.320   1.00 26.81 ? 116 TYR A O     1 
ATOM   956  C CB    . TYR A 1 116 ? 7.791   15.325  4.575   1.00 24.73 ? 116 TYR A CB    1 
ATOM   957  C CG    . TYR A 1 116 ? 8.280   16.215  3.468   1.00 31.60 ? 116 TYR A CG    1 
ATOM   958  C CD1   . TYR A 1 116 ? 7.503   17.269  3.015   1.00 31.07 ? 116 TYR A CD1   1 
ATOM   959  C CD2   . TYR A 1 116 ? 9.520   16.017  2.887   1.00 36.08 ? 116 TYR A CD2   1 
ATOM   960  C CE1   . TYR A 1 116 ? 7.941   18.095  2.013   1.00 29.39 ? 116 TYR A CE1   1 
ATOM   961  C CE2   . TYR A 1 116 ? 9.971   16.843  1.879   1.00 35.93 ? 116 TYR A CE2   1 
ATOM   962  C CZ    . TYR A 1 116 ? 9.176   17.883  1.447   1.00 38.79 ? 116 TYR A CZ    1 
ATOM   963  O OH    . TYR A 1 116 ? 9.612   18.715  0.447   1.00 30.58 ? 116 TYR A OH    1 
ATOM   964  N N     . ASN A 1 117 ? 6.980   14.775  7.758   1.00 29.47 ? 117 ASN A N     1 
ATOM   965  C CA    . ASN A 1 117 ? 6.314   13.857  8.663   1.00 26.10 ? 117 ASN A CA    1 
ATOM   966  C C     . ASN A 1 117 ? 5.769   12.643  7.924   1.00 26.09 ? 117 ASN A C     1 
ATOM   967  O O     . ASN A 1 117 ? 4.642   12.234  8.151   1.00 26.50 ? 117 ASN A O     1 
ATOM   968  C CB    . ASN A 1 117 ? 5.189   14.560  9.412   1.00 31.18 ? 117 ASN A CB    1 
ATOM   969  C CG    . ASN A 1 117 ? 5.702   15.581  10.396  1.00 41.29 ? 117 ASN A CG    1 
ATOM   970  O OD1   . ASN A 1 117 ? 6.809   15.459  10.913  1.00 44.99 ? 117 ASN A OD1   1 
ATOM   971  N ND2   . ASN A 1 117 ? 4.895   16.599  10.663  1.00 39.04 ? 117 ASN A ND2   1 
ATOM   972  N N     . MET A 1 118 ? 6.582   12.086  7.035   1.00 19.84 ? 118 MET A N     1 
ATOM   973  C CA    . MET A 1 118 ? 6.223   10.870  6.300   1.00 21.14 ? 118 MET A CA    1 
ATOM   974  C C     . MET A 1 118 ? 6.485   9.656   7.182   1.00 19.56 ? 118 MET A C     1 
ATOM   975  O O     . MET A 1 118 ? 7.526   9.553   7.824   1.00 17.78 ? 118 MET A O     1 
ATOM   976  C CB    . MET A 1 118 ? 7.028   10.772  4.997   1.00 23.06 ? 118 MET A CB    1 
ATOM   977  C CG    . MET A 1 118 ? 6.698   9.568   4.137   1.00 19.44 ? 118 MET A CG    1 
ATOM   978  S SD    . MET A 1 118 ? 7.590   9.544   2.556   1.00 23.40 ? 118 MET A SD    1 
ATOM   979  C CE    . MET A 1 118 ? 9.284   9.324   3.079   1.00 28.02 ? 118 MET A CE    1 
ATOM   980  N N     . SER A 1 119 ? 5.535   8.735   7.232   1.00 16.75 ? 119 SER A N     1 
ATOM   981  C CA    . SER A 1 119 ? 5.701   7.573   8.103   1.00 16.15 ? 119 SER A CA    1 
ATOM   982  C C     . SER A 1 119 ? 4.865   6.399   7.647   1.00 15.50 ? 119 SER A C     1 
ATOM   983  O O     . SER A 1 119 ? 3.925   6.556   6.879   1.00 16.06 ? 119 SER A O     1 
ATOM   984  C CB    . SER A 1 119 ? 5.310   7.931   9.541   1.00 17.40 ? 119 SER A CB    1 
ATOM   985  O OG    . SER A 1 119 ? 3.939   8.261   9.615   1.00 15.50 ? 119 SER A OG    1 
ATOM   986  N N     . ILE A 1 120 ? 5.244   5.212   8.104   1.00 15.84 ? 120 ILE A N     1 
ATOM   987  C CA    . ILE A 1 120 ? 4.378   4.053   7.996   1.00 13.40 ? 120 ILE A CA    1 
ATOM   988  C C     . ILE A 1 120 ? 4.455   3.351   9.330   1.00 16.20 ? 120 ILE A C     1 
ATOM   989  O O     . ILE A 1 120 ? 5.545   3.164   9.873   1.00 16.42 ? 120 ILE A O     1 
ATOM   990  C CB    . ILE A 1 120 ? 4.814   3.086   6.875   1.00 16.55 ? 120 ILE A CB    1 
ATOM   991  C CG1   . ILE A 1 120 ? 4.026   1.781   6.996   1.00 16.76 ? 120 ILE A CG1   1 
ATOM   992  C CG2   . ILE A 1 120 ? 6.318   2.799   6.949   1.00 18.18 ? 120 ILE A CG2   1 
ATOM   993  C CD1   . ILE A 1 120 ? 4.191   0.857   5.804   1.00 16.80 ? 120 ILE A CD1   1 
ATOM   994  N N     . GLU A 1 121 ? 3.299   2.991   9.876   1.00 16.54 ? 121 GLU A N     1 
ATOM   995  C CA    . GLU A 1 121 ? 3.252   2.288   11.150  1.00 19.26 ? 121 GLU A CA    1 
ATOM   996  C C     . GLU A 1 121 ? 2.191   1.189   11.120  1.00 17.29 ? 121 GLU A C     1 
ATOM   997  O O     . GLU A 1 121 ? 1.200   1.287   10.411  1.00 17.91 ? 121 GLU A O     1 
ATOM   998  C CB    . GLU A 1 121 ? 3.004   3.266   12.304  1.00 21.60 ? 121 GLU A CB    1 
ATOM   999  C CG    . GLU A 1 121 ? 4.139   4.289   12.535  1.00 20.78 ? 121 GLU A CG    1 
ATOM   1000 C CD    . GLU A 1 121 ? 5.456   3.678   13.068  1.00 24.13 ? 121 GLU A CD    1 
ATOM   1001 O OE1   . GLU A 1 121 ? 5.557   2.435   13.176  1.00 22.18 ? 121 GLU A OE1   1 
ATOM   1002 O OE2   . GLU A 1 121 ? 6.392   4.454   13.393  1.00 23.43 ? 121 GLU A OE2   1 
ATOM   1003 N N     . LYS A 1 122 ? 2.425   0.115   11.857  1.00 16.01 ? 122 LYS A N     1 
ATOM   1004 C CA    . LYS A 1 122 ? 1.447   -0.955  11.907  1.00 17.40 ? 122 LYS A CA    1 
ATOM   1005 C C     . LYS A 1 122 ? 0.310   -0.485  12.789  1.00 20.43 ? 122 LYS A C     1 
ATOM   1006 O O     . LYS A 1 122 ? 0.534   0.199   13.794  1.00 24.09 ? 122 LYS A O     1 
ATOM   1007 C CB    . LYS A 1 122 ? 2.084   -2.235  12.466  1.00 17.84 ? 122 LYS A CB    1 
ATOM   1008 C CG    . LYS A 1 122 ? 1.082   -3.349  12.728  1.00 22.30 ? 122 LYS A CG    1 
ATOM   1009 C CD    . LYS A 1 122 ? 1.751   -4.539  13.396  1.00 22.25 ? 122 LYS A CD    1 
ATOM   1010 C CE    . LYS A 1 122 ? 3.032   -4.894  12.677  1.00 30.91 ? 122 LYS A CE    1 
ATOM   1011 N NZ    . LYS A 1 122 ? 3.937   -5.762  13.491  1.00 41.92 ? 122 LYS A NZ    1 
ATOM   1012 N N     . VAL A 1 123 ? -0.915  -0.833  12.410  1.00 21.57 ? 123 VAL A N     1 
ATOM   1013 C CA    . VAL A 1 123 ? -2.082  -0.483  13.205  1.00 23.69 ? 123 VAL A CA    1 
ATOM   1014 C C     . VAL A 1 123 ? -2.597  -1.759  13.862  1.00 27.17 ? 123 VAL A C     1 
ATOM   1015 O O     . VAL A 1 123 ? -2.732  -2.779  13.196  1.00 25.86 ? 123 VAL A O     1 
ATOM   1016 C CB    . VAL A 1 123 ? -3.179  0.144   12.342  1.00 20.89 ? 123 VAL A CB    1 
ATOM   1017 C CG1   . VAL A 1 123 ? -4.373  0.525   13.198  1.00 27.81 ? 123 VAL A CG1   1 
ATOM   1018 C CG2   . VAL A 1 123 ? -2.635  1.370   11.584  1.00 21.50 ? 123 VAL A CG2   1 
ATOM   1019 N N     . ASP A 1 124 ? -2.839  -1.728  15.171  1.00 28.64 ? 124 ASP A N     1 
ATOM   1020 C CA    . ASP A 1 124 ? -3.339  -2.934  15.820  1.00 33.22 ? 124 ASP A CA    1 
ATOM   1021 C C     . ASP A 1 124 ? -4.627  -3.343  15.122  1.00 28.95 ? 124 ASP A C     1 
ATOM   1022 O O     . ASP A 1 124 ? -5.485  -2.502  14.843  1.00 29.60 ? 124 ASP A O     1 
ATOM   1023 C CB    . ASP A 1 124 ? -3.571  -2.738  17.322  1.00 37.28 ? 124 ASP A CB    1 
ATOM   1024 C CG    . ASP A 1 124 ? -4.062  -4.012  18.002  1.00 44.66 ? 124 ASP A CG    1 
ATOM   1025 O OD1   . ASP A 1 124 ? -3.221  -4.883  18.323  1.00 45.55 ? 124 ASP A OD1   1 
ATOM   1026 O OD2   . ASP A 1 124 ? -5.292  -4.149  18.200  1.00 47.21 ? 124 ASP A OD2   1 
ATOM   1027 N N     . SER A 1 125 ? -4.753  -4.634  14.828  1.00 33.73 ? 125 SER A N     1 
ATOM   1028 C CA    . SER A 1 125 ? -5.864  -5.133  14.022  1.00 31.61 ? 125 SER A CA    1 
ATOM   1029 C C     . SER A 1 125 ? -7.231  -4.879  14.645  1.00 30.32 ? 125 SER A C     1 
ATOM   1030 O O     . SER A 1 125 ? -8.252  -4.960  13.960  1.00 33.95 ? 125 SER A O     1 
ATOM   1031 C CB    . SER A 1 125 ? -5.697  -6.624  13.729  1.00 30.91 ? 125 SER A CB    1 
ATOM   1032 O OG    . SER A 1 125 ? -5.603  -7.368  14.934  1.00 38.09 ? 125 SER A OG    1 
ATOM   1033 N N     . GLU A 1 126 ? -7.252  -4.570  15.938  1.00 31.38 ? 126 GLU A N     1 
ATOM   1034 C CA    . GLU A 1 126 ? -8.515  -4.343  16.647  1.00 31.72 ? 126 GLU A CA    1 
ATOM   1035 C C     . GLU A 1 126 ? -8.937  -2.882  16.676  1.00 30.22 ? 126 GLU A C     1 
ATOM   1036 O O     . GLU A 1 126 ? -9.946  -2.533  17.284  1.00 33.78 ? 126 GLU A O     1 
ATOM   1037 C CB    . GLU A 1 126 ? -8.439  -4.876  18.079  1.00 35.46 ? 126 GLU A CB    1 
ATOM   1038 C CG    . GLU A 1 126 ? -8.452  -6.386  18.177  1.00 40.56 ? 126 GLU A CG    1 
ATOM   1039 C CD    . GLU A 1 126 ? -8.382  -6.871  19.610  1.00 40.09 ? 126 GLU A CD    1 
ATOM   1040 O OE1   . GLU A 1 126 ? -8.151  -6.041  20.521  1.00 41.16 ? 126 GLU A OE1   1 
ATOM   1041 O OE2   . GLU A 1 126 ? -8.558  -8.088  19.821  1.00 45.12 ? 126 GLU A OE2   1 
ATOM   1042 N N     . GLU A 1 127 ? -8.161  -2.033  16.012  1.00 35.09 ? 127 GLU A N     1 
ATOM   1043 C CA    . GLU A 1 127 ? -8.440  -0.600  15.950  1.00 35.17 ? 127 GLU A CA    1 
ATOM   1044 C C     . GLU A 1 127 ? -9.668  -0.255  15.097  1.00 35.85 ? 127 GLU A C     1 
ATOM   1045 O O     . GLU A 1 127 ? -9.742  -0.638  13.927  1.00 32.89 ? 127 GLU A O     1 
ATOM   1046 C CB    . GLU A 1 127 ? -7.210  0.129   15.407  1.00 41.11 ? 127 GLU A CB    1 
ATOM   1047 C CG    . GLU A 1 127 ? -7.527  1.437   14.726  1.00 43.92 ? 127 GLU A CG    1 
ATOM   1048 C CD    . GLU A 1 127 ? -7.776  2.580   15.696  1.00 51.74 ? 127 GLU A CD    1 
ATOM   1049 O OE1   . GLU A 1 127 ? -8.806  2.556   16.397  1.00 49.79 ? 127 GLU A OE1   1 
ATOM   1050 O OE2   . GLU A 1 127 ? -6.945  3.513   15.754  1.00 59.36 ? 127 GLU A OE2   1 
ATOM   1051 N N     . PRO A 1 128 ? -10.641 0.467   15.684  1.00 33.42 ? 128 PRO A N     1 
ATOM   1052 C CA    . PRO A 1 128 ? -11.881 0.851   14.993  1.00 35.32 ? 128 PRO A CA    1 
ATOM   1053 C C     . PRO A 1 128 ? -11.750 1.617   13.667  1.00 32.10 ? 128 PRO A C     1 
ATOM   1054 O O     . PRO A 1 128 ? -12.722 1.635   12.916  1.00 33.78 ? 128 PRO A O     1 
ATOM   1055 C CB    . PRO A 1 128 ? -12.624 1.714   16.035  1.00 35.22 ? 128 PRO A CB    1 
ATOM   1056 C CG    . PRO A 1 128 ? -11.674 1.883   17.204  1.00 39.93 ? 128 PRO A CG    1 
ATOM   1057 C CD    . PRO A 1 128 ? -10.747 0.694   17.135  1.00 41.00 ? 128 PRO A CD    1 
ATOM   1058 N N     . GLU A 1 129 ? -10.620 2.255   13.378  1.00 36.46 ? 129 GLU A N     1 
ATOM   1059 C CA    . GLU A 1 129 ? -10.514 2.986   12.112  1.00 30.14 ? 129 GLU A CA    1 
ATOM   1060 C C     . GLU A 1 129 ? -10.364 2.019   10.940  1.00 27.59 ? 129 GLU A C     1 
ATOM   1061 O O     . GLU A 1 129 ? -10.435 2.417   9.784   1.00 27.20 ? 129 GLU A O     1 
ATOM   1062 C CB    . GLU A 1 129 ? -9.332  3.955   12.137  1.00 35.58 ? 129 GLU A CB    1 
ATOM   1063 C CG    . GLU A 1 129 ? -7.996  3.256   12.183  1.00 36.95 ? 129 GLU A CG    1 
ATOM   1064 C CD    . GLU A 1 129 ? -6.959  4.016   12.982  1.00 46.97 ? 129 GLU A CD    1 
ATOM   1065 O OE1   . GLU A 1 129 ? -7.195  5.203   13.280  1.00 52.75 ? 129 GLU A OE1   1 
ATOM   1066 O OE2   . GLU A 1 129 ? -5.905  3.425   13.315  1.00 48.95 ? 129 GLU A OE2   1 
ATOM   1067 N N     . LEU A 1 130 ? -10.146 0.749   11.255  1.00 26.87 ? 130 LEU A N     1 
ATOM   1068 C CA    . LEU A 1 130 ? -10.006 -0.293  10.241  1.00 26.38 ? 130 LEU A CA    1 
ATOM   1069 C C     . LEU A 1 130 ? -11.360 -0.916  9.846   1.00 28.04 ? 130 LEU A C     1 
ATOM   1070 O O     . LEU A 1 130 ? -11.421 -1.811  8.990   1.00 17.91 ? 130 LEU A O     1 
ATOM   1071 C CB    . LEU A 1 130 ? -9.044  -1.370  10.749  1.00 25.19 ? 130 LEU A CB    1 
ATOM   1072 C CG    . LEU A 1 130 ? -7.674  -0.900  11.251  1.00 19.70 ? 130 LEU A CG    1 
ATOM   1073 C CD1   . LEU A 1 130 ? -6.920  -2.046  11.896  1.00 26.25 ? 130 LEU A CD1   1 
ATOM   1074 C CD2   . LEU A 1 130 ? -6.843  -0.278  10.105  1.00 19.27 ? 130 LEU A CD2   1 
ATOM   1075 N N     . ASN A 1 131 ? -12.446 -0.439  10.459  1.00 25.57 ? 131 ASN A N     1 
ATOM   1076 C CA    . ASN A 1 131 ? -13.779 -1.011  10.222  1.00 27.43 ? 131 ASN A CA    1 
ATOM   1077 C C     . ASN A 1 131 ? -14.274 -0.981  8.771   1.00 24.58 ? 131 ASN A C     1 
ATOM   1078 O O     . ASN A 1 131 ? -14.841 -1.968  8.296   1.00 23.64 ? 131 ASN A O     1 
ATOM   1079 C CB    . ASN A 1 131 ? -14.837 -0.354  11.121  1.00 26.20 ? 131 ASN A CB    1 
ATOM   1080 C CG    . ASN A 1 131 ? -14.780 -0.842  12.556  1.00 29.62 ? 131 ASN A CG    1 
ATOM   1081 O OD1   . ASN A 1 131 ? -14.103 -1.817  12.872  1.00 29.93 ? 131 ASN A OD1   1 
ATOM   1082 N ND2   . ASN A 1 131 ? -15.516 -0.167  13.435  1.00 32.92 ? 131 ASN A ND2   1 
ATOM   1083 N N     . GLU A 1 132 ? -14.081 0.149   8.082   1.00 22.00 ? 132 GLU A N     1 
ATOM   1084 C CA    . GLU A 1 132 ? -14.521 0.299   6.689   1.00 20.26 ? 132 GLU A CA    1 
ATOM   1085 C C     . GLU A 1 132 ? -13.803 -0.674  5.741   1.00 21.65 ? 132 GLU A C     1 
ATOM   1086 O O     . GLU A 1 132 ? -14.415 -1.271  4.856   1.00 21.55 ? 132 GLU A O     1 
ATOM   1087 C CB    . GLU A 1 132 ? -14.358 1.748   6.201   1.00 27.23 ? 132 GLU A CB    1 
ATOM   1088 C CG    . GLU A 1 132 ? -15.592 2.640   6.398   1.00 34.00 ? 132 GLU A CG    1 
ATOM   1089 C CD    . GLU A 1 132 ? -15.560 3.930   5.566   1.00 43.85 ? 132 GLU A CD    1 
ATOM   1090 O OE1   . GLU A 1 132 ? -14.515 4.244   4.946   1.00 37.05 ? 132 GLU A OE1   1 
ATOM   1091 O OE2   . GLU A 1 132 ? -16.595 4.633   5.527   1.00 48.21 ? 132 GLU A OE2   1 
ATOM   1092 N N     . ILE A 1 133 ? -12.494 -0.811  5.913   1.00 23.66 ? 133 ILE A N     1 
ATOM   1093 C CA    . ILE A 1 133 ? -11.732 -1.820  5.187   1.00 21.86 ? 133 ILE A CA    1 
ATOM   1094 C C     . ILE A 1 133 ? -12.358 -3.206  5.362   1.00 18.59 ? 133 ILE A C     1 
ATOM   1095 O O     . ILE A 1 133 ? -12.642 -3.891  4.390   1.00 22.48 ? 133 ILE A O     1 
ATOM   1096 C CB    . ILE A 1 133 ? -10.264 -1.837  5.661   1.00 18.67 ? 133 ILE A CB    1 
ATOM   1097 C CG1   . ILE A 1 133 ? -9.551  -0.557  5.212   1.00 17.54 ? 133 ILE A CG1   1 
ATOM   1098 C CG2   . ILE A 1 133 ? -9.530  -3.068  5.137   1.00 19.36 ? 133 ILE A CG2   1 
ATOM   1099 C CD1   . ILE A 1 133 ? -8.260  -0.253  5.985   1.00 19.47 ? 133 ILE A CD1   1 
ATOM   1100 N N     . LYS A 1 134 ? -12.571 -3.614  6.609   1.00 17.09 ? 134 LYS A N     1 
ATOM   1101 C CA    . LYS A 1 134 ? -13.118 -4.943  6.890   1.00 19.27 ? 134 LYS A CA    1 
ATOM   1102 C C     . LYS A 1 134 ? -14.496 -5.125  6.283   1.00 20.76 ? 134 LYS A C     1 
ATOM   1103 O O     . LYS A 1 134 ? -14.829 -6.209  5.798   1.00 21.26 ? 134 LYS A O     1 
ATOM   1104 C CB    . LYS A 1 134 ? -13.153 -5.203  8.397   1.00 20.04 ? 134 LYS A CB    1 
ATOM   1105 C CG    . LYS A 1 134 ? -11.772 -5.236  9.039   1.00 20.52 ? 134 LYS A CG    1 
ATOM   1106 C CD    . LYS A 1 134 ? -11.838 -5.253  10.568  1.00 24.42 ? 134 LYS A CD    1 
ATOM   1107 C CE    . LYS A 1 134 ? -10.447 -5.320  11.177  1.00 23.26 ? 134 LYS A CE    1 
ATOM   1108 N NZ    . LYS A 1 134 ? -10.485 -5.206  12.670  1.00 25.76 ? 134 LYS A NZ    1 
ATOM   1109 N N     . SER A 1 135 ? -15.295 -4.062  6.312   1.00 19.71 ? 135 SER A N     1 
ATOM   1110 C CA    . SER A 1 135 ? -16.636 -4.081  5.737   1.00 18.66 ? 135 SER A CA    1 
ATOM   1111 C C     . SER A 1 135 ? -16.612 -4.163  4.218   1.00 24.41 ? 135 SER A C     1 
ATOM   1112 O O     . SER A 1 135 ? -17.314 -4.976  3.625   1.00 23.51 ? 135 SER A O     1 
ATOM   1113 C CB    . SER A 1 135 ? -17.422 -2.838  6.174   1.00 30.90 ? 135 SER A CB    1 
ATOM   1114 O OG    . SER A 1 135 ? -18.674 -2.769  5.512   1.00 38.67 ? 135 SER A OG    1 
ATOM   1115 N N     . ARG A 1 136 ? -15.812 -3.310  3.585   1.00 23.16 ? 136 ARG A N     1 
ATOM   1116 C CA    . ARG A 1 136 ? -15.709 -3.336  2.129   1.00 21.73 ? 136 ARG A CA    1 
ATOM   1117 C C     . ARG A 1 136 ? -15.136 -4.677  1.658   1.00 22.22 ? 136 ARG A C     1 
ATOM   1118 O O     . ARG A 1 136 ? -15.473 -5.161  0.573   1.00 22.95 ? 136 ARG A O     1 
ATOM   1119 C CB    . ARG A 1 136 ? -14.855 -2.165  1.614   1.00 18.50 ? 136 ARG A CB    1 
ATOM   1120 C CG    . ARG A 1 136 ? -15.583 -0.817  1.536   1.00 23.44 ? 136 ARG A CG    1 
ATOM   1121 C CD    . ARG A 1 136 ? -14.730 0.249   0.847   1.00 24.71 ? 136 ARG A CD    1 
ATOM   1122 N NE    . ARG A 1 136 ? -13.433 0.399   1.502   1.00 25.44 ? 136 ARG A NE    1 
ATOM   1123 C CZ    . ARG A 1 136 ? -13.128 1.347   2.386   1.00 23.94 ? 136 ARG A CZ    1 
ATOM   1124 N NH1   . ARG A 1 136 ? -14.018 2.273   2.730   1.00 26.90 ? 136 ARG A NH1   1 
ATOM   1125 N NH2   . ARG A 1 136 ? -11.923 1.372   2.928   1.00 22.52 ? 136 ARG A NH2   1 
ATOM   1126 N N     . LYS A 1 137 ? -14.280 -5.291  2.467   1.00 22.22 ? 137 LYS A N     1 
ATOM   1127 C CA    . LYS A 1 137 ? -13.660 -6.543  2.049   1.00 21.73 ? 137 LYS A CA    1 
ATOM   1128 C C     . LYS A 1 137 ? -14.752 -7.545  1.677   1.00 29.70 ? 137 LYS A C     1 
ATOM   1129 O O     . LYS A 1 137 ? -14.600 -8.342  0.745   1.00 26.10 ? 137 LYS A O     1 
ATOM   1130 C CB    . LYS A 1 137 ? -12.740 -7.125  3.129   1.00 21.75 ? 137 LYS A CB    1 
ATOM   1131 C CG    . LYS A 1 137 ? -12.194 -8.496  2.759   1.00 19.43 ? 137 LYS A CG    1 
ATOM   1132 C CD    . LYS A 1 137 ? -11.155 -9.020  3.728   1.00 19.89 ? 137 LYS A CD    1 
ATOM   1133 C CE    . LYS A 1 137 ? -10.627 -10.361 3.216   1.00 25.09 ? 137 LYS A CE    1 
ATOM   1134 N NZ    . LYS A 1 137 ? -9.605  -10.970 4.101   1.00 36.50 ? 137 LYS A NZ    1 
ATOM   1135 N N     . ARG A 1 138 ? -15.867 -7.475  2.395   1.00 27.79 ? 138 ARG A N     1 
ATOM   1136 C CA    . ARG A 1 138 ? -16.962 -8.425  2.202   1.00 25.68 ? 138 ARG A CA    1 
ATOM   1137 C C     . ARG A 1 138 ? -17.572 -8.394  0.796   1.00 29.39 ? 138 ARG A C     1 
ATOM   1138 O O     . ARG A 1 138 ? -18.158 -9.381  0.349   1.00 34.01 ? 138 ARG A O     1 
ATOM   1139 C CB    . ARG A 1 138 ? -18.033 -8.203  3.273   1.00 27.24 ? 138 ARG A CB    1 
ATOM   1140 C CG    . ARG A 1 138 ? -17.472 -8.262  4.703   1.00 26.04 ? 138 ARG A CG    1 
ATOM   1141 C CD    . ARG A 1 138 ? -18.576 -8.142  5.756   1.00 33.25 ? 138 ARG A CD    1 
ATOM   1142 N NE    . ARG A 1 138 ? -19.642 -9.101  5.480   1.00 34.86 ? 138 ARG A NE    1 
ATOM   1143 C CZ    . ARG A 1 138 ? -19.621 -10.369 5.877   1.00 35.89 ? 138 ARG A CZ    1 
ATOM   1144 N NH1   . ARG A 1 138 ? -18.593 -10.826 6.583   1.00 34.44 ? 138 ARG A NH1   1 
ATOM   1145 N NH2   . ARG A 1 138 ? -20.633 -11.180 5.578   1.00 38.09 ? 138 ARG A NH2   1 
ATOM   1146 N N     . LEU A 1 139 ? -17.439 -7.267  0.100   1.00 30.26 ? 139 LEU A N     1 
ATOM   1147 C CA    . LEU A 1 139 ? -17.979 -7.146  -1.253  1.00 31.19 ? 139 LEU A CA    1 
ATOM   1148 C C     . LEU A 1 139 ? -17.187 -7.972  -2.269  1.00 33.08 ? 139 LEU A C     1 
ATOM   1149 O O     . LEU A 1 139 ? -17.674 -8.260  -3.372  1.00 35.54 ? 139 LEU A O     1 
ATOM   1150 C CB    . LEU A 1 139 ? -18.004 -5.686  -1.702  1.00 30.51 ? 139 LEU A CB    1 
ATOM   1151 C CG    . LEU A 1 139 ? -18.553 -4.637  -0.743  1.00 29.69 ? 139 LEU A CG    1 
ATOM   1152 C CD1   . LEU A 1 139 ? -18.438 -3.243  -1.359  1.00 30.58 ? 139 LEU A CD1   1 
ATOM   1153 C CD2   . LEU A 1 139 ? -19.988 -4.942  -0.392  1.00 31.68 ? 139 LEU A CD2   1 
ATOM   1154 N N     . TYR A 1 140 ? -15.970 -8.358  -1.895  1.00 29.47 ? 140 TYR A N     1 
ATOM   1155 C CA    . TYR A 1 140 ? -15.038 -8.965  -2.842  1.00 35.97 ? 140 TYR A CA    1 
ATOM   1156 C C     . TYR A 1 140 ? -14.610 -10.367 -2.431  1.00 40.90 ? 140 TYR A C     1 
ATOM   1157 O O     . TYR A 1 140 ? -13.686 -10.941 -3.012  1.00 47.56 ? 140 TYR A O     1 
ATOM   1158 C CB    . TYR A 1 140 ? -13.824 -8.043  -3.057  1.00 24.31 ? 140 TYR A CB    1 
ATOM   1159 C CG    . TYR A 1 140 ? -14.265 -6.660  -3.450  1.00 26.26 ? 140 TYR A CG    1 
ATOM   1160 C CD1   . TYR A 1 140 ? -14.708 -6.400  -4.739  1.00 26.72 ? 140 TYR A CD1   1 
ATOM   1161 C CD2   . TYR A 1 140 ? -14.286 -5.622  -2.527  1.00 25.23 ? 140 TYR A CD2   1 
ATOM   1162 C CE1   . TYR A 1 140 ? -15.145 -5.150  -5.106  1.00 26.52 ? 140 TYR A CE1   1 
ATOM   1163 C CE2   . TYR A 1 140 ? -14.715 -4.358  -2.888  1.00 21.94 ? 140 TYR A CE2   1 
ATOM   1164 C CZ    . TYR A 1 140 ? -15.148 -4.132  -4.185  1.00 27.19 ? 140 TYR A CZ    1 
ATOM   1165 O OH    . TYR A 1 140 ? -15.581 -2.888  -4.573  1.00 30.82 ? 140 TYR A OH    1 
ATOM   1166 N N     . VAL A 1 141 ? -15.287 -10.922 -1.432  1.00 38.15 ? 141 VAL A N     1 
ATOM   1167 C CA    . VAL A 1 141 ? -15.049 -12.307 -1.055  1.00 44.46 ? 141 VAL A CA    1 
ATOM   1168 C C     . VAL A 1 141 ? -16.356 -13.089 -1.133  1.00 49.44 ? 141 VAL A C     1 
ATOM   1169 O O     . VAL A 1 141 ? -17.422 -12.505 -1.341  1.00 46.29 ? 141 VAL A O     1 
ATOM   1170 C CB    . VAL A 1 141 ? -14.460 -12.423 0.357   1.00 43.17 ? 141 VAL A CB    1 
ATOM   1171 C CG1   . VAL A 1 141 ? -15.554 -12.248 1.395   1.00 49.89 ? 141 VAL A CG1   1 
ATOM   1172 C CG2   . VAL A 1 141 ? -13.780 -13.768 0.533   1.00 51.71 ? 141 VAL A CG2   1 
ATOM   1173 O "O5'" . DG  B 2 1   ? 15.484  6.631   -9.291  1.00 41.38 ? 1   DG  B "O5'" 1 
ATOM   1174 C "C5'" . DG  B 2 1   ? 16.859  6.544   -9.666  1.00 32.41 ? 1   DG  B "C5'" 1 
ATOM   1175 C "C4'" . DG  B 2 1   ? 17.578  5.322   -9.105  1.00 29.10 ? 1   DG  B "C4'" 1 
ATOM   1176 O "O4'" . DG  B 2 1   ? 17.788  5.407   -7.666  1.00 27.38 ? 1   DG  B "O4'" 1 
ATOM   1177 C "C3'" . DG  B 2 1   ? 16.944  3.962   -9.325  1.00 25.05 ? 1   DG  B "C3'" 1 
ATOM   1178 O "O3'" . DG  B 2 1   ? 18.024  3.085   -9.506  1.00 21.29 ? 1   DG  B "O3'" 1 
ATOM   1179 C "C2'" . DG  B 2 1   ? 16.205  3.683   -8.012  1.00 25.72 ? 1   DG  B "C2'" 1 
ATOM   1180 C "C1'" . DG  B 2 1   ? 17.111  4.359   -6.983  1.00 30.08 ? 1   DG  B "C1'" 1 
ATOM   1181 N N9    . DG  B 2 1   ? 16.421  5.041   -5.897  1.00 19.55 ? 1   DG  B N9    1 
ATOM   1182 C C8    . DG  B 2 1   ? 15.348  5.888   -6.005  1.00 23.69 ? 1   DG  B C8    1 
ATOM   1183 N N7    . DG  B 2 1   ? 14.960  6.382   -4.859  1.00 26.07 ? 1   DG  B N7    1 
ATOM   1184 C C5    . DG  B 2 1   ? 15.846  5.833   -3.939  1.00 21.89 ? 1   DG  B C5    1 
ATOM   1185 C C6    . DG  B 2 1   ? 15.922  6.001   -2.538  1.00 20.11 ? 1   DG  B C6    1 
ATOM   1186 O O6    . DG  B 2 1   ? 15.188  6.700   -1.836  1.00 22.37 ? 1   DG  B O6    1 
ATOM   1187 N N1    . DG  B 2 1   ? 16.964  5.262   -1.976  1.00 19.93 ? 1   DG  B N1    1 
ATOM   1188 C C2    . DG  B 2 1   ? 17.827  4.461   -2.694  1.00 23.63 ? 1   DG  B C2    1 
ATOM   1189 N N2    . DG  B 2 1   ? 18.771  3.815   -1.997  1.00 21.76 ? 1   DG  B N2    1 
ATOM   1190 N N3    . DG  B 2 1   ? 17.768  4.297   -4.014  1.00 23.99 ? 1   DG  B N3    1 
ATOM   1191 C C4    . DG  B 2 1   ? 16.759  5.013   -4.565  1.00 22.95 ? 1   DG  B C4    1 
ATOM   1192 P P     . DG  B 2 2   ? 18.132  2.215   -10.849 1.00 28.04 ? 2   DG  B P     1 
ATOM   1193 O OP1   . DG  B 2 2   ? 19.486  1.621   -10.905 1.00 29.28 ? 2   DG  B OP1   1 
ATOM   1194 O OP2   . DG  B 2 2   ? 17.632  3.044   -11.963 1.00 27.89 ? 2   DG  B OP2   1 
ATOM   1195 O "O5'" . DG  B 2 2   ? 17.092  1.023   -10.602 1.00 28.12 ? 2   DG  B "O5'" 1 
ATOM   1196 C "C5'" . DG  B 2 2   ? 17.438  -0.011  -9.675  1.00 24.11 ? 2   DG  B "C5'" 1 
ATOM   1197 C "C4'" . DG  B 2 2   ? 16.318  -1.041  -9.647  1.00 26.94 ? 2   DG  B "C4'" 1 
ATOM   1198 O "O4'" . DG  B 2 2   ? 15.316  -0.708  -8.657  1.00 26.19 ? 2   DG  B "O4'" 1 
ATOM   1199 C "C3'" . DG  B 2 2   ? 15.562  -1.145  -10.969 1.00 26.97 ? 2   DG  B "C3'" 1 
ATOM   1200 O "O3'" . DG  B 2 2   ? 16.160  -2.176  -11.735 1.00 27.36 ? 2   DG  B "O3'" 1 
ATOM   1201 C "C2'" . DG  B 2 2   ? 14.150  -1.549  -10.568 1.00 23.88 ? 2   DG  B "C2'" 1 
ATOM   1202 C "C1'" . DG  B 2 2   ? 14.010  -0.949  -9.177  1.00 25.59 ? 2   DG  B "C1'" 1 
ATOM   1203 N N9    . DG  B 2 2   ? 13.298  0.318   -9.124  1.00 25.29 ? 2   DG  B N9    1 
ATOM   1204 C C8    . DG  B 2 2   ? 13.851  1.572   -9.203  1.00 25.47 ? 2   DG  B C8    1 
ATOM   1205 N N7    . DG  B 2 2   ? 12.976  2.531   -9.108  1.00 25.47 ? 2   DG  B N7    1 
ATOM   1206 C C5    . DG  B 2 2   ? 11.760  1.866   -8.951  1.00 24.72 ? 2   DG  B C5    1 
ATOM   1207 C C6    . DG  B 2 2   ? 10.447  2.375   -8.797  1.00 19.58 ? 2   DG  B C6    1 
ATOM   1208 O O6    . DG  B 2 2   ? 10.077  3.560   -8.753  1.00 18.19 ? 2   DG  B O6    1 
ATOM   1209 N N1    . DG  B 2 2   ? 9.504   1.348   -8.677  1.00 18.80 ? 2   DG  B N1    1 
ATOM   1210 C C2    . DG  B 2 2   ? 9.797   0.005   -8.700  1.00 20.77 ? 2   DG  B C2    1 
ATOM   1211 N N2    . DG  B 2 2   ? 8.758   -0.835  -8.581  1.00 17.95 ? 2   DG  B N2    1 
ATOM   1212 N N3    . DG  B 2 2   ? 11.029  -0.483  -8.837  1.00 21.68 ? 2   DG  B N3    1 
ATOM   1213 C C4    . DG  B 2 2   ? 11.948  0.503   -8.957  1.00 22.23 ? 2   DG  B C4    1 
ATOM   1214 P P     . DT  B 2 3   ? 15.820  -2.331  -13.299 1.00 31.01 ? 3   DT  B P     1 
ATOM   1215 O OP1   . DT  B 2 3   ? 16.898  -3.137  -13.918 1.00 31.16 ? 3   DT  B OP1   1 
ATOM   1216 O OP2   . DT  B 2 3   ? 15.494  -0.989  -13.840 1.00 27.44 ? 3   DT  B OP2   1 
ATOM   1217 O "O5'" . DT  B 2 3   ? 14.458  -3.175  -13.315 1.00 23.75 ? 3   DT  B "O5'" 1 
ATOM   1218 C "C5'" . DT  B 2 3   ? 14.362  -4.450  -12.719 1.00 24.32 ? 3   DT  B "C5'" 1 
ATOM   1219 C "C4'" . DT  B 2 3   ? 12.912  -4.882  -12.822 1.00 22.98 ? 3   DT  B "C4'" 1 
ATOM   1220 O "O4'" . DT  B 2 3   ? 12.076  -3.953  -12.083 1.00 20.75 ? 3   DT  B "O4'" 1 
ATOM   1221 C "C3'" . DT  B 2 3   ? 12.383  -4.945  -14.262 1.00 26.12 ? 3   DT  B "C3'" 1 
ATOM   1222 O "O3'" . DT  B 2 3   ? 11.924  -6.286  -14.432 1.00 26.15 ? 3   DT  B "O3'" 1 
ATOM   1223 C "C2'" . DT  B 2 3   ? 11.307  -3.864  -14.344 1.00 21.73 ? 3   DT  B "C2'" 1 
ATOM   1224 C "C1'" . DT  B 2 3   ? 10.957  -3.597  -12.880 1.00 22.57 ? 3   DT  B "C1'" 1 
ATOM   1225 N N1    . DT  B 2 3   ? 10.600  -2.162  -12.622 1.00 19.82 ? 3   DT  B N1    1 
ATOM   1226 C C2    . DT  B 2 3   ? 9.339   -1.874  -12.142 1.00 20.41 ? 3   DT  B C2    1 
ATOM   1227 O O2    . DT  B 2 3   ? 8.508   -2.729  -11.923 1.00 17.59 ? 3   DT  B O2    1 
ATOM   1228 N N3    . DT  B 2 3   ? 9.088   -0.542  -11.932 1.00 21.80 ? 3   DT  B N3    1 
ATOM   1229 C C4    . DT  B 2 3   ? 9.956   0.512   -12.149 1.00 22.64 ? 3   DT  B C4    1 
ATOM   1230 O O4    . DT  B 2 3   ? 9.634   1.680   -11.929 1.00 20.24 ? 3   DT  B O4    1 
ATOM   1231 C C5    . DT  B 2 3   ? 11.263  0.142   -12.648 1.00 22.24 ? 3   DT  B C5    1 
ATOM   1232 C C7    . DT  B 2 3   ? 12.288  1.208   -12.912 1.00 24.82 ? 3   DT  B C7    1 
ATOM   1233 C C6    . DT  B 2 3   ? 11.522  -1.160  -12.856 1.00 20.77 ? 3   DT  B C6    1 
ATOM   1234 P P     . DT  B 2 4   ? 10.918  -6.687  -15.625 1.00 25.03 ? 4   DT  B P     1 
ATOM   1235 O OP1   . DT  B 2 4   ? 11.072  -8.143  -15.866 1.00 25.44 ? 4   DT  B OP1   1 
ATOM   1236 O OP2   . DT  B 2 4   ? 11.069  -5.706  -16.738 1.00 24.62 ? 4   DT  B OP2   1 
ATOM   1237 O "O5'" . DT  B 2 4   ? 9.470   -6.468  -14.988 1.00 23.21 ? 4   DT  B "O5'" 1 
ATOM   1238 C "C5'" . DT  B 2 4   ? 9.073   -7.263  -13.896 1.00 21.94 ? 4   DT  B "C5'" 1 
ATOM   1239 C "C4'" . DT  B 2 4   ? 7.629   -6.941  -13.545 1.00 21.78 ? 4   DT  B "C4'" 1 
ATOM   1240 O "O4'" . DT  B 2 4   ? 7.501   -5.517  -13.259 1.00 18.59 ? 4   DT  B "O4'" 1 
ATOM   1241 C "C3'" . DT  B 2 4   ? 6.600   -7.243  -14.631 1.00 18.68 ? 4   DT  B "C3'" 1 
ATOM   1242 O "O3'" . DT  B 2 4   ? 5.391   -7.641  -13.965 1.00 21.62 ? 4   DT  B "O3'" 1 
ATOM   1243 C "C2'" . DT  B 2 4   ? 6.456   -5.879  -15.304 1.00 21.88 ? 4   DT  B "C2'" 1 
ATOM   1244 C "C1'" . DT  B 2 4   ? 6.490   -4.973  -14.076 1.00 19.54 ? 4   DT  B "C1'" 1 
ATOM   1245 N N1    . DT  B 2 4   ? 6.757   -3.508  -14.334 1.00 19.77 ? 4   DT  B N1    1 
ATOM   1246 C C2    . DT  B 2 4   ? 5.974   -2.565  -13.689 1.00 19.80 ? 4   DT  B C2    1 
ATOM   1247 O O2    . DT  B 2 4   ? 5.083   -2.842  -12.903 1.00 18.72 ? 4   DT  B O2    1 
ATOM   1248 N N3    . DT  B 2 4   ? 6.276   -1.263  -13.979 1.00 17.32 ? 4   DT  B N3    1 
ATOM   1249 C C4    . DT  B 2 4   ? 7.260   -0.811  -14.845 1.00 23.02 ? 4   DT  B C4    1 
ATOM   1250 O O4    . DT  B 2 4   ? 7.449   0.386   -15.040 1.00 23.05 ? 4   DT  B O4    1 
ATOM   1251 C C5    . DT  B 2 4   ? 8.049   -1.834  -15.484 1.00 21.14 ? 4   DT  B C5    1 
ATOM   1252 C C7    . DT  B 2 4   ? 9.153   -1.448  -16.437 1.00 20.93 ? 4   DT  B C7    1 
ATOM   1253 C C6    . DT  B 2 4   ? 7.765   -3.121  -15.208 1.00 20.35 ? 4   DT  B C6    1 
ATOM   1254 P P     . DA  B 2 5   ? 4.387   -8.711  -14.635 1.00 22.17 ? 5   DA  B P     1 
ATOM   1255 O OP1   . DA  B 2 5   ? 5.164   -9.900  -15.040 1.00 22.76 ? 5   DA  B OP1   1 
ATOM   1256 O OP2   . DA  B 2 5   ? 3.510   -7.984  -15.583 1.00 22.87 ? 5   DA  B OP2   1 
ATOM   1257 O "O5'" . DA  B 2 5   ? 3.463   -9.152  -13.405 1.00 18.79 ? 5   DA  B "O5'" 1 
ATOM   1258 C "C5'" . DA  B 2 5   ? 4.081   -9.852  -12.340 1.00 17.60 ? 5   DA  B "C5'" 1 
ATOM   1259 C "C4'" . DA  B 2 5   ? 3.215   -9.739  -11.107 1.00 15.72 ? 5   DA  B "C4'" 1 
ATOM   1260 O "O4'" . DA  B 2 5   ? 3.273   -8.384  -10.610 1.00 15.69 ? 5   DA  B "O4'" 1 
ATOM   1261 C "C3'" . DA  B 2 5   ? 1.736   -10.001 -11.348 1.00 14.41 ? 5   DA  B "C3'" 1 
ATOM   1262 O "O3'" . DA  B 2 5   ? 1.166   -10.621 -10.195 1.00 16.12 ? 5   DA  B "O3'" 1 
ATOM   1263 C "C2'" . DA  B 2 5   ? 1.141   -8.619  -11.575 1.00 15.97 ? 5   DA  B "C2'" 1 
ATOM   1264 C "C1'" . DA  B 2 5   ? 2.012   -7.749  -10.679 1.00 16.93 ? 5   DA  B "C1'" 1 
ATOM   1265 N N9    . DA  B 2 5   ? 2.223   -6.393  -11.188 1.00 16.75 ? 5   DA  B N9    1 
ATOM   1266 C C8    . DA  B 2 5   ? 2.648   -6.057  -12.440 1.00 18.95 ? 5   DA  B C8    1 
ATOM   1267 N N7    . DA  B 2 5   ? 2.774   -4.763  -12.622 1.00 18.05 ? 5   DA  B N7    1 
ATOM   1268 C C5    . DA  B 2 5   ? 2.424   -4.220  -11.395 1.00 16.69 ? 5   DA  B C5    1 
ATOM   1269 C C6    . DA  B 2 5   ? 2.357   -2.892  -10.950 1.00 15.07 ? 5   DA  B C6    1 
ATOM   1270 N N6    . DA  B 2 5   ? 2.651   -1.857  -11.742 1.00 16.70 ? 5   DA  B N6    1 
ATOM   1271 N N1    . DA  B 2 5   ? 1.966   -2.681  -9.668  1.00 18.47 ? 5   DA  B N1    1 
ATOM   1272 C C2    . DA  B 2 5   ? 1.666   -3.732  -8.897  1.00 15.70 ? 5   DA  B C2    1 
ATOM   1273 N N3    . DA  B 2 5   ? 1.696   -5.035  -9.222  1.00 18.75 ? 5   DA  B N3    1 
ATOM   1274 C C4    . DA  B 2 5   ? 2.096   -5.208  -10.492 1.00 15.07 ? 5   DA  B C4    1 
ATOM   1275 P P     . DG  B 2 6   ? 0.508   -12.076 -10.323 1.00 16.82 ? 6   DG  B P     1 
ATOM   1276 O OP1   . DG  B 2 6   ? -0.304  -12.109 -11.565 1.00 19.12 ? 6   DG  B OP1   1 
ATOM   1277 O OP2   . DG  B 2 6   ? -0.116  -12.414 -9.025  1.00 14.93 ? 6   DG  B OP2   1 
ATOM   1278 O "O5'" . DG  B 2 6   ? 1.759   -13.031 -10.594 1.00 16.57 ? 6   DG  B "O5'" 1 
ATOM   1279 C "C5'" . DG  B 2 6   ? 2.653   -13.379 -9.522  1.00 19.84 ? 6   DG  B "C5'" 1 
ATOM   1280 C "C4'" . DG  B 2 6   ? 3.731   -14.300 -10.069 1.00 19.57 ? 6   DG  B "C4'" 1 
ATOM   1281 O "O4'" . DG  B 2 6   ? 4.728   -13.483 -10.729 1.00 19.58 ? 6   DG  B "O4'" 1 
ATOM   1282 C "C3'" . DG  B 2 6   ? 4.498   -15.153 -9.062  1.00 21.62 ? 6   DG  B "C3'" 1 
ATOM   1283 O "O3'" . DG  B 2 6   ? 5.067   -16.236 -9.809  1.00 23.22 ? 6   DG  B "O3'" 1 
ATOM   1284 C "C2'" . DG  B 2 6   ? 5.549   -14.135 -8.629  1.00 20.30 ? 6   DG  B "C2'" 1 
ATOM   1285 C "C1'" . DG  B 2 6   ? 5.926   -13.543 -9.982  1.00 19.11 ? 6   DG  B "C1'" 1 
ATOM   1286 N N9    . DG  B 2 6   ? 6.479   -12.196 -9.927  1.00 21.26 ? 6   DG  B N9    1 
ATOM   1287 C C8    . DG  B 2 6   ? 7.634   -11.787 -10.551 1.00 21.17 ? 6   DG  B C8    1 
ATOM   1288 N N7    . DG  B 2 6   ? 7.908   -10.526 -10.366 1.00 19.71 ? 6   DG  B N7    1 
ATOM   1289 C C5    . DG  B 2 6   ? 6.867   -10.068 -9.573  1.00 18.39 ? 6   DG  B C5    1 
ATOM   1290 C C6    . DG  B 2 6   ? 6.648   -8.774  -9.053  1.00 20.98 ? 6   DG  B C6    1 
ATOM   1291 O O6    . DG  B 2 6   ? 7.357   -7.774  -9.208  1.00 23.43 ? 6   DG  B O6    1 
ATOM   1292 N N1    . DG  B 2 6   ? 5.486   -8.700  -8.297  1.00 18.30 ? 6   DG  B N1    1 
ATOM   1293 C C2    . DG  B 2 6   ? 4.645   -9.754  -8.074  1.00 16.45 ? 6   DG  B C2    1 
ATOM   1294 N N2    . DG  B 2 6   ? 3.572   -9.481  -7.327  1.00 15.51 ? 6   DG  B N2    1 
ATOM   1295 N N3    . DG  B 2 6   ? 4.842   -10.988 -8.549  1.00 17.94 ? 6   DG  B N3    1 
ATOM   1296 C C4    . DG  B 2 6   ? 5.973   -11.076 -9.290  1.00 20.58 ? 6   DG  B C4    1 
ATOM   1297 P P     . DG  B 2 7   ? 5.327   -17.674 -9.122  1.00 26.94 ? 7   DG  B P     1 
ATOM   1298 O OP1   . DG  B 2 7   ? 5.526   -18.661 -10.213 1.00 30.82 ? 7   DG  B OP1   1 
ATOM   1299 O OP2   . DG  B 2 7   ? 4.304   -17.892 -8.089  1.00 28.52 ? 7   DG  B OP2   1 
ATOM   1300 O "O5'" . DG  B 2 7   ? 6.697   -17.468 -8.335  1.00 23.22 ? 7   DG  B "O5'" 1 
ATOM   1301 C "C5'" . DG  B 2 7   ? 7.900   -17.301 -9.055  1.00 22.55 ? 7   DG  B "C5'" 1 
ATOM   1302 C "C4'" . DG  B 2 7   ? 9.009   -16.876 -8.101  1.00 21.85 ? 7   DG  B "C4'" 1 
ATOM   1303 O "O4'" . DG  B 2 7   ? 8.912   -15.454 -7.848  1.00 17.26 ? 7   DG  B "O4'" 1 
ATOM   1304 C "C3'" . DG  B 2 7   ? 9.035   -17.553 -6.730  1.00 22.73 ? 7   DG  B "C3'" 1 
ATOM   1305 O "O3'" . DG  B 2 7   ? 10.394  -17.792 -6.376  1.00 19.03 ? 7   DG  B "O3'" 1 
ATOM   1306 C "C2'" . DG  B 2 7   ? 8.434   -16.483 -5.823  1.00 20.21 ? 7   DG  B "C2'" 1 
ATOM   1307 C "C1'" . DG  B 2 7   ? 9.009   -15.229 -6.467  1.00 18.32 ? 7   DG  B "C1'" 1 
ATOM   1308 N N9    . DG  B 2 7   ? 8.310   -13.992 -6.138  1.00 17.88 ? 7   DG  B N9    1 
ATOM   1309 C C8    . DG  B 2 7   ? 7.160   -13.864 -5.393  1.00 22.64 ? 7   DG  B C8    1 
ATOM   1310 N N7    . DG  B 2 7   ? 6.780   -12.624 -5.250  1.00 17.41 ? 7   DG  B N7    1 
ATOM   1311 C C5    . DG  B 2 7   ? 7.734   -11.885 -5.950  1.00 17.66 ? 7   DG  B C5    1 
ATOM   1312 C C6    . DG  B 2 7   ? 7.850   -10.489 -6.138  1.00 18.15 ? 7   DG  B C6    1 
ATOM   1313 O O6    . DG  B 2 7   ? 7.088   -9.607  -5.714  1.00 17.63 ? 7   DG  B O6    1 
ATOM   1314 N N1    . DG  B 2 7   ? 8.973   -10.143 -6.895  1.00 15.61 ? 7   DG  B N1    1 
ATOM   1315 C C2    . DG  B 2 7   ? 9.866   -11.051 -7.409  1.00 17.15 ? 7   DG  B C2    1 
ATOM   1316 N N2    . DG  B 2 7   ? 10.885  -10.543 -8.124  1.00 16.55 ? 7   DG  B N2    1 
ATOM   1317 N N3    . DG  B 2 7   ? 9.769   -12.357 -7.230  1.00 13.53 ? 7   DG  B N3    1 
ATOM   1318 C C4    . DG  B 2 7   ? 8.684   -12.711 -6.495  1.00 17.22 ? 7   DG  B C4    1 
ATOM   1319 P P     . DG  B 2 8   ? 10.780  -18.966 -5.346  1.00 19.79 ? 8   DG  B P     1 
ATOM   1320 O OP1   . DG  B 2 8   ? 12.260  -18.989 -5.223  1.00 22.24 ? 8   DG  B OP1   1 
ATOM   1321 O OP2   . DG  B 2 8   ? 10.052  -20.189 -5.741  1.00 18.75 ? 8   DG  B OP2   1 
ATOM   1322 O "O5'" . DG  B 2 8   ? 10.133  -18.485 -3.958  1.00 22.81 ? 8   DG  B "O5'" 1 
ATOM   1323 C "C5'" . DG  B 2 8   ? 10.832  -17.635 -3.067  1.00 28.77 ? 8   DG  B "C5'" 1 
ATOM   1324 C "C4'" . DG  B 2 8   ? 9.992   -17.281 -1.831  1.00 30.36 ? 8   DG  B "C4'" 1 
ATOM   1325 O "O4'" . DG  B 2 8   ? 8.838   -16.481 -2.185  1.00 26.16 ? 8   DG  B "O4'" 1 
ATOM   1326 C "C3'" . DG  B 2 8   ? 9.411   -18.427 -1.007  1.00 29.57 ? 8   DG  B "C3'" 1 
ATOM   1327 O "O3'" . DG  B 2 8   ? 9.486   -18.017 0.341   1.00 36.13 ? 8   DG  B "O3'" 1 
ATOM   1328 C "C2'" . DG  B 2 8   ? 7.941   -18.480 -1.438  1.00 27.36 ? 8   DG  B "C2'" 1 
ATOM   1329 C "C1'" . DG  B 2 8   ? 7.655   -16.986 -1.563  1.00 26.53 ? 8   DG  B "C1'" 1 
ATOM   1330 N N9    . DG  B 2 8   ? 6.544   -16.524 -2.408  1.00 25.17 ? 8   DG  B N9    1 
ATOM   1331 C C8    . DG  B 2 8   ? 5.874   -15.337 -2.216  1.00 27.47 ? 8   DG  B C8    1 
ATOM   1332 N N7    . DG  B 2 8   ? 4.953   -15.099 -3.109  1.00 25.61 ? 8   DG  B N7    1 
ATOM   1333 C C5    . DG  B 2 8   ? 5.005   -16.193 -3.958  1.00 28.06 ? 8   DG  B C5    1 
ATOM   1334 C C6    . DG  B 2 8   ? 4.225   -16.475 -5.115  1.00 28.94 ? 8   DG  B C6    1 
ATOM   1335 O O6    . DG  B 2 8   ? 3.317   -15.789 -5.622  1.00 25.65 ? 8   DG  B O6    1 
ATOM   1336 N N1    . DG  B 2 8   ? 4.582   -17.696 -5.709  1.00 29.41 ? 8   DG  B N1    1 
ATOM   1337 C C2    . DG  B 2 8   ? 5.572   -18.532 -5.234  1.00 28.78 ? 8   DG  B C2    1 
ATOM   1338 N N2    . DG  B 2 8   ? 5.769   -19.660 -5.941  1.00 23.42 ? 8   DG  B N2    1 
ATOM   1339 N N3    . DG  B 2 8   ? 6.316   -18.268 -4.150  1.00 30.52 ? 8   DG  B N3    1 
ATOM   1340 C C4    . DG  B 2 8   ? 5.980   -17.086 -3.547  1.00 27.08 ? 8   DG  B C4    1 
ATOM   1341 P P     . DT  B 2 9   ? 10.693  -18.510 1.283   1.00 37.02 ? 9   DT  B P     1 
ATOM   1342 O OP1   . DT  B 2 9   ? 10.846  -19.976 1.104   1.00 42.15 ? 9   DT  B OP1   1 
ATOM   1343 O OP2   . DT  B 2 9   ? 10.454  -17.967 2.642   1.00 37.63 ? 9   DT  B OP2   1 
ATOM   1344 O "O5'" . DT  B 2 9   ? 11.982  -17.783 0.675   1.00 34.15 ? 9   DT  B "O5'" 1 
ATOM   1345 C "C5'" . DT  B 2 9   ? 12.936  -18.457 -0.136  1.00 32.45 ? 9   DT  B "C5'" 1 
ATOM   1346 C "C4'" . DT  B 2 9   ? 14.027  -17.496 -0.572  1.00 31.88 ? 9   DT  B "C4'" 1 
ATOM   1347 O "O4'" . DT  B 2 9   ? 13.458  -16.465 -1.418  1.00 29.67 ? 9   DT  B "O4'" 1 
ATOM   1348 C "C3'" . DT  B 2 9   ? 14.717  -16.752 0.566   1.00 34.39 ? 9   DT  B "C3'" 1 
ATOM   1349 O "O3'" . DT  B 2 9   ? 15.889  -17.457 0.940   1.00 37.87 ? 9   DT  B "O3'" 1 
ATOM   1350 C "C2'" . DT  B 2 9   ? 15.103  -15.414 -0.049  1.00 27.40 ? 9   DT  B "C2'" 1 
ATOM   1351 C "C1'" . DT  B 2 9   ? 14.049  -15.211 -1.134  1.00 30.72 ? 9   DT  B "C1'" 1 
ATOM   1352 N N1    . DT  B 2 9   ? 12.987  -14.219 -0.747  1.00 23.81 ? 9   DT  B N1    1 
ATOM   1353 C C2    . DT  B 2 9   ? 13.175  -12.909 -1.124  1.00 22.54 ? 9   DT  B C2    1 
ATOM   1354 O O2    . DT  B 2 9   ? 14.146  -12.521 -1.741  1.00 22.43 ? 9   DT  B O2    1 
ATOM   1355 N N3    . DT  B 2 9   ? 12.169  -12.060 -0.744  1.00 16.97 ? 9   DT  B N3    1 
ATOM   1356 C C4    . DT  B 2 9   ? 11.029  -12.384 -0.047  1.00 17.98 ? 9   DT  B C4    1 
ATOM   1357 O O4    . DT  B 2 9   ? 10.182  -11.554 0.248   1.00 16.13 ? 9   DT  B O4    1 
ATOM   1358 C C5    . DT  B 2 9   ? 10.892  -13.767 0.321   1.00 21.51 ? 9   DT  B C5    1 
ATOM   1359 C C7    . DT  B 2 9   ? 9.673   -14.182 1.083   1.00 20.66 ? 9   DT  B C7    1 
ATOM   1360 C C6    . DT  B 2 9   ? 11.871  -14.613 -0.038  1.00 22.14 ? 9   DT  B C6    1 
HETATM 1361 O O     . HOH C 3 .   ? -1.183  -1.620  -8.375  1.00 13.98 ? 201 HOH A O     1 
HETATM 1362 O O     . HOH C 3 .   ? 1.088   -0.255  -7.992  1.00 13.52 ? 202 HOH A O     1 
HETATM 1363 O O     . HOH C 3 .   ? -4.217  -4.014  -7.893  1.00 12.17 ? 203 HOH A O     1 
HETATM 1364 O O     . HOH C 3 .   ? 8.386   0.070   16.050  1.00 13.83 ? 204 HOH A O     1 
HETATM 1365 O O     . HOH C 3 .   ? -5.784  -5.570  -6.311  1.00 13.21 ? 205 HOH A O     1 
HETATM 1366 O O     . HOH C 3 .   ? -1.520  -4.383  -7.396  1.00 13.72 ? 206 HOH A O     1 
HETATM 1367 O O     . HOH C 3 .   ? 8.249   -11.107 2.282   1.00 16.92 ? 207 HOH A O     1 
HETATM 1368 O O     . HOH C 3 .   ? -1.914  -10.080 -12.498 1.00 16.15 ? 208 HOH A O     1 
HETATM 1369 O O     . HOH C 3 .   ? -11.806 -6.798  -6.379  1.00 20.80 ? 209 HOH A O     1 
HETATM 1370 O O     . HOH C 3 .   ? 4.257   0.215   13.935  1.00 22.97 ? 210 HOH A O     1 
HETATM 1371 O O     . HOH C 3 .   ? 11.419  -5.515  -2.856  1.00 19.91 ? 211 HOH A O     1 
HETATM 1372 O O     . HOH C 3 .   ? -7.401  -0.168  -2.441  1.00 15.12 ? 212 HOH A O     1 
HETATM 1373 O O     . HOH C 3 .   ? -1.338  -9.800  -15.270 1.00 19.00 ? 213 HOH A O     1 
HETATM 1374 O O     . HOH C 3 .   ? -7.775  5.909   4.413   1.00 16.38 ? 214 HOH A O     1 
HETATM 1375 O O     . HOH C 3 .   ? 16.720  -0.009  0.610   1.00 20.89 ? 215 HOH A O     1 
HETATM 1376 O O     . HOH C 3 .   ? 14.973  -4.603  10.504  1.00 17.47 ? 216 HOH A O     1 
HETATM 1377 O O     . HOH C 3 .   ? -8.441  3.448   3.577   1.00 14.65 ? 217 HOH A O     1 
HETATM 1378 O O     . HOH C 3 .   ? 12.119  -4.908  10.511  1.00 19.30 ? 218 HOH A O     1 
HETATM 1379 O O     . HOH C 3 .   ? 2.208   6.384   9.927   1.00 18.96 ? 219 HOH A O     1 
HETATM 1380 O O     . HOH C 3 .   ? -11.147 1.186   7.395   1.00 23.02 ? 220 HOH A O     1 
HETATM 1381 O O     . HOH C 3 .   ? 10.196  9.888   6.924   1.00 24.33 ? 221 HOH A O     1 
HETATM 1382 O O     . HOH C 3 .   ? -10.751 3.003   5.019   1.00 22.10 ? 222 HOH A O     1 
HETATM 1383 O O     . HOH C 3 .   ? -14.157 1.350   -4.940  1.00 24.38 ? 223 HOH A O     1 
HETATM 1384 O O     . HOH C 3 .   ? -11.470 -9.580  -5.910  1.00 20.94 ? 224 HOH A O     1 
HETATM 1385 O O     . HOH C 3 .   ? -14.109 -8.639  6.576   1.00 26.31 ? 225 HOH A O     1 
HETATM 1386 O O     . HOH C 3 .   ? -0.930  -12.264 -0.982  1.00 19.13 ? 226 HOH A O     1 
HETATM 1387 O O     . HOH C 3 .   ? -2.575  -11.418 2.465   1.00 30.04 ? 227 HOH A O     1 
HETATM 1388 O O     . HOH C 3 .   ? -11.511 -2.651  13.282  1.00 30.68 ? 228 HOH A O     1 
HETATM 1389 O O     . HOH C 3 .   ? 9.466   12.608  6.566   1.00 27.51 ? 229 HOH A O     1 
HETATM 1390 O O     . HOH C 3 .   ? -9.598  -6.699  6.418   1.00 24.72 ? 230 HOH A O     1 
HETATM 1391 O O     . HOH C 3 .   ? 7.197   -7.000  -5.498  1.00 19.84 ? 231 HOH A O     1 
HETATM 1392 O O     . HOH C 3 .   ? -9.908  7.217   5.693   1.00 26.75 ? 232 HOH A O     1 
HETATM 1393 O O     . HOH C 3 .   ? 5.345   -12.533 -1.005  1.00 20.92 ? 233 HOH A O     1 
HETATM 1394 O O     . HOH C 3 .   ? 5.685   12.099  -6.238  1.00 25.68 ? 234 HOH A O     1 
HETATM 1395 O O     . HOH C 3 .   ? -3.812  -15.331 -8.323  1.00 26.67 ? 235 HOH A O     1 
HETATM 1396 O O     . HOH C 3 .   ? 14.317  3.143   -15.182 1.00 29.76 ? 236 HOH A O     1 
HETATM 1397 O O     . HOH C 3 .   ? 9.223   -5.075  -5.942  1.00 26.38 ? 237 HOH A O     1 
HETATM 1398 O O     . HOH C 3 .   ? -10.814 -8.304  20.965  1.00 27.78 ? 238 HOH A O     1 
HETATM 1399 O O     . HOH C 3 .   ? -4.687  12.092  1.888   1.00 23.25 ? 239 HOH A O     1 
HETATM 1400 O O     . HOH C 3 .   ? 19.276  0.002   -2.448  1.00 26.52 ? 240 HOH A O     1 
HETATM 1401 O O     . HOH C 3 .   ? 6.499   -1.745  17.054  1.00 21.18 ? 241 HOH A O     1 
HETATM 1402 O O     . HOH C 3 .   ? -7.415  -9.245  3.128   1.00 30.16 ? 242 HOH A O     1 
HETATM 1403 O O     . HOH C 3 .   ? -11.614 -9.059  10.031  1.00 28.19 ? 243 HOH A O     1 
HETATM 1404 O O     . HOH C 3 .   ? 8.403   11.017  10.117  1.00 25.49 ? 244 HOH A O     1 
HETATM 1405 O O     . HOH C 3 .   ? -15.190 -0.750  -2.965  1.00 26.20 ? 245 HOH A O     1 
HETATM 1406 O O     . HOH C 3 .   ? 3.701   10.850  10.388  1.00 28.22 ? 246 HOH A O     1 
HETATM 1407 O O     . HOH C 3 .   ? -1.828  -5.227  11.940  1.00 24.84 ? 247 HOH A O     1 
HETATM 1408 O O     . HOH C 3 .   ? 17.586  -9.230  0.521   1.00 30.95 ? 248 HOH A O     1 
HETATM 1409 O O     . HOH C 3 .   ? 17.371  -4.100  1.351   1.00 26.33 ? 249 HOH A O     1 
HETATM 1410 O O     . HOH C 3 .   ? 1.317   6.902   12.488  1.00 27.66 ? 250 HOH A O     1 
HETATM 1411 O O     . HOH C 3 .   ? 6.254   8.647   -15.228 1.00 24.46 ? 251 HOH A O     1 
HETATM 1412 O O     . HOH C 3 .   ? 4.789   -11.135 5.414   1.00 26.38 ? 252 HOH A O     1 
HETATM 1413 O O     . HOH C 3 .   ? -9.174  -10.302 -0.974  1.00 29.55 ? 253 HOH A O     1 
HETATM 1414 O O     . HOH C 3 .   ? -13.204 -11.553 -6.272  1.00 29.11 ? 254 HOH A O     1 
HETATM 1415 O O     . HOH C 3 .   ? -0.335  14.079  -12.019 1.00 28.41 ? 255 HOH A O     1 
HETATM 1416 O O     . HOH C 3 .   ? -7.786  -10.381 7.247   1.00 30.77 ? 256 HOH A O     1 
HETATM 1417 O O     . HOH C 3 .   ? 9.214   -11.729 4.751   1.00 23.86 ? 257 HOH A O     1 
HETATM 1418 O O     . HOH C 3 .   ? 5.975   -12.885 1.979   1.00 21.55 ? 258 HOH A O     1 
HETATM 1419 O O     . HOH C 3 .   ? 8.279   -8.644  7.046   1.00 26.79 ? 259 HOH A O     1 
HETATM 1420 O O     . HOH C 3 .   ? -15.460 0.229   -7.282  1.00 34.09 ? 260 HOH A O     1 
HETATM 1421 O O     . HOH C 3 .   ? -13.142 4.324   -7.715  1.00 28.61 ? 261 HOH A O     1 
HETATM 1422 O O     . HOH C 3 .   ? 9.349   9.606   -0.519  1.00 26.29 ? 262 HOH A O     1 
HETATM 1423 O O     . HOH C 3 .   ? -4.129  -8.503  10.808  1.00 28.15 ? 263 HOH A O     1 
HETATM 1424 O O     . HOH C 3 .   ? 11.907  -15.670 3.543   1.00 33.41 ? 264 HOH A O     1 
HETATM 1425 O O     . HOH C 3 .   ? -3.792  13.882  0.021   1.00 34.96 ? 265 HOH A O     1 
HETATM 1426 O O     . HOH C 3 .   ? 7.120   -8.843  12.796  1.00 33.12 ? 266 HOH A O     1 
HETATM 1427 O O     . HOH C 3 .   ? 1.603   0.049   -20.227 1.00 34.51 ? 267 HOH A O     1 
HETATM 1428 O O     . HOH C 3 .   ? -11.758 5.300   6.151   1.00 31.50 ? 268 HOH A O     1 
HETATM 1429 O O     . HOH C 3 .   ? -2.822  -13.054 -9.405  1.00 23.90 ? 269 HOH A O     1 
HETATM 1430 O O     . HOH C 3 .   ? 11.931  -6.152  -5.528  1.00 32.14 ? 270 HOH A O     1 
HETATM 1431 O O     . HOH C 3 .   ? 1.186   5.202   14.284  1.00 34.34 ? 271 HOH A O     1 
HETATM 1432 O O     . HOH C 3 .   ? -11.170 -10.391 -3.061  1.00 35.67 ? 272 HOH A O     1 
HETATM 1433 O O     . HOH C 3 .   ? -2.854  2.422   -15.845 1.00 26.40 ? 273 HOH A O     1 
HETATM 1434 O O     . HOH C 3 .   ? -11.195 -8.806  7.261   1.00 25.42 ? 274 HOH A O     1 
HETATM 1435 O O     . HOH C 3 .   ? 17.506  -9.414  -3.554  1.00 30.66 ? 275 HOH A O     1 
HETATM 1436 O O     . HOH C 3 .   ? 19.498  0.596   0.945   1.00 34.80 ? 276 HOH A O     1 
HETATM 1437 O O     . HOH C 3 .   ? -1.215  1.581   -18.099 1.00 27.86 ? 277 HOH A O     1 
HETATM 1438 O O     . HOH C 3 .   ? -17.971 -11.093 -4.767  1.00 39.38 ? 278 HOH A O     1 
HETATM 1439 O O     . HOH C 3 .   ? -1.907  13.449  3.707   1.00 32.72 ? 279 HOH A O     1 
HETATM 1440 O O     . HOH C 3 .   ? -4.768  3.665   -17.572 1.00 36.52 ? 280 HOH A O     1 
HETATM 1441 O O     . HOH C 3 .   ? 3.225   0.524   -10.177 1.00 23.84 ? 281 HOH A O     1 
HETATM 1442 O O     . HOH C 3 .   ? -16.724 -3.285  9.699   1.00 35.55 ? 282 HOH A O     1 
HETATM 1443 O O     . HOH C 3 .   ? -0.313  -10.593 9.909   1.00 26.24 ? 283 HOH A O     1 
HETATM 1444 O O     . HOH C 3 .   ? -4.278  -10.149 3.994   1.00 30.72 ? 284 HOH A O     1 
HETATM 1445 O O     . HOH C 3 .   ? 7.684   17.925  11.845  1.00 41.21 ? 285 HOH A O     1 
HETATM 1446 O O     . HOH C 3 .   ? 1.118   -14.592 4.408   1.00 34.43 ? 286 HOH A O     1 
HETATM 1447 O O     . HOH C 3 .   ? 20.044  -2.144  0.945   1.00 34.53 ? 287 HOH A O     1 
HETATM 1448 O O     . HOH C 3 .   ? 3.537   -17.078 -12.688 1.00 33.08 ? 288 HOH A O     1 
HETATM 1449 O O     . HOH C 3 .   ? -1.055  6.286   -16.706 1.00 29.64 ? 289 HOH A O     1 
HETATM 1450 O O     . HOH C 3 .   ? 1.843   16.780  -2.380  1.00 34.43 ? 290 HOH A O     1 
HETATM 1451 O O     . HOH C 3 .   ? -2.780  -3.251  -17.618 1.00 31.03 ? 291 HOH A O     1 
HETATM 1452 O O     . HOH C 3 .   ? 5.507   6.955   14.338  1.00 33.29 ? 292 HOH A O     1 
HETATM 1453 O O     . HOH C 3 .   ? 8.673   9.752   -6.113  1.00 30.21 ? 293 HOH A O     1 
HETATM 1454 O O     . HOH C 3 .   ? -3.940  -12.653 -1.634  1.00 32.53 ? 294 HOH A O     1 
HETATM 1455 O O     . HOH C 3 .   ? -5.811  -11.656 -0.427  1.00 29.53 ? 295 HOH A O     1 
HETATM 1456 O O     . HOH C 3 .   ? -14.293 4.555   -3.033  1.00 30.86 ? 296 HOH A O     1 
HETATM 1457 O O     . HOH C 3 .   ? 1.648   -13.248 7.713   1.00 32.37 ? 297 HOH A O     1 
HETATM 1458 O O     . HOH C 3 .   ? -3.735  -0.497  -18.081 1.00 32.16 ? 298 HOH A O     1 
HETATM 1459 O O     . HOH C 3 .   ? -9.467  -3.548  21.498  1.00 37.62 ? 299 HOH A O     1 
HETATM 1460 O O     . HOH C 3 .   ? -10.171 8.629   8.081   1.00 34.56 ? 300 HOH A O     1 
HETATM 1461 O O     . HOH C 3 .   ? 6.265   11.003  11.851  1.00 37.20 ? 301 HOH A O     1 
HETATM 1462 O O     . HOH C 3 .   ? -14.359 3.641   -9.837  1.00 36.29 ? 302 HOH A O     1 
HETATM 1463 O O     . HOH C 3 .   ? -6.063  -11.005 2.619   1.00 36.60 ? 303 HOH A O     1 
HETATM 1464 O O     . HOH C 3 .   ? 13.254  -8.574  -6.258  1.00 35.93 ? 304 HOH A O     1 
HETATM 1465 O O     . HOH C 3 .   ? -2.311  -11.663 -17.142 1.00 36.64 ? 305 HOH A O     1 
HETATM 1466 O O     . HOH C 3 .   ? -11.165 9.026   4.430   1.00 32.01 ? 306 HOH A O     1 
HETATM 1467 O O     . HOH C 3 .   ? -1.859  -7.948  12.480  1.00 32.47 ? 307 HOH A O     1 
HETATM 1468 O O     . HOH C 3 .   ? -14.181 -11.053 4.762   1.00 40.67 ? 308 HOH A O     1 
HETATM 1469 O O     . HOH C 3 .   ? 12.763  15.297  1.810   1.00 39.42 ? 309 HOH A O     1 
HETATM 1470 O O     . HOH C 3 .   ? -1.085  -13.302 -15.538 1.00 37.40 ? 310 HOH A O     1 
HETATM 1471 O O     . HOH C 3 .   ? -7.295  7.393   -10.255 1.00 36.48 ? 311 HOH A O     1 
HETATM 1472 O O     . HOH C 3 .   ? -3.167  6.945   13.185  1.00 44.76 ? 312 HOH A O     1 
HETATM 1473 O O     . HOH C 3 .   ? -7.247  3.551   -16.416 1.00 36.49 ? 313 HOH A O     1 
HETATM 1474 O O     . HOH C 3 .   ? -0.116  -17.332 -16.220 1.00 39.21 ? 314 HOH A O     1 
HETATM 1475 O O     . HOH C 3 .   ? 5.290   -1.193  19.473  1.00 35.00 ? 315 HOH A O     1 
HETATM 1476 O O     . HOH C 3 .   ? 14.325  11.986  0.140   1.00 36.15 ? 316 HOH A O     1 
HETATM 1477 O O     . HOH C 3 .   ? 5.224   -13.907 4.654   1.00 35.45 ? 317 HOH A O     1 
HETATM 1478 O O     . HOH C 3 .   ? -9.177  -9.454  17.438  1.00 42.87 ? 318 HOH A O     1 
HETATM 1479 O O     . HOH C 3 .   ? -6.199  -17.001 -8.941  1.00 36.18 ? 319 HOH A O     1 
HETATM 1480 O O     . HOH C 3 .   ? -3.535  4.520   14.157  1.00 41.39 ? 320 HOH A O     1 
HETATM 1481 O O     . HOH C 3 .   ? -15.970 -12.726 -5.400  1.00 40.13 ? 321 HOH A O     1 
HETATM 1482 O O     . HOH C 3 .   ? 5.187   6.952   -17.424 1.00 33.09 ? 322 HOH A O     1 
HETATM 1483 O O     . HOH C 3 .   ? 0.658   4.735   -20.793 1.00 47.08 ? 323 HOH A O     1 
HETATM 1484 O O     . HOH C 3 .   ? 14.778  -5.541  2.036   1.00 28.02 ? 324 HOH A O     1 
HETATM 1485 O O     . HOH C 3 .   ? -9.994  6.016   -10.434 1.00 29.01 ? 325 HOH A O     1 
HETATM 1486 O O     . HOH C 3 .   ? 16.168  -7.432  2.747   1.00 32.59 ? 326 HOH A O     1 
HETATM 1487 O O     . HOH C 3 .   ? -0.672  16.503  -12.181 1.00 31.12 ? 327 HOH A O     1 
HETATM 1488 O O     . HOH C 3 .   ? 6.377   13.411  1.327   1.00 31.09 ? 328 HOH A O     1 
HETATM 1489 O O     . HOH C 3 .   ? -0.674  10.468  -4.404  1.00 31.18 ? 329 HOH A O     1 
HETATM 1490 O O     . HOH C 3 .   ? -1.232  3.540   -19.610 1.00 38.00 ? 330 HOH A O     1 
HETATM 1491 O O     . HOH C 3 .   ? -9.865  12.705  -5.970  1.00 40.53 ? 331 HOH A O     1 
HETATM 1492 O O     . HOH C 3 .   ? -22.058 -8.154  4.327   1.00 40.53 ? 332 HOH A O     1 
HETATM 1493 O O     . HOH C 3 .   ? 16.743  9.425   -1.157  1.00 34.92 ? 333 HOH A O     1 
HETATM 1494 O O     . HOH C 3 .   ? -1.773  -20.278 -8.954  1.00 37.79 ? 334 HOH A O     1 
HETATM 1495 O O     . HOH C 3 .   ? -8.970  12.738  7.364   1.00 37.19 ? 335 HOH A O     1 
HETATM 1496 O O     . HOH C 3 .   ? -11.160 6.670   -8.305  1.00 35.09 ? 336 HOH A O     1 
HETATM 1497 O O     . HOH C 3 .   ? 14.746  20.537  5.153   1.00 46.11 ? 337 HOH A O     1 
HETATM 1498 O O     . HOH C 3 .   ? -7.190  -17.413 -6.410  1.00 41.73 ? 338 HOH A O     1 
HETATM 1499 O O     . HOH C 3 .   ? -9.312  -18.270 -11.598 1.00 42.94 ? 339 HOH A O     1 
HETATM 1500 O O     . HOH C 3 .   ? -12.139 -13.831 -5.863  1.00 39.98 ? 340 HOH A O     1 
HETATM 1501 O O     . HOH C 3 .   ? 5.550   15.039  0.423   1.00 35.34 ? 341 HOH A O     1 
HETATM 1502 O O     . HOH C 3 .   ? 3.899   -7.293  12.353  1.00 33.91 ? 342 HOH A O     1 
HETATM 1503 O O     . HOH C 3 .   ? 19.245  -5.142  3.113   1.00 43.47 ? 343 HOH A O     1 
HETATM 1504 O O     . HOH C 3 .   ? -15.763 0.205   16.422  1.00 41.34 ? 344 HOH A O     1 
HETATM 1505 O O     . HOH C 3 .   ? -5.833  -11.736 6.232   1.00 40.00 ? 345 HOH A O     1 
HETATM 1506 O O     . HOH C 3 .   ? -1.483  12.580  7.651   1.00 36.92 ? 346 HOH A O     1 
HETATM 1507 O O     . HOH C 3 .   ? -10.542 -13.023 -3.877  1.00 42.53 ? 347 HOH A O     1 
HETATM 1508 O O     . HOH C 3 .   ? -17.040 4.278   0.997   1.00 45.60 ? 348 HOH A O     1 
HETATM 1509 O O     . HOH C 3 .   ? -13.923 7.649   4.441   1.00 45.67 ? 349 HOH A O     1 
HETATM 1510 O O     . HOH C 3 .   ? -17.880 2.320   2.466   1.00 46.19 ? 350 HOH A O     1 
HETATM 1511 O O     . HOH C 3 .   ? 11.037  12.193  -1.239  1.00 40.42 ? 351 HOH A O     1 
HETATM 1512 O O     . HOH C 3 .   ? 16.610  15.636  4.007   1.00 42.65 ? 352 HOH A O     1 
HETATM 1513 O O     . HOH C 3 .   ? 9.274   12.045  0.587   1.00 43.61 ? 353 HOH A O     1 
HETATM 1514 O O     . HOH D 3 .   ? 6.590   0.145   -10.904 1.00 18.29 ? 101 HOH B O     1 
HETATM 1515 O O     . HOH D 3 .   ? 1.369   -11.415 -6.819  1.00 18.81 ? 102 HOH B O     1 
HETATM 1516 O O     . HOH D 3 .   ? 1.163   -13.085 -2.605  1.00 19.78 ? 103 HOH B O     1 
HETATM 1517 O O     . HOH D 3 .   ? 9.999   -7.558  -7.358  1.00 24.89 ? 104 HOH B O     1 
HETATM 1518 O O     . HOH D 3 .   ? 1.341   -12.396 -14.050 1.00 27.04 ? 105 HOH B O     1 
HETATM 1519 O O     . HOH D 3 .   ? 8.202   -5.218  -10.448 1.00 21.63 ? 106 HOH B O     1 
HETATM 1520 O O     . HOH D 3 .   ? 9.012   -3.743  -8.369  1.00 20.08 ? 107 HOH B O     1 
HETATM 1521 O O     . HOH D 3 .   ? 11.528  4.740   -6.535  1.00 23.77 ? 108 HOH B O     1 
HETATM 1522 O O     . HOH D 3 .   ? 8.656   -9.586  -17.022 1.00 36.81 ? 109 HOH B O     1 
HETATM 1523 O O     . HOH D 3 .   ? 16.462  1.484   -14.268 1.00 31.36 ? 110 HOH B O     1 
HETATM 1524 O O     . HOH D 3 .   ? 6.162   -15.273 0.814   1.00 28.12 ? 111 HOH B O     1 
HETATM 1525 O O     . HOH D 3 .   ? 15.580  -17.523 4.011   1.00 46.36 ? 112 HOH B O     1 
HETATM 1526 O O     . HOH D 3 .   ? 5.561   -6.560  -11.008 1.00 25.90 ? 113 HOH B O     1 
HETATM 1527 O O     . HOH D 3 .   ? 2.371   -13.441 -5.143  1.00 22.08 ? 114 HOH B O     1 
HETATM 1528 O O     . HOH D 3 .   ? 3.131   -3.946  -15.179 1.00 26.63 ? 115 HOH B O     1 
HETATM 1529 O O     . HOH D 3 .   ? 12.501  6.978   -7.794  1.00 33.69 ? 116 HOH B O     1 
HETATM 1530 O O     . HOH D 3 .   ? 13.633  -1.170  -15.783 1.00 33.87 ? 117 HOH B O     1 
HETATM 1531 O O     . HOH D 3 .   ? 18.992  -1.604  -15.031 1.00 39.12 ? 118 HOH B O     1 
HETATM 1532 O O     . HOH D 3 .   ? 3.190   -13.871 -2.063  1.00 34.73 ? 119 HOH B O     1 
HETATM 1533 O O     . HOH D 3 .   ? 10.406  -9.384  -11.393 1.00 29.31 ? 120 HOH B O     1 
HETATM 1534 O O     . HOH D 3 .   ? 3.980   -13.550 -13.632 1.00 29.37 ? 121 HOH B O     1 
HETATM 1535 O O     . HOH D 3 .   ? 7.521   -10.858 -14.798 1.00 34.35 ? 122 HOH B O     1 
HETATM 1536 O O     . HOH D 3 .   ? 21.592  1.958   -12.429 1.00 35.49 ? 123 HOH B O     1 
HETATM 1537 O O     . HOH D 3 .   ? 8.774   -20.890 -8.339  1.00 34.88 ? 124 HOH B O     1 
HETATM 1538 O O     . HOH D 3 .   ? 7.449   -7.903  -18.483 1.00 37.20 ? 125 HOH B O     1 
HETATM 1539 O O     . HOH D 3 .   ? 16.716  -11.396 -0.949  1.00 33.58 ? 126 HOH B O     1 
HETATM 1540 O O     . HOH D 3 .   ? 7.435   -16.731 2.759   1.00 36.41 ? 127 HOH B O     1 
HETATM 1541 O O     . HOH D 3 .   ? 6.279   -13.295 -14.411 1.00 36.95 ? 128 HOH B O     1 
HETATM 1542 O O     . HOH D 3 .   ? 10.456  -6.998  -10.049 1.00 35.42 ? 129 HOH B O     1 
HETATM 1543 O O     . HOH D 3 .   ? 15.551  8.771   -7.352  1.00 40.04 ? 130 HOH B O     1 
HETATM 1544 O O     . HOH D 3 .   ? 2.988   -5.421  -16.543 1.00 34.45 ? 131 HOH B O     1 
# 
loop_
_pdbx_poly_seq_scheme.asym_id 
_pdbx_poly_seq_scheme.entity_id 
_pdbx_poly_seq_scheme.seq_id 
_pdbx_poly_seq_scheme.mon_id 
_pdbx_poly_seq_scheme.ndb_seq_num 
_pdbx_poly_seq_scheme.pdb_seq_num 
_pdbx_poly_seq_scheme.auth_seq_num 
_pdbx_poly_seq_scheme.pdb_mon_id 
_pdbx_poly_seq_scheme.auth_mon_id 
_pdbx_poly_seq_scheme.pdb_strand_id 
_pdbx_poly_seq_scheme.pdb_ins_code 
_pdbx_poly_seq_scheme.hetero 
A 1 1   MET 1   1   ?   ?   ?   A . n 
A 1 2   SER 2   2   ?   ?   ?   A . n 
A 1 3   ASP 3   3   ?   ?   ?   A . n 
A 1 4   SER 4   4   4   SER SER A . n 
A 1 5   PHE 5   5   5   PHE PHE A . n 
A 1 6   SER 6   6   6   SER SER A . n 
A 1 7   LEU 7   7   7   LEU LEU A . n 
A 1 8   LEU 8   8   8   LEU LEU A . n 
A 1 9   SER 9   9   9   SER SER A . n 
A 1 10  GLN 10  10  10  GLN GLN A . n 
A 1 11  ILE 11  11  11  ILE ILE A . n 
A 1 12  THR 12  12  12  THR THR A . n 
A 1 13  PRO 13  13  13  PRO PRO A . n 
A 1 14  HIS 14  14  14  HIS HIS A . n 
A 1 15  GLN 15  15  15  GLN GLN A . n 
A 1 16  ARG 16  16  16  ARG ARG A . n 
A 1 17  CYS 17  17  17  CYS CYS A . n 
A 1 18  SER 18  18  18  SER SER A . n 
A 1 19  PHE 19  19  19  PHE PHE A . n 
A 1 20  TYR 20  20  20  TYR TYR A . n 
A 1 21  ALA 21  21  21  ALA ALA A . n 
A 1 22  GLN 22  22  22  GLN GLN A . n 
A 1 23  VAL 23  23  23  VAL VAL A . n 
A 1 24  ILE 24  24  24  ILE ILE A . n 
A 1 25  LYS 25  25  25  LYS LYS A . n 
A 1 26  THR 26  26  26  THR THR A . n 
A 1 27  TRP 27  27  27  TRP TRP A . n 
A 1 28  TYR 28  28  28  TYR TYR A . n 
A 1 29  SER 29  29  29  SER SER A . n 
A 1 30  ASP 30  30  30  ASP ASP A . n 
A 1 31  LYS 31  31  31  LYS LYS A . n 
A 1 32  ASN 32  32  32  ASN ASN A . n 
A 1 33  PHE 33  33  33  PHE PHE A . n 
A 1 34  THR 34  34  34  THR THR A . n 
A 1 35  LEU 35  35  35  LEU LEU A . n 
A 1 36  TYR 36  36  36  TYR TYR A . n 
A 1 37  VAL 37  37  37  VAL VAL A . n 
A 1 38  THR 38  38  38  THR THR A . n 
A 1 39  ASP 39  39  39  ASP ASP A . n 
A 1 40  TYR 40  40  40  TYR TYR A . n 
A 1 41  THR 41  41  41  THR THR A . n 
A 1 42  GLU 42  42  42  GLU GLU A . n 
A 1 43  ASN 43  43  43  ASN ASN A . n 
A 1 44  GLU 44  44  44  GLU GLU A . n 
A 1 45  LEU 45  45  45  LEU LEU A . n 
A 1 46  PHE 46  46  46  PHE PHE A . n 
A 1 47  PHE 47  47  47  PHE PHE A . n 
A 1 48  PRO 48  48  48  PRO PRO A . n 
A 1 49  MET 49  49  49  MET MET A . n 
A 1 50  SER 50  50  50  SER SER A . n 
A 1 51  PRO 51  51  51  PRO PRO A . n 
A 1 52  TYR 52  52  52  TYR TYR A . n 
A 1 53  THR 53  53  53  THR THR A . n 
A 1 54  SER 54  54  54  SER SER A . n 
A 1 55  SER 55  55  55  SER SER A . n 
A 1 56  SER 56  56  56  SER SER A . n 
A 1 57  ARG 57  57  57  ARG ARG A . n 
A 1 58  TRP 58  58  58  TRP TRP A . n 
A 1 59  ARG 59  59  59  ARG ARG A . n 
A 1 60  GLY 60  60  60  GLY GLY A . n 
A 1 61  PRO 61  61  61  PRO PRO A . n 
A 1 62  PHE 62  62  62  PHE PHE A . n 
A 1 63  GLY 63  63  63  GLY GLY A . n 
A 1 64  ARG 64  64  64  ARG ARG A . n 
A 1 65  PHE 65  65  65  PHE PHE A . n 
A 1 66  SER 66  66  66  SER SER A . n 
A 1 67  ILE 67  67  67  ILE ILE A . n 
A 1 68  ARG 68  68  68  ARG ARG A . n 
A 1 69  CYS 69  69  69  CYS CYS A . n 
A 1 70  ILE 70  70  70  ILE ILE A . n 
A 1 71  LEU 71  71  71  LEU LEU A . n 
A 1 72  TRP 72  72  72  TRP TRP A . n 
A 1 73  ASP 73  73  73  ASP ASP A . n 
A 1 74  GLU 74  74  74  GLU GLU A . n 
A 1 75  HIS 75  75  75  HIS HIS A . n 
A 1 76  ASP 76  76  76  ASP ASP A . n 
A 1 77  PHE 77  77  77  PHE PHE A . n 
A 1 78  TYR 78  78  78  TYR TYR A . n 
A 1 79  CYS 79  79  79  CYS CYS A . n 
A 1 80  ARG 80  80  80  ARG ARG A . n 
A 1 81  ASN 81  81  81  ASN ASN A . n 
A 1 82  TYR 82  82  82  TYR TYR A . n 
A 1 83  ILE 83  83  83  ILE ILE A . n 
A 1 84  LYS 84  84  84  LYS LYS A . n 
A 1 85  GLU 85  85  85  GLU GLU A . n 
A 1 86  GLY 86  86  86  GLY GLY A . n 
A 1 87  ASP 87  87  87  ASP ASP A . n 
A 1 88  TYR 88  88  88  TYR TYR A . n 
A 1 89  VAL 89  89  89  VAL VAL A . n 
A 1 90  VAL 90  90  90  VAL VAL A . n 
A 1 91  MET 91  91  91  MET MET A . n 
A 1 92  LYS 92  92  92  LYS LYS A . n 
A 1 93  ASN 93  93  93  ASN ASN A . n 
A 1 94  VAL 94  94  94  VAL VAL A . n 
A 1 95  ARG 95  95  95  ARG ARG A . n 
A 1 96  THR 96  96  96  THR THR A . n 
A 1 97  LYS 97  97  97  LYS LYS A . n 
A 1 98  ILE 98  98  98  ILE ILE A . n 
A 1 99  ASP 99  99  99  ASP ASP A . n 
A 1 100 HIS 100 100 100 HIS HIS A . n 
A 1 101 LEU 101 101 101 LEU LEU A . n 
A 1 102 GLY 102 102 102 GLY GLY A . n 
A 1 103 TYR 103 103 103 TYR TYR A . n 
A 1 104 LEU 104 104 104 LEU LEU A . n 
A 1 105 GLU 105 105 105 GLU GLU A . n 
A 1 106 CYS 106 106 106 CYS CYS A . n 
A 1 107 ILE 107 107 107 ILE ILE A . n 
A 1 108 LEU 108 108 108 LEU LEU A . n 
A 1 109 HIS 109 109 109 HIS HIS A . n 
A 1 110 GLY 110 110 110 GLY GLY A . n 
A 1 111 ASP 111 111 111 ASP ASP A . n 
A 1 112 SER 112 112 112 SER SER A . n 
A 1 113 ALA 113 113 113 ALA ALA A . n 
A 1 114 LYS 114 114 114 LYS LYS A . n 
A 1 115 ARG 115 115 115 ARG ARG A . n 
A 1 116 TYR 116 116 116 TYR TYR A . n 
A 1 117 ASN 117 117 117 ASN ASN A . n 
A 1 118 MET 118 118 118 MET MET A . n 
A 1 119 SER 119 119 119 SER SER A . n 
A 1 120 ILE 120 120 120 ILE ILE A . n 
A 1 121 GLU 121 121 121 GLU GLU A . n 
A 1 122 LYS 122 122 122 LYS LYS A . n 
A 1 123 VAL 123 123 123 VAL VAL A . n 
A 1 124 ASP 124 124 124 ASP ASP A . n 
A 1 125 SER 125 125 125 SER SER A . n 
A 1 126 GLU 126 126 126 GLU GLU A . n 
A 1 127 GLU 127 127 127 GLU GLU A . n 
A 1 128 PRO 128 128 128 PRO PRO A . n 
A 1 129 GLU 129 129 129 GLU GLU A . n 
A 1 130 LEU 130 130 130 LEU LEU A . n 
A 1 131 ASN 131 131 131 ASN ASN A . n 
A 1 132 GLU 132 132 132 GLU GLU A . n 
A 1 133 ILE 133 133 133 ILE ILE A . n 
A 1 134 LYS 134 134 134 LYS LYS A . n 
A 1 135 SER 135 135 135 SER SER A . n 
A 1 136 ARG 136 136 136 ARG ARG A . n 
A 1 137 LYS 137 137 137 LYS LYS A . n 
A 1 138 ARG 138 138 138 ARG ARG A . n 
A 1 139 LEU 139 139 139 LEU LEU A . n 
A 1 140 TYR 140 140 140 TYR TYR A . n 
A 1 141 VAL 141 141 141 VAL VAL A . n 
A 1 142 GLN 142 142 ?   ?   ?   A . n 
A 1 143 ASN 143 143 ?   ?   ?   A . n 
B 2 1   DG  1   1   1   DG  G   B . n 
B 2 2   DG  2   2   2   DG  G   B . n 
B 2 3   DT  3   3   3   DT  T   B . n 
B 2 4   DT  4   4   4   DT  T   B . n 
B 2 5   DA  5   5   5   DA  A   B . n 
B 2 6   DG  6   6   6   DG  G   B . n 
B 2 7   DG  7   7   7   DG  G   B . n 
B 2 8   DG  8   8   8   DG  G   B . n 
B 2 9   DT  9   9   9   DT  T   B . n 
# 
loop_
_pdbx_nonpoly_scheme.asym_id 
_pdbx_nonpoly_scheme.entity_id 
_pdbx_nonpoly_scheme.mon_id 
_pdbx_nonpoly_scheme.ndb_seq_num 
_pdbx_nonpoly_scheme.pdb_seq_num 
_pdbx_nonpoly_scheme.auth_seq_num 
_pdbx_nonpoly_scheme.pdb_mon_id 
_pdbx_nonpoly_scheme.auth_mon_id 
_pdbx_nonpoly_scheme.pdb_strand_id 
_pdbx_nonpoly_scheme.pdb_ins_code 
C 3 HOH 1   201 1   HOH HOH A . 
C 3 HOH 2   202 2   HOH HOH A . 
C 3 HOH 3   203 3   HOH HOH A . 
C 3 HOH 4   204 4   HOH HOH A . 
C 3 HOH 5   205 5   HOH HOH A . 
C 3 HOH 6   206 6   HOH HOH A . 
C 3 HOH 7   207 7   HOH HOH A . 
C 3 HOH 8   208 8   HOH HOH A . 
C 3 HOH 9   209 9   HOH HOH A . 
C 3 HOH 10  210 11  HOH HOH A . 
C 3 HOH 11  211 12  HOH HOH A . 
C 3 HOH 12  212 13  HOH HOH A . 
C 3 HOH 13  213 14  HOH HOH A . 
C 3 HOH 14  214 15  HOH HOH A . 
C 3 HOH 15  215 16  HOH HOH A . 
C 3 HOH 16  216 17  HOH HOH A . 
C 3 HOH 17  217 18  HOH HOH A . 
C 3 HOH 18  218 20  HOH HOH A . 
C 3 HOH 19  219 21  HOH HOH A . 
C 3 HOH 20  220 22  HOH HOH A . 
C 3 HOH 21  221 23  HOH HOH A . 
C 3 HOH 22  222 24  HOH HOH A . 
C 3 HOH 23  223 25  HOH HOH A . 
C 3 HOH 24  224 28  HOH HOH A . 
C 3 HOH 25  225 29  HOH HOH A . 
C 3 HOH 26  226 32  HOH HOH A . 
C 3 HOH 27  227 33  HOH HOH A . 
C 3 HOH 28  228 34  HOH HOH A . 
C 3 HOH 29  229 35  HOH HOH A . 
C 3 HOH 30  230 36  HOH HOH A . 
C 3 HOH 31  231 37  HOH HOH A . 
C 3 HOH 32  232 40  HOH HOH A . 
C 3 HOH 33  233 41  HOH HOH A . 
C 3 HOH 34  234 42  HOH HOH A . 
C 3 HOH 35  235 43  HOH HOH A . 
C 3 HOH 36  236 44  HOH HOH A . 
C 3 HOH 37  237 46  HOH HOH A . 
C 3 HOH 38  238 47  HOH HOH A . 
C 3 HOH 39  239 49  HOH HOH A . 
C 3 HOH 40  240 50  HOH HOH A . 
C 3 HOH 41  241 51  HOH HOH A . 
C 3 HOH 42  242 52  HOH HOH A . 
C 3 HOH 43  243 53  HOH HOH A . 
C 3 HOH 44  244 54  HOH HOH A . 
C 3 HOH 45  245 55  HOH HOH A . 
C 3 HOH 46  246 56  HOH HOH A . 
C 3 HOH 47  247 57  HOH HOH A . 
C 3 HOH 48  248 58  HOH HOH A . 
C 3 HOH 49  249 59  HOH HOH A . 
C 3 HOH 50  250 60  HOH HOH A . 
C 3 HOH 51  251 61  HOH HOH A . 
C 3 HOH 52  252 62  HOH HOH A . 
C 3 HOH 53  253 63  HOH HOH A . 
C 3 HOH 54  254 66  HOH HOH A . 
C 3 HOH 55  255 67  HOH HOH A . 
C 3 HOH 56  256 69  HOH HOH A . 
C 3 HOH 57  257 71  HOH HOH A . 
C 3 HOH 58  258 72  HOH HOH A . 
C 3 HOH 59  259 73  HOH HOH A . 
C 3 HOH 60  260 75  HOH HOH A . 
C 3 HOH 61  261 76  HOH HOH A . 
C 3 HOH 62  262 77  HOH HOH A . 
C 3 HOH 63  263 78  HOH HOH A . 
C 3 HOH 64  264 79  HOH HOH A . 
C 3 HOH 65  265 80  HOH HOH A . 
C 3 HOH 66  266 81  HOH HOH A . 
C 3 HOH 67  267 82  HOH HOH A . 
C 3 HOH 68  268 83  HOH HOH A . 
C 3 HOH 69  269 84  HOH HOH A . 
C 3 HOH 70  270 85  HOH HOH A . 
C 3 HOH 71  271 86  HOH HOH A . 
C 3 HOH 72  272 87  HOH HOH A . 
C 3 HOH 73  273 88  HOH HOH A . 
C 3 HOH 74  274 89  HOH HOH A . 
C 3 HOH 75  275 91  HOH HOH A . 
C 3 HOH 76  276 93  HOH HOH A . 
C 3 HOH 77  277 94  HOH HOH A . 
C 3 HOH 78  278 95  HOH HOH A . 
C 3 HOH 79  279 96  HOH HOH A . 
C 3 HOH 80  280 97  HOH HOH A . 
C 3 HOH 81  281 98  HOH HOH A . 
C 3 HOH 82  282 99  HOH HOH A . 
C 3 HOH 83  283 100 HOH HOH A . 
C 3 HOH 84  284 101 HOH HOH A . 
C 3 HOH 85  285 102 HOH HOH A . 
C 3 HOH 86  286 103 HOH HOH A . 
C 3 HOH 87  287 105 HOH HOH A . 
C 3 HOH 88  288 106 HOH HOH A . 
C 3 HOH 89  289 107 HOH HOH A . 
C 3 HOH 90  290 108 HOH HOH A . 
C 3 HOH 91  291 109 HOH HOH A . 
C 3 HOH 92  292 110 HOH HOH A . 
C 3 HOH 93  293 111 HOH HOH A . 
C 3 HOH 94  294 112 HOH HOH A . 
C 3 HOH 95  295 113 HOH HOH A . 
C 3 HOH 96  296 114 HOH HOH A . 
C 3 HOH 97  297 115 HOH HOH A . 
C 3 HOH 98  298 117 HOH HOH A . 
C 3 HOH 99  299 120 HOH HOH A . 
C 3 HOH 100 300 122 HOH HOH A . 
C 3 HOH 101 301 123 HOH HOH A . 
C 3 HOH 102 302 124 HOH HOH A . 
C 3 HOH 103 303 126 HOH HOH A . 
C 3 HOH 104 304 127 HOH HOH A . 
C 3 HOH 105 305 128 HOH HOH A . 
C 3 HOH 106 306 130 HOH HOH A . 
C 3 HOH 107 307 131 HOH HOH A . 
C 3 HOH 108 308 133 HOH HOH A . 
C 3 HOH 109 309 134 HOH HOH A . 
C 3 HOH 110 310 135 HOH HOH A . 
C 3 HOH 111 311 136 HOH HOH A . 
C 3 HOH 112 312 137 HOH HOH A . 
C 3 HOH 113 313 138 HOH HOH A . 
C 3 HOH 114 314 139 HOH HOH A . 
C 3 HOH 115 315 140 HOH HOH A . 
C 3 HOH 116 316 141 HOH HOH A . 
C 3 HOH 117 317 143 HOH HOH A . 
C 3 HOH 118 318 144 HOH HOH A . 
C 3 HOH 119 319 145 HOH HOH A . 
C 3 HOH 120 320 146 HOH HOH A . 
C 3 HOH 121 321 147 HOH HOH A . 
C 3 HOH 122 322 149 HOH HOH A . 
C 3 HOH 123 323 150 HOH HOH A . 
C 3 HOH 124 324 151 HOH HOH A . 
C 3 HOH 125 325 152 HOH HOH A . 
C 3 HOH 126 326 153 HOH HOH A . 
C 3 HOH 127 327 154 HOH HOH A . 
C 3 HOH 128 328 155 HOH HOH A . 
C 3 HOH 129 329 156 HOH HOH A . 
C 3 HOH 130 330 157 HOH HOH A . 
C 3 HOH 131 331 158 HOH HOH A . 
C 3 HOH 132 332 159 HOH HOH A . 
C 3 HOH 133 333 160 HOH HOH A . 
C 3 HOH 134 334 161 HOH HOH A . 
C 3 HOH 135 335 163 HOH HOH A . 
C 3 HOH 136 336 164 HOH HOH A . 
C 3 HOH 137 337 165 HOH HOH A . 
C 3 HOH 138 338 166 HOH HOH A . 
C 3 HOH 139 339 168 HOH HOH A . 
C 3 HOH 140 340 169 HOH HOH A . 
C 3 HOH 141 341 170 HOH HOH A . 
C 3 HOH 142 342 171 HOH HOH A . 
C 3 HOH 143 343 172 HOH HOH A . 
C 3 HOH 144 344 173 HOH HOH A . 
C 3 HOH 145 345 174 HOH HOH A . 
C 3 HOH 146 346 175 HOH HOH A . 
C 3 HOH 147 347 176 HOH HOH A . 
C 3 HOH 148 348 177 HOH HOH A . 
C 3 HOH 149 349 179 HOH HOH A . 
C 3 HOH 150 350 180 HOH HOH A . 
C 3 HOH 151 351 181 HOH HOH A . 
C 3 HOH 152 352 182 HOH HOH A . 
C 3 HOH 153 353 184 HOH HOH A . 
D 3 HOH 1   101 10  HOH HOH B . 
D 3 HOH 2   102 19  HOH HOH B . 
D 3 HOH 3   103 26  HOH HOH B . 
D 3 HOH 4   104 27  HOH HOH B . 
D 3 HOH 5   105 30  HOH HOH B . 
D 3 HOH 6   106 31  HOH HOH B . 
D 3 HOH 7   107 38  HOH HOH B . 
D 3 HOH 8   108 39  HOH HOH B . 
D 3 HOH 9   109 45  HOH HOH B . 
D 3 HOH 10  110 48  HOH HOH B . 
D 3 HOH 11  111 64  HOH HOH B . 
D 3 HOH 12  112 65  HOH HOH B . 
D 3 HOH 13  113 68  HOH HOH B . 
D 3 HOH 14  114 70  HOH HOH B . 
D 3 HOH 15  115 74  HOH HOH B . 
D 3 HOH 16  116 90  HOH HOH B . 
D 3 HOH 17  117 92  HOH HOH B . 
D 3 HOH 18  118 104 HOH HOH B . 
D 3 HOH 19  119 116 HOH HOH B . 
D 3 HOH 20  120 118 HOH HOH B . 
D 3 HOH 21  121 119 HOH HOH B . 
D 3 HOH 22  122 121 HOH HOH B . 
D 3 HOH 23  123 125 HOH HOH B . 
D 3 HOH 24  124 129 HOH HOH B . 
D 3 HOH 25  125 132 HOH HOH B . 
D 3 HOH 26  126 142 HOH HOH B . 
D 3 HOH 27  127 148 HOH HOH B . 
D 3 HOH 28  128 162 HOH HOH B . 
D 3 HOH 29  129 167 HOH HOH B . 
D 3 HOH 30  130 178 HOH HOH B . 
D 3 HOH 31  131 183 HOH HOH B . 
# 
_pdbx_struct_assembly.id                   1 
_pdbx_struct_assembly.details              author_and_software_defined_assembly 
_pdbx_struct_assembly.method_details       PISA 
_pdbx_struct_assembly.oligomeric_details   dimeric 
_pdbx_struct_assembly.oligomeric_count     2 
# 
_pdbx_struct_assembly_gen.assembly_id       1 
_pdbx_struct_assembly_gen.oper_expression   1 
_pdbx_struct_assembly_gen.asym_id_list      A,B,C,D 
# 
loop_
_pdbx_struct_assembly_prop.biol_id 
_pdbx_struct_assembly_prop.type 
_pdbx_struct_assembly_prop.value 
_pdbx_struct_assembly_prop.details 
1 'ABSA (A^2)' 2160 ? 
1 MORE         -7   ? 
1 'SSA (A^2)'  8720 ? 
# 
_pdbx_struct_oper_list.id                   1 
_pdbx_struct_oper_list.type                 'identity operation' 
_pdbx_struct_oper_list.name                 1_555 
_pdbx_struct_oper_list.symmetry_operation   x,y,z 
_pdbx_struct_oper_list.matrix[1][1]         1.0000000000 
_pdbx_struct_oper_list.matrix[1][2]         0.0000000000 
_pdbx_struct_oper_list.matrix[1][3]         0.0000000000 
_pdbx_struct_oper_list.vector[1]            0.0000000000 
_pdbx_struct_oper_list.matrix[2][1]         0.0000000000 
_pdbx_struct_oper_list.matrix[2][2]         1.0000000000 
_pdbx_struct_oper_list.matrix[2][3]         0.0000000000 
_pdbx_struct_oper_list.vector[2]            0.0000000000 
_pdbx_struct_oper_list.matrix[3][1]         0.0000000000 
_pdbx_struct_oper_list.matrix[3][2]         0.0000000000 
_pdbx_struct_oper_list.matrix[3][3]         1.0000000000 
_pdbx_struct_oper_list.vector[3]            0.0000000000 
# 
loop_
_pdbx_audit_revision_history.ordinal 
_pdbx_audit_revision_history.data_content_type 
_pdbx_audit_revision_history.major_revision 
_pdbx_audit_revision_history.minor_revision 
_pdbx_audit_revision_history.revision_date 
1 'Structure model' 1 0 2012-12-12 
2 'Structure model' 1 1 2013-02-27 
3 'Structure model' 1 2 2017-11-15 
4 'Structure model' 1 3 2023-09-20 
# 
_pdbx_audit_revision_details.ordinal             1 
_pdbx_audit_revision_details.revision_ordinal    1 
_pdbx_audit_revision_details.data_content_type   'Structure model' 
_pdbx_audit_revision_details.provider            repository 
_pdbx_audit_revision_details.type                'Initial release' 
_pdbx_audit_revision_details.description         ? 
_pdbx_audit_revision_details.details             ? 
# 
loop_
_pdbx_audit_revision_group.ordinal 
_pdbx_audit_revision_group.revision_ordinal 
_pdbx_audit_revision_group.data_content_type 
_pdbx_audit_revision_group.group 
1 2 'Structure model' 'Database references'    
2 3 'Structure model' 'Refinement description' 
3 4 'Structure model' 'Data collection'        
4 4 'Structure model' 'Database references'    
5 4 'Structure model' 'Refinement description' 
# 
loop_
_pdbx_audit_revision_category.ordinal 
_pdbx_audit_revision_category.revision_ordinal 
_pdbx_audit_revision_category.data_content_type 
_pdbx_audit_revision_category.category 
1 3 'Structure model' software                      
2 4 'Structure model' chem_comp_atom                
3 4 'Structure model' chem_comp_bond                
4 4 'Structure model' database_2                    
5 4 'Structure model' pdbx_initial_refinement_model 
6 4 'Structure model' struct_ref_seq_dif            
# 
loop_
_pdbx_audit_revision_item.ordinal 
_pdbx_audit_revision_item.revision_ordinal 
_pdbx_audit_revision_item.data_content_type 
_pdbx_audit_revision_item.item 
1 4 'Structure model' '_database_2.pdbx_DOI'                
2 4 'Structure model' '_database_2.pdbx_database_accession' 
3 4 'Structure model' '_struct_ref_seq_dif.details'         
# 
loop_
_software.pdbx_ordinal 
_software.name 
_software.version 
_software.date 
_software.type 
_software.contact_author 
_software.contact_author_email 
_software.classification 
_software.location 
_software.language 
_software.citation_id 
1 DENZO       .       ?                package 'Zbyszek Otwinowski' hkl@hkl-xray.com         'data reduction'  
http://www.hkl-xray.com/                  ?   ? 
2 SCALEPACK   .       ?                package 'Zbyszek Otwinowski' hkl@hkl-xray.com         'data scaling'    
http://www.hkl-xray.com/                  ?   ? 
3 PHENIX      1.7_650 ?                package 'Paul D. Adams'      PDAdams@lbl.gov          refinement        
http://www.phenix-online.org/             C++ ? 
4 PDB_EXTRACT 3.11    'April 22, 2011' package PDB                  deposit@deposit.rcsb.org 'data extraction' 
http://sw-tools.pdb.org/apps/PDB_EXTRACT/ C++ ? 
5 HKL-2000    .       ?                ?       ?                    ?                        'data collection' ? ?   ? 
6 HKL-2000    .       ?                ?       ?                    ?                        'data reduction'  ? ?   ? 
7 HKL-2000    .       ?                ?       ?                    ?                        'data scaling'    ? ?   ? 
8 PHENIX      1.7_650 ?                ?       ?                    ?                        phasing           ? ?   ? 
# 
loop_
_pdbx_validate_close_contact.id 
_pdbx_validate_close_contact.PDB_model_num 
_pdbx_validate_close_contact.auth_atom_id_1 
_pdbx_validate_close_contact.auth_asym_id_1 
_pdbx_validate_close_contact.auth_comp_id_1 
_pdbx_validate_close_contact.auth_seq_id_1 
_pdbx_validate_close_contact.PDB_ins_code_1 
_pdbx_validate_close_contact.label_alt_id_1 
_pdbx_validate_close_contact.auth_atom_id_2 
_pdbx_validate_close_contact.auth_asym_id_2 
_pdbx_validate_close_contact.auth_comp_id_2 
_pdbx_validate_close_contact.auth_seq_id_2 
_pdbx_validate_close_contact.PDB_ins_code_2 
_pdbx_validate_close_contact.label_alt_id_2 
_pdbx_validate_close_contact.dist 
1 1 NZ A LYS 122 ? ? O A HOH 342 ? ? 1.91 
2 1 O  B HOH 115 ? ? O B HOH 131 ? ? 2.01 
3 1 O  A HOH 328 ? ? O A HOH 341 ? ? 2.04 
# 
_pdbx_validate_rmsd_angle.id                         1 
_pdbx_validate_rmsd_angle.PDB_model_num              1 
_pdbx_validate_rmsd_angle.auth_atom_id_1             "O4'" 
_pdbx_validate_rmsd_angle.auth_asym_id_1             B 
_pdbx_validate_rmsd_angle.auth_comp_id_1             DT 
_pdbx_validate_rmsd_angle.auth_seq_id_1              4 
_pdbx_validate_rmsd_angle.PDB_ins_code_1             ? 
_pdbx_validate_rmsd_angle.label_alt_id_1             ? 
_pdbx_validate_rmsd_angle.auth_atom_id_2             "C1'" 
_pdbx_validate_rmsd_angle.auth_asym_id_2             B 
_pdbx_validate_rmsd_angle.auth_comp_id_2             DT 
_pdbx_validate_rmsd_angle.auth_seq_id_2              4 
_pdbx_validate_rmsd_angle.PDB_ins_code_2             ? 
_pdbx_validate_rmsd_angle.label_alt_id_2             ? 
_pdbx_validate_rmsd_angle.auth_atom_id_3             N1 
_pdbx_validate_rmsd_angle.auth_asym_id_3             B 
_pdbx_validate_rmsd_angle.auth_comp_id_3             DT 
_pdbx_validate_rmsd_angle.auth_seq_id_3              4 
_pdbx_validate_rmsd_angle.PDB_ins_code_3             ? 
_pdbx_validate_rmsd_angle.label_alt_id_3             ? 
_pdbx_validate_rmsd_angle.angle_value                110.27 
_pdbx_validate_rmsd_angle.angle_target_value         108.30 
_pdbx_validate_rmsd_angle.angle_deviation            1.97 
_pdbx_validate_rmsd_angle.angle_standard_deviation   0.30 
_pdbx_validate_rmsd_angle.linker_flag                N 
# 
loop_
_pdbx_validate_torsion.id 
_pdbx_validate_torsion.PDB_model_num 
_pdbx_validate_torsion.auth_comp_id 
_pdbx_validate_torsion.auth_asym_id 
_pdbx_validate_torsion.auth_seq_id 
_pdbx_validate_torsion.PDB_ins_code 
_pdbx_validate_torsion.label_alt_id 
_pdbx_validate_torsion.phi 
_pdbx_validate_torsion.psi 
1 1 ASP A 73  ? ? 58.46   -129.93 
2 1 TYR A 82  ? ? -135.20 -57.15  
3 1 ASP A 111 ? ? 39.06   58.56   
# 
loop_
_pdbx_unobs_or_zero_occ_residues.id 
_pdbx_unobs_or_zero_occ_residues.PDB_model_num 
_pdbx_unobs_or_zero_occ_residues.polymer_flag 
_pdbx_unobs_or_zero_occ_residues.occupancy_flag 
_pdbx_unobs_or_zero_occ_residues.auth_asym_id 
_pdbx_unobs_or_zero_occ_residues.auth_comp_id 
_pdbx_unobs_or_zero_occ_residues.auth_seq_id 
_pdbx_unobs_or_zero_occ_residues.PDB_ins_code 
_pdbx_unobs_or_zero_occ_residues.label_asym_id 
_pdbx_unobs_or_zero_occ_residues.label_comp_id 
_pdbx_unobs_or_zero_occ_residues.label_seq_id 
1 1 Y 1 A MET 1   ? A MET 1   
2 1 Y 1 A SER 2   ? A SER 2   
3 1 Y 1 A ASP 3   ? A ASP 3   
4 1 Y 1 A GLN 142 ? A GLN 142 
5 1 Y 1 A ASN 143 ? A ASN 143 
# 
loop_
_chem_comp_atom.comp_id 
_chem_comp_atom.atom_id 
_chem_comp_atom.type_symbol 
_chem_comp_atom.pdbx_aromatic_flag 
_chem_comp_atom.pdbx_stereo_config 
_chem_comp_atom.pdbx_ordinal 
ALA N      N N N 1   
ALA CA     C N S 2   
ALA C      C N N 3   
ALA O      O N N 4   
ALA CB     C N N 5   
ALA OXT    O N N 6   
ALA H      H N N 7   
ALA H2     H N N 8   
ALA HA     H N N 9   
ALA HB1    H N N 10  
ALA HB2    H N N 11  
ALA HB3    H N N 12  
ALA HXT    H N N 13  
ARG N      N N N 14  
ARG CA     C N S 15  
ARG C      C N N 16  
ARG O      O N N 17  
ARG CB     C N N 18  
ARG CG     C N N 19  
ARG CD     C N N 20  
ARG NE     N N N 21  
ARG CZ     C N N 22  
ARG NH1    N N N 23  
ARG NH2    N N N 24  
ARG OXT    O N N 25  
ARG H      H N N 26  
ARG H2     H N N 27  
ARG HA     H N N 28  
ARG HB2    H N N 29  
ARG HB3    H N N 30  
ARG HG2    H N N 31  
ARG HG3    H N N 32  
ARG HD2    H N N 33  
ARG HD3    H N N 34  
ARG HE     H N N 35  
ARG HH11   H N N 36  
ARG HH12   H N N 37  
ARG HH21   H N N 38  
ARG HH22   H N N 39  
ARG HXT    H N N 40  
ASN N      N N N 41  
ASN CA     C N S 42  
ASN C      C N N 43  
ASN O      O N N 44  
ASN CB     C N N 45  
ASN CG     C N N 46  
ASN OD1    O N N 47  
ASN ND2    N N N 48  
ASN OXT    O N N 49  
ASN H      H N N 50  
ASN H2     H N N 51  
ASN HA     H N N 52  
ASN HB2    H N N 53  
ASN HB3    H N N 54  
ASN HD21   H N N 55  
ASN HD22   H N N 56  
ASN HXT    H N N 57  
ASP N      N N N 58  
ASP CA     C N S 59  
ASP C      C N N 60  
ASP O      O N N 61  
ASP CB     C N N 62  
ASP CG     C N N 63  
ASP OD1    O N N 64  
ASP OD2    O N N 65  
ASP OXT    O N N 66  
ASP H      H N N 67  
ASP H2     H N N 68  
ASP HA     H N N 69  
ASP HB2    H N N 70  
ASP HB3    H N N 71  
ASP HD2    H N N 72  
ASP HXT    H N N 73  
CYS N      N N N 74  
CYS CA     C N R 75  
CYS C      C N N 76  
CYS O      O N N 77  
CYS CB     C N N 78  
CYS SG     S N N 79  
CYS OXT    O N N 80  
CYS H      H N N 81  
CYS H2     H N N 82  
CYS HA     H N N 83  
CYS HB2    H N N 84  
CYS HB3    H N N 85  
CYS HG     H N N 86  
CYS HXT    H N N 87  
DA  OP3    O N N 88  
DA  P      P N N 89  
DA  OP1    O N N 90  
DA  OP2    O N N 91  
DA  "O5'"  O N N 92  
DA  "C5'"  C N N 93  
DA  "C4'"  C N R 94  
DA  "O4'"  O N N 95  
DA  "C3'"  C N S 96  
DA  "O3'"  O N N 97  
DA  "C2'"  C N N 98  
DA  "C1'"  C N R 99  
DA  N9     N Y N 100 
DA  C8     C Y N 101 
DA  N7     N Y N 102 
DA  C5     C Y N 103 
DA  C6     C Y N 104 
DA  N6     N N N 105 
DA  N1     N Y N 106 
DA  C2     C Y N 107 
DA  N3     N Y N 108 
DA  C4     C Y N 109 
DA  HOP3   H N N 110 
DA  HOP2   H N N 111 
DA  "H5'"  H N N 112 
DA  "H5''" H N N 113 
DA  "H4'"  H N N 114 
DA  "H3'"  H N N 115 
DA  "HO3'" H N N 116 
DA  "H2'"  H N N 117 
DA  "H2''" H N N 118 
DA  "H1'"  H N N 119 
DA  H8     H N N 120 
DA  H61    H N N 121 
DA  H62    H N N 122 
DA  H2     H N N 123 
DG  OP3    O N N 124 
DG  P      P N N 125 
DG  OP1    O N N 126 
DG  OP2    O N N 127 
DG  "O5'"  O N N 128 
DG  "C5'"  C N N 129 
DG  "C4'"  C N R 130 
DG  "O4'"  O N N 131 
DG  "C3'"  C N S 132 
DG  "O3'"  O N N 133 
DG  "C2'"  C N N 134 
DG  "C1'"  C N R 135 
DG  N9     N Y N 136 
DG  C8     C Y N 137 
DG  N7     N Y N 138 
DG  C5     C Y N 139 
DG  C6     C N N 140 
DG  O6     O N N 141 
DG  N1     N N N 142 
DG  C2     C N N 143 
DG  N2     N N N 144 
DG  N3     N N N 145 
DG  C4     C Y N 146 
DG  HOP3   H N N 147 
DG  HOP2   H N N 148 
DG  "H5'"  H N N 149 
DG  "H5''" H N N 150 
DG  "H4'"  H N N 151 
DG  "H3'"  H N N 152 
DG  "HO3'" H N N 153 
DG  "H2'"  H N N 154 
DG  "H2''" H N N 155 
DG  "H1'"  H N N 156 
DG  H8     H N N 157 
DG  H1     H N N 158 
DG  H21    H N N 159 
DG  H22    H N N 160 
DT  OP3    O N N 161 
DT  P      P N N 162 
DT  OP1    O N N 163 
DT  OP2    O N N 164 
DT  "O5'"  O N N 165 
DT  "C5'"  C N N 166 
DT  "C4'"  C N R 167 
DT  "O4'"  O N N 168 
DT  "C3'"  C N S 169 
DT  "O3'"  O N N 170 
DT  "C2'"  C N N 171 
DT  "C1'"  C N R 172 
DT  N1     N N N 173 
DT  C2     C N N 174 
DT  O2     O N N 175 
DT  N3     N N N 176 
DT  C4     C N N 177 
DT  O4     O N N 178 
DT  C5     C N N 179 
DT  C7     C N N 180 
DT  C6     C N N 181 
DT  HOP3   H N N 182 
DT  HOP2   H N N 183 
DT  "H5'"  H N N 184 
DT  "H5''" H N N 185 
DT  "H4'"  H N N 186 
DT  "H3'"  H N N 187 
DT  "HO3'" H N N 188 
DT  "H2'"  H N N 189 
DT  "H2''" H N N 190 
DT  "H1'"  H N N 191 
DT  H3     H N N 192 
DT  H71    H N N 193 
DT  H72    H N N 194 
DT  H73    H N N 195 
DT  H6     H N N 196 
GLN N      N N N 197 
GLN CA     C N S 198 
GLN C      C N N 199 
GLN O      O N N 200 
GLN CB     C N N 201 
GLN CG     C N N 202 
GLN CD     C N N 203 
GLN OE1    O N N 204 
GLN NE2    N N N 205 
GLN OXT    O N N 206 
GLN H      H N N 207 
GLN H2     H N N 208 
GLN HA     H N N 209 
GLN HB2    H N N 210 
GLN HB3    H N N 211 
GLN HG2    H N N 212 
GLN HG3    H N N 213 
GLN HE21   H N N 214 
GLN HE22   H N N 215 
GLN HXT    H N N 216 
GLU N      N N N 217 
GLU CA     C N S 218 
GLU C      C N N 219 
GLU O      O N N 220 
GLU CB     C N N 221 
GLU CG     C N N 222 
GLU CD     C N N 223 
GLU OE1    O N N 224 
GLU OE2    O N N 225 
GLU OXT    O N N 226 
GLU H      H N N 227 
GLU H2     H N N 228 
GLU HA     H N N 229 
GLU HB2    H N N 230 
GLU HB3    H N N 231 
GLU HG2    H N N 232 
GLU HG3    H N N 233 
GLU HE2    H N N 234 
GLU HXT    H N N 235 
GLY N      N N N 236 
GLY CA     C N N 237 
GLY C      C N N 238 
GLY O      O N N 239 
GLY OXT    O N N 240 
GLY H      H N N 241 
GLY H2     H N N 242 
GLY HA2    H N N 243 
GLY HA3    H N N 244 
GLY HXT    H N N 245 
HIS N      N N N 246 
HIS CA     C N S 247 
HIS C      C N N 248 
HIS O      O N N 249 
HIS CB     C N N 250 
HIS CG     C Y N 251 
HIS ND1    N Y N 252 
HIS CD2    C Y N 253 
HIS CE1    C Y N 254 
HIS NE2    N Y N 255 
HIS OXT    O N N 256 
HIS H      H N N 257 
HIS H2     H N N 258 
HIS HA     H N N 259 
HIS HB2    H N N 260 
HIS HB3    H N N 261 
HIS HD1    H N N 262 
HIS HD2    H N N 263 
HIS HE1    H N N 264 
HIS HE2    H N N 265 
HIS HXT    H N N 266 
HOH O      O N N 267 
HOH H1     H N N 268 
HOH H2     H N N 269 
ILE N      N N N 270 
ILE CA     C N S 271 
ILE C      C N N 272 
ILE O      O N N 273 
ILE CB     C N S 274 
ILE CG1    C N N 275 
ILE CG2    C N N 276 
ILE CD1    C N N 277 
ILE OXT    O N N 278 
ILE H      H N N 279 
ILE H2     H N N 280 
ILE HA     H N N 281 
ILE HB     H N N 282 
ILE HG12   H N N 283 
ILE HG13   H N N 284 
ILE HG21   H N N 285 
ILE HG22   H N N 286 
ILE HG23   H N N 287 
ILE HD11   H N N 288 
ILE HD12   H N N 289 
ILE HD13   H N N 290 
ILE HXT    H N N 291 
LEU N      N N N 292 
LEU CA     C N S 293 
LEU C      C N N 294 
LEU O      O N N 295 
LEU CB     C N N 296 
LEU CG     C N N 297 
LEU CD1    C N N 298 
LEU CD2    C N N 299 
LEU OXT    O N N 300 
LEU H      H N N 301 
LEU H2     H N N 302 
LEU HA     H N N 303 
LEU HB2    H N N 304 
LEU HB3    H N N 305 
LEU HG     H N N 306 
LEU HD11   H N N 307 
LEU HD12   H N N 308 
LEU HD13   H N N 309 
LEU HD21   H N N 310 
LEU HD22   H N N 311 
LEU HD23   H N N 312 
LEU HXT    H N N 313 
LYS N      N N N 314 
LYS CA     C N S 315 
LYS C      C N N 316 
LYS O      O N N 317 
LYS CB     C N N 318 
LYS CG     C N N 319 
LYS CD     C N N 320 
LYS CE     C N N 321 
LYS NZ     N N N 322 
LYS OXT    O N N 323 
LYS H      H N N 324 
LYS H2     H N N 325 
LYS HA     H N N 326 
LYS HB2    H N N 327 
LYS HB3    H N N 328 
LYS HG2    H N N 329 
LYS HG3    H N N 330 
LYS HD2    H N N 331 
LYS HD3    H N N 332 
LYS HE2    H N N 333 
LYS HE3    H N N 334 
LYS HZ1    H N N 335 
LYS HZ2    H N N 336 
LYS HZ3    H N N 337 
LYS HXT    H N N 338 
MET N      N N N 339 
MET CA     C N S 340 
MET C      C N N 341 
MET O      O N N 342 
MET CB     C N N 343 
MET CG     C N N 344 
MET SD     S N N 345 
MET CE     C N N 346 
MET OXT    O N N 347 
MET H      H N N 348 
MET H2     H N N 349 
MET HA     H N N 350 
MET HB2    H N N 351 
MET HB3    H N N 352 
MET HG2    H N N 353 
MET HG3    H N N 354 
MET HE1    H N N 355 
MET HE2    H N N 356 
MET HE3    H N N 357 
MET HXT    H N N 358 
PHE N      N N N 359 
PHE CA     C N S 360 
PHE C      C N N 361 
PHE O      O N N 362 
PHE CB     C N N 363 
PHE CG     C Y N 364 
PHE CD1    C Y N 365 
PHE CD2    C Y N 366 
PHE CE1    C Y N 367 
PHE CE2    C Y N 368 
PHE CZ     C Y N 369 
PHE OXT    O N N 370 
PHE H      H N N 371 
PHE H2     H N N 372 
PHE HA     H N N 373 
PHE HB2    H N N 374 
PHE HB3    H N N 375 
PHE HD1    H N N 376 
PHE HD2    H N N 377 
PHE HE1    H N N 378 
PHE HE2    H N N 379 
PHE HZ     H N N 380 
PHE HXT    H N N 381 
PRO N      N N N 382 
PRO CA     C N S 383 
PRO C      C N N 384 
PRO O      O N N 385 
PRO CB     C N N 386 
PRO CG     C N N 387 
PRO CD     C N N 388 
PRO OXT    O N N 389 
PRO H      H N N 390 
PRO HA     H N N 391 
PRO HB2    H N N 392 
PRO HB3    H N N 393 
PRO HG2    H N N 394 
PRO HG3    H N N 395 
PRO HD2    H N N 396 
PRO HD3    H N N 397 
PRO HXT    H N N 398 
SER N      N N N 399 
SER CA     C N S 400 
SER C      C N N 401 
SER O      O N N 402 
SER CB     C N N 403 
SER OG     O N N 404 
SER OXT    O N N 405 
SER H      H N N 406 
SER H2     H N N 407 
SER HA     H N N 408 
SER HB2    H N N 409 
SER HB3    H N N 410 
SER HG     H N N 411 
SER HXT    H N N 412 
THR N      N N N 413 
THR CA     C N S 414 
THR C      C N N 415 
THR O      O N N 416 
THR CB     C N R 417 
THR OG1    O N N 418 
THR CG2    C N N 419 
THR OXT    O N N 420 
THR H      H N N 421 
THR H2     H N N 422 
THR HA     H N N 423 
THR HB     H N N 424 
THR HG1    H N N 425 
THR HG21   H N N 426 
THR HG22   H N N 427 
THR HG23   H N N 428 
THR HXT    H N N 429 
TRP N      N N N 430 
TRP CA     C N S 431 
TRP C      C N N 432 
TRP O      O N N 433 
TRP CB     C N N 434 
TRP CG     C Y N 435 
TRP CD1    C Y N 436 
TRP CD2    C Y N 437 
TRP NE1    N Y N 438 
TRP CE2    C Y N 439 
TRP CE3    C Y N 440 
TRP CZ2    C Y N 441 
TRP CZ3    C Y N 442 
TRP CH2    C Y N 443 
TRP OXT    O N N 444 
TRP H      H N N 445 
TRP H2     H N N 446 
TRP HA     H N N 447 
TRP HB2    H N N 448 
TRP HB3    H N N 449 
TRP HD1    H N N 450 
TRP HE1    H N N 451 
TRP HE3    H N N 452 
TRP HZ2    H N N 453 
TRP HZ3    H N N 454 
TRP HH2    H N N 455 
TRP HXT    H N N 456 
TYR N      N N N 457 
TYR CA     C N S 458 
TYR C      C N N 459 
TYR O      O N N 460 
TYR CB     C N N 461 
TYR CG     C Y N 462 
TYR CD1    C Y N 463 
TYR CD2    C Y N 464 
TYR CE1    C Y N 465 
TYR CE2    C Y N 466 
TYR CZ     C Y N 467 
TYR OH     O N N 468 
TYR OXT    O N N 469 
TYR H      H N N 470 
TYR H2     H N N 471 
TYR HA     H N N 472 
TYR HB2    H N N 473 
TYR HB3    H N N 474 
TYR HD1    H N N 475 
TYR HD2    H N N 476 
TYR HE1    H N N 477 
TYR HE2    H N N 478 
TYR HH     H N N 479 
TYR HXT    H N N 480 
VAL N      N N N 481 
VAL CA     C N S 482 
VAL C      C N N 483 
VAL O      O N N 484 
VAL CB     C N N 485 
VAL CG1    C N N 486 
VAL CG2    C N N 487 
VAL OXT    O N N 488 
VAL H      H N N 489 
VAL H2     H N N 490 
VAL HA     H N N 491 
VAL HB     H N N 492 
VAL HG11   H N N 493 
VAL HG12   H N N 494 
VAL HG13   H N N 495 
VAL HG21   H N N 496 
VAL HG22   H N N 497 
VAL HG23   H N N 498 
VAL HXT    H N N 499 
# 
loop_
_chem_comp_bond.comp_id 
_chem_comp_bond.atom_id_1 
_chem_comp_bond.atom_id_2 
_chem_comp_bond.value_order 
_chem_comp_bond.pdbx_aromatic_flag 
_chem_comp_bond.pdbx_stereo_config 
_chem_comp_bond.pdbx_ordinal 
ALA N     CA     sing N N 1   
ALA N     H      sing N N 2   
ALA N     H2     sing N N 3   
ALA CA    C      sing N N 4   
ALA CA    CB     sing N N 5   
ALA CA    HA     sing N N 6   
ALA C     O      doub N N 7   
ALA C     OXT    sing N N 8   
ALA CB    HB1    sing N N 9   
ALA CB    HB2    sing N N 10  
ALA CB    HB3    sing N N 11  
ALA OXT   HXT    sing N N 12  
ARG N     CA     sing N N 13  
ARG N     H      sing N N 14  
ARG N     H2     sing N N 15  
ARG CA    C      sing N N 16  
ARG CA    CB     sing N N 17  
ARG CA    HA     sing N N 18  
ARG C     O      doub N N 19  
ARG C     OXT    sing N N 20  
ARG CB    CG     sing N N 21  
ARG CB    HB2    sing N N 22  
ARG CB    HB3    sing N N 23  
ARG CG    CD     sing N N 24  
ARG CG    HG2    sing N N 25  
ARG CG    HG3    sing N N 26  
ARG CD    NE     sing N N 27  
ARG CD    HD2    sing N N 28  
ARG CD    HD3    sing N N 29  
ARG NE    CZ     sing N N 30  
ARG NE    HE     sing N N 31  
ARG CZ    NH1    sing N N 32  
ARG CZ    NH2    doub N N 33  
ARG NH1   HH11   sing N N 34  
ARG NH1   HH12   sing N N 35  
ARG NH2   HH21   sing N N 36  
ARG NH2   HH22   sing N N 37  
ARG OXT   HXT    sing N N 38  
ASN N     CA     sing N N 39  
ASN N     H      sing N N 40  
ASN N     H2     sing N N 41  
ASN CA    C      sing N N 42  
ASN CA    CB     sing N N 43  
ASN CA    HA     sing N N 44  
ASN C     O      doub N N 45  
ASN C     OXT    sing N N 46  
ASN CB    CG     sing N N 47  
ASN CB    HB2    sing N N 48  
ASN CB    HB3    sing N N 49  
ASN CG    OD1    doub N N 50  
ASN CG    ND2    sing N N 51  
ASN ND2   HD21   sing N N 52  
ASN ND2   HD22   sing N N 53  
ASN OXT   HXT    sing N N 54  
ASP N     CA     sing N N 55  
ASP N     H      sing N N 56  
ASP N     H2     sing N N 57  
ASP CA    C      sing N N 58  
ASP CA    CB     sing N N 59  
ASP CA    HA     sing N N 60  
ASP C     O      doub N N 61  
ASP C     OXT    sing N N 62  
ASP CB    CG     sing N N 63  
ASP CB    HB2    sing N N 64  
ASP CB    HB3    sing N N 65  
ASP CG    OD1    doub N N 66  
ASP CG    OD2    sing N N 67  
ASP OD2   HD2    sing N N 68  
ASP OXT   HXT    sing N N 69  
CYS N     CA     sing N N 70  
CYS N     H      sing N N 71  
CYS N     H2     sing N N 72  
CYS CA    C      sing N N 73  
CYS CA    CB     sing N N 74  
CYS CA    HA     sing N N 75  
CYS C     O      doub N N 76  
CYS C     OXT    sing N N 77  
CYS CB    SG     sing N N 78  
CYS CB    HB2    sing N N 79  
CYS CB    HB3    sing N N 80  
CYS SG    HG     sing N N 81  
CYS OXT   HXT    sing N N 82  
DA  OP3   P      sing N N 83  
DA  OP3   HOP3   sing N N 84  
DA  P     OP1    doub N N 85  
DA  P     OP2    sing N N 86  
DA  P     "O5'"  sing N N 87  
DA  OP2   HOP2   sing N N 88  
DA  "O5'" "C5'"  sing N N 89  
DA  "C5'" "C4'"  sing N N 90  
DA  "C5'" "H5'"  sing N N 91  
DA  "C5'" "H5''" sing N N 92  
DA  "C4'" "O4'"  sing N N 93  
DA  "C4'" "C3'"  sing N N 94  
DA  "C4'" "H4'"  sing N N 95  
DA  "O4'" "C1'"  sing N N 96  
DA  "C3'" "O3'"  sing N N 97  
DA  "C3'" "C2'"  sing N N 98  
DA  "C3'" "H3'"  sing N N 99  
DA  "O3'" "HO3'" sing N N 100 
DA  "C2'" "C1'"  sing N N 101 
DA  "C2'" "H2'"  sing N N 102 
DA  "C2'" "H2''" sing N N 103 
DA  "C1'" N9     sing N N 104 
DA  "C1'" "H1'"  sing N N 105 
DA  N9    C8     sing Y N 106 
DA  N9    C4     sing Y N 107 
DA  C8    N7     doub Y N 108 
DA  C8    H8     sing N N 109 
DA  N7    C5     sing Y N 110 
DA  C5    C6     sing Y N 111 
DA  C5    C4     doub Y N 112 
DA  C6    N6     sing N N 113 
DA  C6    N1     doub Y N 114 
DA  N6    H61    sing N N 115 
DA  N6    H62    sing N N 116 
DA  N1    C2     sing Y N 117 
DA  C2    N3     doub Y N 118 
DA  C2    H2     sing N N 119 
DA  N3    C4     sing Y N 120 
DG  OP3   P      sing N N 121 
DG  OP3   HOP3   sing N N 122 
DG  P     OP1    doub N N 123 
DG  P     OP2    sing N N 124 
DG  P     "O5'"  sing N N 125 
DG  OP2   HOP2   sing N N 126 
DG  "O5'" "C5'"  sing N N 127 
DG  "C5'" "C4'"  sing N N 128 
DG  "C5'" "H5'"  sing N N 129 
DG  "C5'" "H5''" sing N N 130 
DG  "C4'" "O4'"  sing N N 131 
DG  "C4'" "C3'"  sing N N 132 
DG  "C4'" "H4'"  sing N N 133 
DG  "O4'" "C1'"  sing N N 134 
DG  "C3'" "O3'"  sing N N 135 
DG  "C3'" "C2'"  sing N N 136 
DG  "C3'" "H3'"  sing N N 137 
DG  "O3'" "HO3'" sing N N 138 
DG  "C2'" "C1'"  sing N N 139 
DG  "C2'" "H2'"  sing N N 140 
DG  "C2'" "H2''" sing N N 141 
DG  "C1'" N9     sing N N 142 
DG  "C1'" "H1'"  sing N N 143 
DG  N9    C8     sing Y N 144 
DG  N9    C4     sing Y N 145 
DG  C8    N7     doub Y N 146 
DG  C8    H8     sing N N 147 
DG  N7    C5     sing Y N 148 
DG  C5    C6     sing N N 149 
DG  C5    C4     doub Y N 150 
DG  C6    O6     doub N N 151 
DG  C6    N1     sing N N 152 
DG  N1    C2     sing N N 153 
DG  N1    H1     sing N N 154 
DG  C2    N2     sing N N 155 
DG  C2    N3     doub N N 156 
DG  N2    H21    sing N N 157 
DG  N2    H22    sing N N 158 
DG  N3    C4     sing N N 159 
DT  OP3   P      sing N N 160 
DT  OP3   HOP3   sing N N 161 
DT  P     OP1    doub N N 162 
DT  P     OP2    sing N N 163 
DT  P     "O5'"  sing N N 164 
DT  OP2   HOP2   sing N N 165 
DT  "O5'" "C5'"  sing N N 166 
DT  "C5'" "C4'"  sing N N 167 
DT  "C5'" "H5'"  sing N N 168 
DT  "C5'" "H5''" sing N N 169 
DT  "C4'" "O4'"  sing N N 170 
DT  "C4'" "C3'"  sing N N 171 
DT  "C4'" "H4'"  sing N N 172 
DT  "O4'" "C1'"  sing N N 173 
DT  "C3'" "O3'"  sing N N 174 
DT  "C3'" "C2'"  sing N N 175 
DT  "C3'" "H3'"  sing N N 176 
DT  "O3'" "HO3'" sing N N 177 
DT  "C2'" "C1'"  sing N N 178 
DT  "C2'" "H2'"  sing N N 179 
DT  "C2'" "H2''" sing N N 180 
DT  "C1'" N1     sing N N 181 
DT  "C1'" "H1'"  sing N N 182 
DT  N1    C2     sing N N 183 
DT  N1    C6     sing N N 184 
DT  C2    O2     doub N N 185 
DT  C2    N3     sing N N 186 
DT  N3    C4     sing N N 187 
DT  N3    H3     sing N N 188 
DT  C4    O4     doub N N 189 
DT  C4    C5     sing N N 190 
DT  C5    C7     sing N N 191 
DT  C5    C6     doub N N 192 
DT  C7    H71    sing N N 193 
DT  C7    H72    sing N N 194 
DT  C7    H73    sing N N 195 
DT  C6    H6     sing N N 196 
GLN N     CA     sing N N 197 
GLN N     H      sing N N 198 
GLN N     H2     sing N N 199 
GLN CA    C      sing N N 200 
GLN CA    CB     sing N N 201 
GLN CA    HA     sing N N 202 
GLN C     O      doub N N 203 
GLN C     OXT    sing N N 204 
GLN CB    CG     sing N N 205 
GLN CB    HB2    sing N N 206 
GLN CB    HB3    sing N N 207 
GLN CG    CD     sing N N 208 
GLN CG    HG2    sing N N 209 
GLN CG    HG3    sing N N 210 
GLN CD    OE1    doub N N 211 
GLN CD    NE2    sing N N 212 
GLN NE2   HE21   sing N N 213 
GLN NE2   HE22   sing N N 214 
GLN OXT   HXT    sing N N 215 
GLU N     CA     sing N N 216 
GLU N     H      sing N N 217 
GLU N     H2     sing N N 218 
GLU CA    C      sing N N 219 
GLU CA    CB     sing N N 220 
GLU CA    HA     sing N N 221 
GLU C     O      doub N N 222 
GLU C     OXT    sing N N 223 
GLU CB    CG     sing N N 224 
GLU CB    HB2    sing N N 225 
GLU CB    HB3    sing N N 226 
GLU CG    CD     sing N N 227 
GLU CG    HG2    sing N N 228 
GLU CG    HG3    sing N N 229 
GLU CD    OE1    doub N N 230 
GLU CD    OE2    sing N N 231 
GLU OE2   HE2    sing N N 232 
GLU OXT   HXT    sing N N 233 
GLY N     CA     sing N N 234 
GLY N     H      sing N N 235 
GLY N     H2     sing N N 236 
GLY CA    C      sing N N 237 
GLY CA    HA2    sing N N 238 
GLY CA    HA3    sing N N 239 
GLY C     O      doub N N 240 
GLY C     OXT    sing N N 241 
GLY OXT   HXT    sing N N 242 
HIS N     CA     sing N N 243 
HIS N     H      sing N N 244 
HIS N     H2     sing N N 245 
HIS CA    C      sing N N 246 
HIS CA    CB     sing N N 247 
HIS CA    HA     sing N N 248 
HIS C     O      doub N N 249 
HIS C     OXT    sing N N 250 
HIS CB    CG     sing N N 251 
HIS CB    HB2    sing N N 252 
HIS CB    HB3    sing N N 253 
HIS CG    ND1    sing Y N 254 
HIS CG    CD2    doub Y N 255 
HIS ND1   CE1    doub Y N 256 
HIS ND1   HD1    sing N N 257 
HIS CD2   NE2    sing Y N 258 
HIS CD2   HD2    sing N N 259 
HIS CE1   NE2    sing Y N 260 
HIS CE1   HE1    sing N N 261 
HIS NE2   HE2    sing N N 262 
HIS OXT   HXT    sing N N 263 
HOH O     H1     sing N N 264 
HOH O     H2     sing N N 265 
ILE N     CA     sing N N 266 
ILE N     H      sing N N 267 
ILE N     H2     sing N N 268 
ILE CA    C      sing N N 269 
ILE CA    CB     sing N N 270 
ILE CA    HA     sing N N 271 
ILE C     O      doub N N 272 
ILE C     OXT    sing N N 273 
ILE CB    CG1    sing N N 274 
ILE CB    CG2    sing N N 275 
ILE CB    HB     sing N N 276 
ILE CG1   CD1    sing N N 277 
ILE CG1   HG12   sing N N 278 
ILE CG1   HG13   sing N N 279 
ILE CG2   HG21   sing N N 280 
ILE CG2   HG22   sing N N 281 
ILE CG2   HG23   sing N N 282 
ILE CD1   HD11   sing N N 283 
ILE CD1   HD12   sing N N 284 
ILE CD1   HD13   sing N N 285 
ILE OXT   HXT    sing N N 286 
LEU N     CA     sing N N 287 
LEU N     H      sing N N 288 
LEU N     H2     sing N N 289 
LEU CA    C      sing N N 290 
LEU CA    CB     sing N N 291 
LEU CA    HA     sing N N 292 
LEU C     O      doub N N 293 
LEU C     OXT    sing N N 294 
LEU CB    CG     sing N N 295 
LEU CB    HB2    sing N N 296 
LEU CB    HB3    sing N N 297 
LEU CG    CD1    sing N N 298 
LEU CG    CD2    sing N N 299 
LEU CG    HG     sing N N 300 
LEU CD1   HD11   sing N N 301 
LEU CD1   HD12   sing N N 302 
LEU CD1   HD13   sing N N 303 
LEU CD2   HD21   sing N N 304 
LEU CD2   HD22   sing N N 305 
LEU CD2   HD23   sing N N 306 
LEU OXT   HXT    sing N N 307 
LYS N     CA     sing N N 308 
LYS N     H      sing N N 309 
LYS N     H2     sing N N 310 
LYS CA    C      sing N N 311 
LYS CA    CB     sing N N 312 
LYS CA    HA     sing N N 313 
LYS C     O      doub N N 314 
LYS C     OXT    sing N N 315 
LYS CB    CG     sing N N 316 
LYS CB    HB2    sing N N 317 
LYS CB    HB3    sing N N 318 
LYS CG    CD     sing N N 319 
LYS CG    HG2    sing N N 320 
LYS CG    HG3    sing N N 321 
LYS CD    CE     sing N N 322 
LYS CD    HD2    sing N N 323 
LYS CD    HD3    sing N N 324 
LYS CE    NZ     sing N N 325 
LYS CE    HE2    sing N N 326 
LYS CE    HE3    sing N N 327 
LYS NZ    HZ1    sing N N 328 
LYS NZ    HZ2    sing N N 329 
LYS NZ    HZ3    sing N N 330 
LYS OXT   HXT    sing N N 331 
MET N     CA     sing N N 332 
MET N     H      sing N N 333 
MET N     H2     sing N N 334 
MET CA    C      sing N N 335 
MET CA    CB     sing N N 336 
MET CA    HA     sing N N 337 
MET C     O      doub N N 338 
MET C     OXT    sing N N 339 
MET CB    CG     sing N N 340 
MET CB    HB2    sing N N 341 
MET CB    HB3    sing N N 342 
MET CG    SD     sing N N 343 
MET CG    HG2    sing N N 344 
MET CG    HG3    sing N N 345 
MET SD    CE     sing N N 346 
MET CE    HE1    sing N N 347 
MET CE    HE2    sing N N 348 
MET CE    HE3    sing N N 349 
MET OXT   HXT    sing N N 350 
PHE N     CA     sing N N 351 
PHE N     H      sing N N 352 
PHE N     H2     sing N N 353 
PHE CA    C      sing N N 354 
PHE CA    CB     sing N N 355 
PHE CA    HA     sing N N 356 
PHE C     O      doub N N 357 
PHE C     OXT    sing N N 358 
PHE CB    CG     sing N N 359 
PHE CB    HB2    sing N N 360 
PHE CB    HB3    sing N N 361 
PHE CG    CD1    doub Y N 362 
PHE CG    CD2    sing Y N 363 
PHE CD1   CE1    sing Y N 364 
PHE CD1   HD1    sing N N 365 
PHE CD2   CE2    doub Y N 366 
PHE CD2   HD2    sing N N 367 
PHE CE1   CZ     doub Y N 368 
PHE CE1   HE1    sing N N 369 
PHE CE2   CZ     sing Y N 370 
PHE CE2   HE2    sing N N 371 
PHE CZ    HZ     sing N N 372 
PHE OXT   HXT    sing N N 373 
PRO N     CA     sing N N 374 
PRO N     CD     sing N N 375 
PRO N     H      sing N N 376 
PRO CA    C      sing N N 377 
PRO CA    CB     sing N N 378 
PRO CA    HA     sing N N 379 
PRO C     O      doub N N 380 
PRO C     OXT    sing N N 381 
PRO CB    CG     sing N N 382 
PRO CB    HB2    sing N N 383 
PRO CB    HB3    sing N N 384 
PRO CG    CD     sing N N 385 
PRO CG    HG2    sing N N 386 
PRO CG    HG3    sing N N 387 
PRO CD    HD2    sing N N 388 
PRO CD    HD3    sing N N 389 
PRO OXT   HXT    sing N N 390 
SER N     CA     sing N N 391 
SER N     H      sing N N 392 
SER N     H2     sing N N 393 
SER CA    C      sing N N 394 
SER CA    CB     sing N N 395 
SER CA    HA     sing N N 396 
SER C     O      doub N N 397 
SER C     OXT    sing N N 398 
SER CB    OG     sing N N 399 
SER CB    HB2    sing N N 400 
SER CB    HB3    sing N N 401 
SER OG    HG     sing N N 402 
SER OXT   HXT    sing N N 403 
THR N     CA     sing N N 404 
THR N     H      sing N N 405 
THR N     H2     sing N N 406 
THR CA    C      sing N N 407 
THR CA    CB     sing N N 408 
THR CA    HA     sing N N 409 
THR C     O      doub N N 410 
THR C     OXT    sing N N 411 
THR CB    OG1    sing N N 412 
THR CB    CG2    sing N N 413 
THR CB    HB     sing N N 414 
THR OG1   HG1    sing N N 415 
THR CG2   HG21   sing N N 416 
THR CG2   HG22   sing N N 417 
THR CG2   HG23   sing N N 418 
THR OXT   HXT    sing N N 419 
TRP N     CA     sing N N 420 
TRP N     H      sing N N 421 
TRP N     H2     sing N N 422 
TRP CA    C      sing N N 423 
TRP CA    CB     sing N N 424 
TRP CA    HA     sing N N 425 
TRP C     O      doub N N 426 
TRP C     OXT    sing N N 427 
TRP CB    CG     sing N N 428 
TRP CB    HB2    sing N N 429 
TRP CB    HB3    sing N N 430 
TRP CG    CD1    doub Y N 431 
TRP CG    CD2    sing Y N 432 
TRP CD1   NE1    sing Y N 433 
TRP CD1   HD1    sing N N 434 
TRP CD2   CE2    doub Y N 435 
TRP CD2   CE3    sing Y N 436 
TRP NE1   CE2    sing Y N 437 
TRP NE1   HE1    sing N N 438 
TRP CE2   CZ2    sing Y N 439 
TRP CE3   CZ3    doub Y N 440 
TRP CE3   HE3    sing N N 441 
TRP CZ2   CH2    doub Y N 442 
TRP CZ2   HZ2    sing N N 443 
TRP CZ3   CH2    sing Y N 444 
TRP CZ3   HZ3    sing N N 445 
TRP CH2   HH2    sing N N 446 
TRP OXT   HXT    sing N N 447 
TYR N     CA     sing N N 448 
TYR N     H      sing N N 449 
TYR N     H2     sing N N 450 
TYR CA    C      sing N N 451 
TYR CA    CB     sing N N 452 
TYR CA    HA     sing N N 453 
TYR C     O      doub N N 454 
TYR C     OXT    sing N N 455 
TYR CB    CG     sing N N 456 
TYR CB    HB2    sing N N 457 
TYR CB    HB3    sing N N 458 
TYR CG    CD1    doub Y N 459 
TYR CG    CD2    sing Y N 460 
TYR CD1   CE1    sing Y N 461 
TYR CD1   HD1    sing N N 462 
TYR CD2   CE2    doub Y N 463 
TYR CD2   HD2    sing N N 464 
TYR CE1   CZ     doub Y N 465 
TYR CE1   HE1    sing N N 466 
TYR CE2   CZ     sing Y N 467 
TYR CE2   HE2    sing N N 468 
TYR CZ    OH     sing N N 469 
TYR OH    HH     sing N N 470 
TYR OXT   HXT    sing N N 471 
VAL N     CA     sing N N 472 
VAL N     H      sing N N 473 
VAL N     H2     sing N N 474 
VAL CA    C      sing N N 475 
VAL CA    CB     sing N N 476 
VAL CA    HA     sing N N 477 
VAL C     O      doub N N 478 
VAL C     OXT    sing N N 479 
VAL CB    CG1    sing N N 480 
VAL CB    CG2    sing N N 481 
VAL CB    HB     sing N N 482 
VAL CG1   HG11   sing N N 483 
VAL CG1   HG12   sing N N 484 
VAL CG1   HG13   sing N N 485 
VAL CG2   HG21   sing N N 486 
VAL CG2   HG22   sing N N 487 
VAL CG2   HG23   sing N N 488 
VAL OXT   HXT    sing N N 489 
# 
_ndb_struct_conf_na.entry_id   4HJ7 
_ndb_struct_conf_na.feature    'double helix' 
# 
_ndb_struct_na_base_pair.model_number      1 
_ndb_struct_na_base_pair.i_label_asym_id   B 
_ndb_struct_na_base_pair.i_label_comp_id   DT 
_ndb_struct_na_base_pair.i_label_seq_id    4 
_ndb_struct_na_base_pair.i_symmetry        1_555 
_ndb_struct_na_base_pair.j_label_asym_id   B 
_ndb_struct_na_base_pair.j_label_comp_id   DA 
_ndb_struct_na_base_pair.j_label_seq_id    5 
_ndb_struct_na_base_pair.j_symmetry        1_555 
_ndb_struct_na_base_pair.shear             5.148 
_ndb_struct_na_base_pair.stretch           0.380 
_ndb_struct_na_base_pair.stagger           -0.811 
_ndb_struct_na_base_pair.buckle            -22.037 
_ndb_struct_na_base_pair.propeller         23.588 
_ndb_struct_na_base_pair.opening           -9.518 
_ndb_struct_na_base_pair.pair_number       1 
_ndb_struct_na_base_pair.pair_name         B_DT4:DA5_B 
_ndb_struct_na_base_pair.i_auth_asym_id    B 
_ndb_struct_na_base_pair.i_auth_seq_id     4 
_ndb_struct_na_base_pair.i_PDB_ins_code    ? 
_ndb_struct_na_base_pair.j_auth_asym_id    B 
_ndb_struct_na_base_pair.j_auth_seq_id     5 
_ndb_struct_na_base_pair.j_PDB_ins_code    ? 
_ndb_struct_na_base_pair.hbond_type_28     ? 
_ndb_struct_na_base_pair.hbond_type_12     ? 
# 
_pdbx_entity_nonpoly.entity_id   3 
_pdbx_entity_nonpoly.name        water 
_pdbx_entity_nonpoly.comp_id     HOH 
# 
_pdbx_initial_refinement_model.id               1 
_pdbx_initial_refinement_model.entity_id_list   ? 
_pdbx_initial_refinement_model.type             'experimental model' 
_pdbx_initial_refinement_model.source_name      PDB 
_pdbx_initial_refinement_model.accession_code   4HIK 
_pdbx_initial_refinement_model.details          'PDB entry 4HIK' 
# 
